data_8C9H
#
_entry.id   8C9H
#
_cell.length_a   1.00
_cell.length_b   1.00
_cell.length_c   1.00
_cell.angle_alpha   90.00
_cell.angle_beta   90.00
_cell.angle_gamma   90.00
#
_symmetry.space_group_name_H-M   'P 1'
#
loop_
_entity.id
_entity.type
_entity.pdbx_description
1 polymer Aquaporin-7
2 non-polymer 'ethyl 4-[(4-pyrazol-1-ylphenyl)methylcarbamoylamino]benzoate'
#
_entity_poly.entity_id   1
_entity_poly.type   'polypeptide(L)'
_entity_poly.pdbx_seq_one_letter_code
;MVQASGHRRSTRGSKMVSWSVIAKIQEILQRKMVREFLAEFMSTYVMMVFGLGSVAHMVLNKKYGSYLGVNLGFGFGVTM
GVHVAGRISGAHMNAAVTFANCALGRVPWRKFPVYVLGQFLGSFLAAATIYSLFYTAILHFSGGQLMVTGPVATAGIFAT
YLPDHMTLWRGFLNEAWLTGMLQLCLFAITDQENNPALPGTEALVIGILVVIIGVSLGMNTGYAINPSRDLPPRIFTFIA
GWGKQVFSNGENWWWVPVVAPLLGAYLGGIIYLVFIGSTIPREPLKLEDSVAYEDHGITVLPKMGSHEPTISPLTPVSVS
PANRSSVHPAPPLHESMALEHF
;
_entity_poly.pdbx_strand_id   A,B,C,D,E,F,G,H
#
loop_
_chem_comp.id
_chem_comp.type
_chem_comp.name
_chem_comp.formula
T60 non-polymer 'ethyl 4-[(4-pyrazol-1-ylphenyl)methylcarbamoylamino]benzoate' 'C20 H20 N4 O3'
#
# COMPACT_ATOMS: atom_id res chain seq x y z
N GLN A 26 33.70 -9.95 50.85
CA GLN A 26 33.02 -10.95 50.05
C GLN A 26 32.19 -11.88 50.94
N GLU A 27 32.24 -11.63 52.25
CA GLU A 27 31.49 -12.45 53.19
C GLU A 27 29.99 -12.28 53.01
N ILE A 28 29.55 -11.12 52.51
CA ILE A 28 28.13 -10.89 52.28
C ILE A 28 27.59 -11.84 51.22
N LEU A 29 28.36 -12.03 50.13
CA LEU A 29 27.91 -12.87 49.03
C LEU A 29 27.81 -14.34 49.41
N GLN A 30 28.37 -14.75 50.55
CA GLN A 30 28.27 -16.15 50.96
C GLN A 30 26.87 -16.52 51.39
N ARG A 31 26.13 -15.58 51.98
CA ARG A 31 24.79 -15.87 52.48
C ARG A 31 23.85 -16.23 51.33
N LYS A 32 22.94 -17.17 51.61
CA LYS A 32 22.00 -17.62 50.58
C LYS A 32 20.97 -16.55 50.24
N MET A 33 20.61 -15.69 51.19
CA MET A 33 19.66 -14.63 50.91
C MET A 33 20.18 -13.68 49.85
N VAL A 34 21.46 -13.31 49.95
CA VAL A 34 22.06 -12.43 48.96
C VAL A 34 22.09 -13.10 47.60
N ARG A 35 22.37 -14.41 47.57
CA ARG A 35 22.36 -15.14 46.30
C ARG A 35 20.98 -15.15 45.67
N GLU A 36 19.94 -15.41 46.47
CA GLU A 36 18.58 -15.42 45.95
C GLU A 36 18.10 -14.03 45.56
N PHE A 37 18.73 -12.98 46.10
CA PHE A 37 18.44 -11.63 45.65
C PHE A 37 19.12 -11.32 44.32
N LEU A 38 20.40 -11.64 44.22
CA LEU A 38 21.17 -11.32 43.02
C LEU A 38 20.68 -12.10 41.81
N ALA A 39 20.34 -13.38 41.99
CA ALA A 39 19.88 -14.19 40.87
C ALA A 39 18.58 -13.63 40.29
N GLU A 40 17.62 -13.30 41.17
CA GLU A 40 16.38 -12.70 40.73
C GLU A 40 16.63 -11.37 40.03
N PHE A 41 17.51 -10.54 40.61
CA PHE A 41 17.83 -9.26 40.00
C PHE A 41 18.34 -9.43 38.57
N MET A 42 19.34 -10.31 38.39
CA MET A 42 19.95 -10.49 37.08
C MET A 42 18.95 -11.07 36.07
N SER A 43 18.20 -12.10 36.48
CA SER A 43 17.27 -12.74 35.55
C SER A 43 16.17 -11.77 35.12
N THR A 44 15.58 -11.06 36.07
CA THR A 44 14.56 -10.08 35.73
C THR A 44 15.13 -8.98 34.85
N TYR A 45 16.36 -8.55 35.13
CA TYR A 45 16.99 -7.52 34.31
C TYR A 45 17.12 -7.98 32.86
N VAL A 46 17.62 -9.19 32.66
CA VAL A 46 17.83 -9.68 31.29
C VAL A 46 16.50 -9.81 30.56
N MET A 47 15.50 -10.42 31.23
CA MET A 47 14.22 -10.63 30.57
C MET A 47 13.55 -9.31 30.22
N MET A 48 13.58 -8.33 31.14
CA MET A 48 12.98 -7.04 30.86
C MET A 48 13.72 -6.31 29.76
N VAL A 49 15.05 -6.42 29.72
CA VAL A 49 15.82 -5.79 28.65
C VAL A 49 15.39 -6.32 27.30
N PHE A 50 15.30 -7.65 27.16
CA PHE A 50 14.90 -8.23 25.89
C PHE A 50 13.49 -7.81 25.51
N GLY A 51 12.55 -7.86 26.46
CA GLY A 51 11.17 -7.51 26.15
C GLY A 51 11.02 -6.05 25.72
N LEU A 52 11.64 -5.14 26.47
CA LEU A 52 11.53 -3.73 26.14
C LEU A 52 12.22 -3.41 24.83
N GLY A 53 13.33 -4.09 24.52
CA GLY A 53 13.95 -3.91 23.23
C GLY A 53 13.05 -4.32 22.08
N SER A 54 12.38 -5.47 22.23
CA SER A 54 11.45 -5.90 21.19
C SER A 54 10.29 -4.92 21.03
N VAL A 55 9.76 -4.43 22.15
CA VAL A 55 8.65 -3.47 22.09
C VAL A 55 9.09 -2.18 21.41
N ALA A 56 10.29 -1.70 21.74
CA ALA A 56 10.79 -0.48 21.11
C ALA A 56 10.98 -0.67 19.62
N HIS A 57 11.51 -1.83 19.22
CA HIS A 57 11.63 -2.13 17.79
C HIS A 57 10.27 -2.09 17.09
N MET A 58 9.25 -2.68 17.72
CA MET A 58 7.93 -2.67 17.10
C MET A 58 7.37 -1.25 17.00
N VAL A 59 7.57 -0.45 18.03
CA VAL A 59 6.91 0.86 18.09
C VAL A 59 7.60 1.86 17.17
N LEU A 60 8.93 1.97 17.25
CA LEU A 60 9.63 3.06 16.58
C LEU A 60 9.71 2.83 15.07
N ASN A 61 10.37 1.76 14.64
CA ASN A 61 10.61 1.50 13.23
C ASN A 61 9.67 0.41 12.74
N LYS A 62 8.88 0.71 11.72
CA LYS A 62 7.92 -0.25 11.20
C LYS A 62 8.59 -1.32 10.34
N LYS A 63 9.66 -0.97 9.63
CA LYS A 63 10.34 -1.96 8.78
C LYS A 63 10.98 -3.06 9.61
N TYR A 64 11.56 -2.71 10.77
CA TYR A 64 12.29 -3.65 11.60
C TYR A 64 11.47 -4.19 12.76
N GLY A 65 10.17 -3.90 12.80
CA GLY A 65 9.35 -4.29 13.93
C GLY A 65 8.07 -4.98 13.51
N SER A 66 7.62 -5.89 14.36
CA SER A 66 6.37 -6.60 14.15
C SER A 66 5.89 -7.15 15.48
N TYR A 67 4.60 -7.48 15.54
CA TYR A 67 4.02 -8.05 16.75
C TYR A 67 4.65 -9.41 17.07
N LEU A 68 4.87 -10.23 16.04
CA LEU A 68 5.51 -11.52 16.25
C LEU A 68 6.92 -11.36 16.82
N GLY A 69 7.62 -10.29 16.43
CA GLY A 69 8.91 -10.03 17.03
C GLY A 69 8.82 -9.77 18.51
N VAL A 70 7.83 -8.98 18.93
CA VAL A 70 7.61 -8.73 20.35
C VAL A 70 7.30 -10.03 21.08
N ASN A 71 6.44 -10.86 20.50
CA ASN A 71 6.09 -12.12 21.14
C ASN A 71 7.31 -13.01 21.30
N LEU A 72 8.10 -13.16 20.24
CA LEU A 72 9.29 -14.01 20.31
C LEU A 72 10.29 -13.49 21.32
N GLY A 73 10.56 -12.18 21.30
CA GLY A 73 11.52 -11.62 22.25
C GLY A 73 11.09 -11.78 23.69
N PHE A 74 9.84 -11.41 23.99
CA PHE A 74 9.35 -11.48 25.35
C PHE A 74 9.09 -12.91 25.81
N GLY A 75 9.01 -13.86 24.89
CA GLY A 75 8.84 -15.25 25.28
C GLY A 75 10.16 -15.95 25.52
N PHE A 76 11.14 -15.74 24.64
CA PHE A 76 12.42 -16.40 24.76
C PHE A 76 13.43 -15.59 25.59
N GLY A 77 13.03 -14.44 26.13
CA GLY A 77 13.83 -13.81 27.15
C GLY A 77 13.58 -14.47 28.49
N VAL A 78 12.33 -14.90 28.70
CA VAL A 78 11.99 -15.68 29.89
C VAL A 78 12.82 -16.96 29.95
N THR A 79 13.04 -17.58 28.79
CA THR A 79 13.88 -18.78 28.74
C THR A 79 15.29 -18.50 29.22
N MET A 80 15.88 -17.39 28.75
CA MET A 80 17.23 -17.04 29.18
C MET A 80 17.27 -16.72 30.66
N GLY A 81 16.24 -16.03 31.17
CA GLY A 81 16.19 -15.76 32.60
C GLY A 81 16.10 -17.03 33.44
N VAL A 82 15.29 -17.99 32.99
CA VAL A 82 15.18 -19.27 33.67
C VAL A 82 16.53 -19.99 33.66
N HIS A 83 17.23 -19.94 32.52
CA HIS A 83 18.55 -20.56 32.45
C HIS A 83 19.52 -19.90 33.42
N VAL A 84 19.46 -18.56 33.52
CA VAL A 84 20.41 -17.83 34.35
C VAL A 84 20.16 -18.12 35.83
N ALA A 85 18.89 -18.03 36.27
CA ALA A 85 18.57 -18.10 37.68
C ALA A 85 17.69 -19.30 38.01
N GLY A 86 18.02 -20.47 37.46
CA GLY A 86 17.21 -21.65 37.65
C GLY A 86 17.35 -22.30 39.01
N ARG A 87 18.56 -22.74 39.36
CA ARG A 87 18.75 -23.50 40.59
C ARG A 87 18.73 -22.62 41.83
N ILE A 88 19.24 -21.39 41.75
CA ILE A 88 19.44 -20.58 42.95
C ILE A 88 18.09 -20.24 43.61
N SER A 89 17.13 -19.78 42.81
CA SER A 89 15.86 -19.34 43.35
C SER A 89 14.64 -19.80 42.58
N GLY A 90 14.82 -20.54 41.49
CA GLY A 90 13.70 -20.98 40.66
C GLY A 90 13.30 -20.01 39.56
N ALA A 91 13.88 -18.81 39.54
CA ALA A 91 13.61 -17.81 38.51
C ALA A 91 12.12 -17.49 38.42
N HIS A 92 11.58 -16.97 39.53
CA HIS A 92 10.19 -16.53 39.52
C HIS A 92 9.99 -15.38 38.56
N MET A 93 10.80 -14.33 38.67
CA MET A 93 10.82 -13.19 37.77
C MET A 93 9.48 -12.48 37.66
N ASN A 94 8.52 -12.80 38.54
CA ASN A 94 7.19 -12.22 38.50
C ASN A 94 6.62 -12.28 39.90
N ALA A 95 6.05 -11.17 40.37
CA ALA A 95 5.55 -11.12 41.73
C ALA A 95 4.26 -11.91 41.91
N ALA A 96 3.48 -12.11 40.85
CA ALA A 96 2.28 -12.93 40.96
C ALA A 96 2.61 -14.39 41.16
N VAL A 97 3.63 -14.90 40.46
CA VAL A 97 4.05 -16.28 40.66
C VAL A 97 4.57 -16.48 42.07
N THR A 98 5.36 -15.53 42.57
CA THR A 98 5.87 -15.64 43.94
C THR A 98 4.73 -15.61 44.95
N PHE A 99 3.74 -14.73 44.75
CA PHE A 99 2.60 -14.69 45.66
C PHE A 99 1.82 -15.99 45.62
N ALA A 100 1.61 -16.55 44.43
CA ALA A 100 0.88 -17.81 44.32
C ALA A 100 1.63 -18.93 45.01
N ASN A 101 2.96 -18.99 44.84
CA ASN A 101 3.74 -20.04 45.48
C ASN A 101 3.73 -19.88 46.99
N CYS A 102 3.83 -18.65 47.50
CA CYS A 102 3.84 -18.43 48.94
C CYS A 102 2.50 -18.75 49.56
N ALA A 103 1.39 -18.42 48.86
CA ALA A 103 0.08 -18.68 49.40
C ALA A 103 -0.22 -20.18 49.51
N LEU A 104 0.35 -20.98 48.62
CA LEU A 104 0.15 -22.43 48.63
C LEU A 104 1.12 -23.15 49.55
N GLY A 105 2.02 -22.44 50.21
CA GLY A 105 2.96 -23.04 51.14
C GLY A 105 4.22 -23.58 50.52
N ARG A 106 4.38 -23.47 49.20
CA ARG A 106 5.59 -23.97 48.54
C ARG A 106 6.81 -23.15 48.93
N VAL A 107 6.65 -21.85 49.09
CA VAL A 107 7.73 -20.94 49.44
C VAL A 107 7.33 -20.20 50.71
N PRO A 108 8.20 -20.14 51.73
CA PRO A 108 7.84 -19.40 52.94
C PRO A 108 7.72 -17.92 52.69
N TRP A 109 6.93 -17.26 53.54
CA TRP A 109 6.69 -15.82 53.41
C TRP A 109 7.90 -14.97 53.71
N ARG A 110 8.97 -15.56 54.27
CA ARG A 110 10.16 -14.78 54.62
C ARG A 110 10.84 -14.25 53.36
N LYS A 111 10.85 -15.02 52.28
CA LYS A 111 11.60 -14.68 51.08
C LYS A 111 10.80 -13.82 50.09
N PHE A 112 9.54 -13.52 50.39
CA PHE A 112 8.73 -12.71 49.47
C PHE A 112 9.28 -11.29 49.30
N PRO A 113 9.56 -10.53 50.36
CA PRO A 113 10.07 -9.16 50.14
C PRO A 113 11.39 -9.12 49.39
N VAL A 114 12.28 -10.07 49.63
CA VAL A 114 13.56 -10.10 48.94
C VAL A 114 13.37 -10.28 47.44
N TYR A 115 12.52 -11.24 47.07
CA TYR A 115 12.24 -11.48 45.65
C TYR A 115 11.58 -10.25 45.02
N VAL A 116 10.63 -9.63 45.72
CA VAL A 116 9.94 -8.46 45.17
C VAL A 116 10.93 -7.33 44.94
N LEU A 117 11.80 -7.06 45.93
CA LEU A 117 12.77 -5.98 45.78
C LEU A 117 13.74 -6.26 44.64
N GLY A 118 14.22 -7.50 44.53
CA GLY A 118 15.12 -7.84 43.44
C GLY A 118 14.48 -7.64 42.08
N GLN A 119 13.24 -8.11 41.92
CA GLN A 119 12.54 -7.95 40.65
C GLN A 119 12.32 -6.49 40.32
N PHE A 120 11.91 -5.69 41.32
CA PHE A 120 11.66 -4.27 41.07
C PHE A 120 12.94 -3.55 40.65
N LEU A 121 14.04 -3.79 41.35
CA LEU A 121 15.30 -3.14 40.99
C LEU A 121 15.77 -3.57 39.61
N GLY A 122 15.67 -4.87 39.30
CA GLY A 122 16.07 -5.33 37.98
C GLY A 122 15.27 -4.71 36.87
N SER A 123 13.94 -4.64 37.05
CA SER A 123 13.09 -4.04 36.03
C SER A 123 13.38 -2.55 35.86
N PHE A 124 13.59 -1.83 36.97
CA PHE A 124 13.89 -0.41 36.87
C PHE A 124 15.19 -0.17 36.11
N LEU A 125 16.23 -0.95 36.44
CA LEU A 125 17.50 -0.77 35.74
C LEU A 125 17.39 -1.18 34.28
N ALA A 126 16.60 -2.21 33.97
CA ALA A 126 16.39 -2.60 32.58
C ALA A 126 15.70 -1.49 31.78
N ALA A 127 14.69 -0.87 32.38
CA ALA A 127 14.03 0.26 31.73
C ALA A 127 15.00 1.40 31.50
N ALA A 128 15.85 1.69 32.49
CA ALA A 128 16.85 2.74 32.32
C ALA A 128 17.82 2.41 31.19
N THR A 129 18.27 1.16 31.11
CA THR A 129 19.17 0.76 30.03
C THR A 129 18.52 0.89 28.66
N ILE A 130 17.26 0.46 28.55
CA ILE A 130 16.56 0.55 27.26
C ILE A 130 16.37 2.01 26.87
N TYR A 131 16.07 2.88 27.85
CA TYR A 131 15.97 4.30 27.55
C TYR A 131 17.31 4.86 27.08
N SER A 132 18.41 4.41 27.71
CA SER A 132 19.73 4.91 27.33
C SER A 132 20.12 4.48 25.93
N LEU A 133 19.78 3.25 25.53
CA LEU A 133 20.24 2.75 24.24
C LEU A 133 19.49 3.41 23.08
N PHE A 134 18.17 3.57 23.19
CA PHE A 134 17.33 4.06 22.10
C PHE A 134 17.01 5.54 22.23
N TYR A 135 17.92 6.33 22.81
CA TYR A 135 17.62 7.74 23.07
C TYR A 135 17.46 8.54 21.78
N THR A 136 18.43 8.42 20.86
CA THR A 136 18.38 9.20 19.63
C THR A 136 17.20 8.81 18.77
N ALA A 137 16.90 7.51 18.69
CA ALA A 137 15.76 7.06 17.90
C ALA A 137 14.45 7.59 18.48
N ILE A 138 14.33 7.58 19.80
CA ILE A 138 13.12 8.12 20.45
C ILE A 138 12.97 9.60 20.15
N LEU A 139 14.06 10.36 20.28
CA LEU A 139 13.99 11.78 19.99
C LEU A 139 13.62 12.05 18.53
N HIS A 140 14.19 11.27 17.61
CA HIS A 140 13.89 11.47 16.19
C HIS A 140 12.44 11.12 15.88
N PHE A 141 11.93 10.03 16.46
CA PHE A 141 10.56 9.62 16.18
C PHE A 141 9.56 10.61 16.78
N SER A 142 9.78 11.02 18.03
CA SER A 142 8.84 11.92 18.70
C SER A 142 9.00 13.37 18.26
N GLY A 143 10.07 13.71 17.56
CA GLY A 143 10.32 15.09 17.19
C GLY A 143 10.87 15.95 18.31
N GLY A 144 11.25 15.35 19.44
CA GLY A 144 11.77 16.08 20.57
C GLY A 144 10.80 16.28 21.71
N GLN A 145 9.53 15.97 21.51
CA GLN A 145 8.51 16.15 22.54
C GLN A 145 7.99 14.77 22.97
N LEU A 146 8.01 14.52 24.28
CA LEU A 146 7.59 13.24 24.83
C LEU A 146 6.12 13.31 25.21
N MET A 147 5.29 12.50 24.56
CA MET A 147 3.85 12.49 24.77
C MET A 147 3.41 11.11 25.22
N VAL A 148 2.58 11.06 26.25
CA VAL A 148 2.05 9.78 26.73
C VAL A 148 1.05 9.21 25.73
N THR A 149 0.15 10.05 25.22
CA THR A 149 -0.87 9.63 24.27
C THR A 149 -0.83 10.55 23.05
N GLY A 150 -0.94 9.95 21.87
CA GLY A 150 -0.95 10.70 20.64
C GLY A 150 -0.46 9.89 19.45
N PRO A 151 -0.43 10.51 18.28
CA PRO A 151 0.07 9.80 17.10
C PRO A 151 1.54 9.40 17.19
N VAL A 152 2.34 10.15 17.96
CA VAL A 152 3.76 9.87 18.09
C VAL A 152 4.09 9.57 19.54
N ALA A 153 3.13 8.98 20.26
CA ALA A 153 3.34 8.66 21.67
C ALA A 153 4.40 7.58 21.83
N THR A 154 5.27 7.76 22.83
CA THR A 154 6.34 6.81 23.10
C THR A 154 6.32 6.29 24.53
N ALA A 155 5.33 6.65 25.34
CA ALA A 155 5.26 6.15 26.71
C ALA A 155 4.79 4.70 26.77
N GLY A 156 4.21 4.19 25.69
CA GLY A 156 3.76 2.81 25.66
C GLY A 156 4.84 1.78 25.51
N ILE A 157 6.08 2.21 25.24
CA ILE A 157 7.20 1.27 25.13
C ILE A 157 7.46 0.61 26.49
N PHE A 158 7.44 1.40 27.56
CA PHE A 158 7.83 0.92 28.87
C PHE A 158 6.69 0.25 29.62
N ALA A 159 5.50 0.84 29.61
CA ALA A 159 4.35 0.29 30.33
C ALA A 159 3.17 0.19 29.39
N THR A 160 2.24 -0.72 29.72
CA THR A 160 1.05 -0.92 28.91
C THR A 160 -0.02 0.10 29.26
N TYR A 161 -0.81 0.47 28.26
CA TYR A 161 -1.88 1.45 28.42
C TYR A 161 -3.17 0.90 27.83
N LEU A 162 -4.28 1.29 28.42
CA LEU A 162 -5.57 0.74 28.04
C LEU A 162 -5.98 1.27 26.67
N PRO A 163 -6.41 0.41 25.74
CA PRO A 163 -6.89 0.88 24.44
C PRO A 163 -8.17 1.67 24.58
N ASP A 164 -8.60 2.26 23.45
CA ASP A 164 -9.76 3.14 23.47
C ASP A 164 -11.06 2.36 23.67
N HIS A 165 -11.22 1.24 22.96
CA HIS A 165 -12.47 0.49 23.04
C HIS A 165 -12.61 -0.30 24.34
N MET A 166 -11.48 -0.68 24.94
CA MET A 166 -11.52 -1.54 26.12
C MET A 166 -11.72 -0.71 27.38
N THR A 167 -12.46 -1.25 28.34
CA THR A 167 -12.79 -0.54 29.57
C THR A 167 -11.95 -1.08 30.73
N LEU A 168 -12.18 -0.50 31.92
CA LEU A 168 -11.33 -0.79 33.07
C LEU A 168 -11.59 -2.19 33.63
N TRP A 169 -12.86 -2.49 33.93
CA TRP A 169 -13.17 -3.76 34.58
C TRP A 169 -12.97 -4.94 33.63
N ARG A 170 -13.24 -4.75 32.34
CA ARG A 170 -12.90 -5.80 31.39
C ARG A 170 -11.40 -6.00 31.30
N GLY A 171 -10.62 -4.93 31.45
CA GLY A 171 -9.18 -5.10 31.54
C GLY A 171 -8.76 -5.88 32.76
N PHE A 172 -9.42 -5.61 33.90
CA PHE A 172 -9.15 -6.39 35.11
C PHE A 172 -9.43 -7.87 34.88
N LEU A 173 -10.56 -8.16 34.25
CA LEU A 173 -10.91 -9.54 33.94
C LEU A 173 -9.88 -10.18 33.03
N ASN A 174 -9.44 -9.47 31.99
CA ASN A 174 -8.46 -10.01 31.07
C ASN A 174 -7.14 -10.31 31.78
N GLU A 175 -6.67 -9.38 32.61
CA GLU A 175 -5.42 -9.59 33.32
C GLU A 175 -5.51 -10.79 34.25
N ALA A 176 -6.58 -10.87 35.05
CA ALA A 176 -6.72 -11.98 35.97
C ALA A 176 -6.79 -13.31 35.22
N TRP A 177 -7.55 -13.35 34.12
CA TRP A 177 -7.71 -14.60 33.38
C TRP A 177 -6.40 -15.05 32.76
N LEU A 178 -5.66 -14.11 32.15
CA LEU A 178 -4.38 -14.47 31.54
C LEU A 178 -3.39 -14.97 32.58
N THR A 179 -3.33 -14.31 33.73
CA THR A 179 -2.42 -14.77 34.77
C THR A 179 -2.83 -16.15 35.28
N GLY A 180 -4.14 -16.41 35.38
CA GLY A 180 -4.59 -17.72 35.79
C GLY A 180 -4.16 -18.81 34.83
N MET A 181 -4.34 -18.57 33.52
CA MET A 181 -3.90 -19.55 32.53
C MET A 181 -2.39 -19.75 32.59
N LEU A 182 -1.64 -18.66 32.76
CA LEU A 182 -0.18 -18.79 32.86
C LEU A 182 0.21 -19.65 34.06
N GLN A 183 -0.40 -19.42 35.22
CA GLN A 183 -0.06 -20.20 36.41
C GLN A 183 -0.44 -21.66 36.23
N LEU A 184 -1.61 -21.94 35.64
CA LEU A 184 -2.01 -23.33 35.43
C LEU A 184 -1.03 -24.04 34.49
N CYS A 185 -0.63 -23.38 33.40
CA CYS A 185 0.30 -24.01 32.48
C CYS A 185 1.67 -24.21 33.12
N LEU A 186 2.12 -23.25 33.94
CA LEU A 186 3.40 -23.41 34.61
C LEU A 186 3.36 -24.57 35.60
N PHE A 187 2.25 -24.72 36.31
CA PHE A 187 2.10 -25.90 37.19
C PHE A 187 2.14 -27.18 36.38
N ALA A 188 1.45 -27.22 35.24
CA ALA A 188 1.39 -28.44 34.44
C ALA A 188 2.77 -28.81 33.90
N ILE A 189 3.53 -27.84 33.41
CA ILE A 189 4.80 -28.13 32.75
C ILE A 189 5.83 -28.68 33.74
N THR A 190 5.90 -28.09 34.93
CA THR A 190 6.99 -28.38 35.86
C THR A 190 6.67 -29.57 36.77
N ASP A 191 5.40 -29.91 36.96
CA ASP A 191 5.02 -30.94 37.91
C ASP A 191 5.67 -32.27 37.56
N GLN A 192 6.40 -32.84 38.52
CA GLN A 192 7.14 -34.08 38.28
C GLN A 192 6.23 -35.31 38.30
N GLU A 193 5.13 -35.26 39.05
CA GLU A 193 4.30 -36.45 39.21
C GLU A 193 3.49 -36.74 37.94
N ASN A 194 2.92 -35.70 37.32
CA ASN A 194 1.97 -35.94 36.23
C ASN A 194 2.66 -36.21 34.90
N ASN A 195 3.35 -35.20 34.36
CA ASN A 195 3.99 -35.34 33.07
C ASN A 195 5.02 -34.22 32.89
N PRO A 196 6.12 -34.24 33.64
CA PRO A 196 7.11 -33.16 33.51
C PRO A 196 7.80 -33.19 32.16
N ALA A 197 8.22 -32.02 31.71
CA ALA A 197 9.08 -31.95 30.54
C ALA A 197 10.45 -32.52 30.87
N LEU A 198 11.16 -32.96 29.83
CA LEU A 198 12.47 -33.54 30.03
C LEU A 198 13.40 -32.51 30.67
N PRO A 199 14.08 -32.84 31.77
CA PRO A 199 14.93 -31.85 32.44
C PRO A 199 16.00 -31.31 31.51
N GLY A 200 16.25 -30.01 31.63
CA GLY A 200 17.14 -29.31 30.72
C GLY A 200 16.46 -28.72 29.50
N THR A 201 15.18 -29.03 29.27
CA THR A 201 14.43 -28.48 28.17
C THR A 201 13.18 -27.72 28.63
N GLU A 202 13.04 -27.51 29.94
CA GLU A 202 11.87 -26.80 30.45
C GLU A 202 11.85 -25.35 30.02
N ALA A 203 13.02 -24.74 29.86
CA ALA A 203 13.10 -23.33 29.49
C ALA A 203 12.49 -23.08 28.12
N LEU A 204 12.75 -23.97 27.16
CA LEU A 204 12.17 -23.81 25.83
C LEU A 204 10.65 -23.91 25.87
N VAL A 205 10.13 -24.85 26.66
CA VAL A 205 8.68 -25.02 26.75
C VAL A 205 8.04 -23.79 27.41
N ILE A 206 8.67 -23.25 28.45
CA ILE A 206 8.14 -22.05 29.10
C ILE A 206 8.18 -20.86 28.14
N GLY A 207 9.27 -20.73 27.38
CA GLY A 207 9.34 -19.67 26.40
C GLY A 207 8.27 -19.78 25.34
N ILE A 208 8.02 -21.00 24.85
CA ILE A 208 6.97 -21.20 23.85
C ILE A 208 5.60 -20.88 24.45
N LEU A 209 5.40 -21.22 25.73
CA LEU A 209 4.15 -20.89 26.40
C LEU A 209 3.94 -19.37 26.44
N VAL A 210 4.98 -18.63 26.81
CA VAL A 210 4.86 -17.18 26.85
C VAL A 210 4.62 -16.62 25.45
N VAL A 211 5.28 -17.19 24.44
CA VAL A 211 5.11 -16.73 23.07
C VAL A 211 3.67 -16.91 22.62
N ILE A 212 3.10 -18.09 22.87
CA ILE A 212 1.74 -18.34 22.42
C ILE A 212 0.73 -17.54 23.23
N ILE A 213 1.03 -17.28 24.51
CA ILE A 213 0.16 -16.39 25.30
C ILE A 213 0.13 -15.01 24.66
N GLY A 214 1.30 -14.49 24.29
CA GLY A 214 1.34 -13.19 23.64
C GLY A 214 0.63 -13.18 22.31
N VAL A 215 0.79 -14.26 21.54
CA VAL A 215 0.17 -14.34 20.22
C VAL A 215 -1.35 -14.40 20.33
N SER A 216 -1.86 -15.18 21.27
CA SER A 216 -3.29 -15.49 21.31
C SER A 216 -4.11 -14.51 22.14
N LEU A 217 -3.56 -13.96 23.22
CA LEU A 217 -4.34 -13.16 24.16
C LEU A 217 -3.61 -11.87 24.50
N GLY A 218 -3.16 -11.15 23.48
CA GLY A 218 -2.29 -10.02 23.73
C GLY A 218 -2.81 -8.63 23.39
N MET A 219 -3.67 -8.52 22.40
CA MET A 219 -4.05 -7.21 21.90
C MET A 219 -5.02 -6.46 22.81
N ASN A 220 -5.66 -7.15 23.76
CA ASN A 220 -6.66 -6.50 24.60
C ASN A 220 -6.01 -5.50 25.57
N THR A 221 -4.96 -5.92 26.27
CA THR A 221 -4.36 -5.06 27.29
C THR A 221 -2.83 -5.08 27.28
N GLY A 222 -2.21 -5.70 26.28
CA GLY A 222 -0.76 -5.81 26.27
C GLY A 222 -0.21 -6.95 27.09
N TYR A 223 -1.06 -7.82 27.61
CA TYR A 223 -0.70 -8.98 28.42
C TYR A 223 0.42 -8.66 29.42
N ALA A 224 0.11 -7.70 30.30
CA ALA A 224 1.06 -7.34 31.35
C ALA A 224 1.35 -8.52 32.27
N ILE A 225 0.31 -9.01 32.95
CA ILE A 225 0.33 -10.16 33.86
C ILE A 225 1.61 -10.23 34.70
N ASN A 226 2.19 -9.07 35.00
CA ASN A 226 3.38 -9.02 35.84
C ASN A 226 3.50 -7.63 36.47
N PRO A 227 3.33 -7.51 37.79
CA PRO A 227 3.55 -6.20 38.42
C PRO A 227 4.97 -5.67 38.23
N SER A 228 5.96 -6.57 38.25
CA SER A 228 7.35 -6.15 38.07
C SER A 228 7.61 -5.63 36.67
N ARG A 229 6.94 -6.21 35.67
CA ARG A 229 7.09 -5.74 34.30
C ARG A 229 6.40 -4.40 34.07
N ASP A 230 5.41 -4.06 34.89
CA ASP A 230 4.55 -2.90 34.64
C ASP A 230 4.94 -1.69 35.46
N LEU A 231 4.93 -1.82 36.80
CA LEU A 231 5.02 -0.62 37.64
C LEU A 231 6.38 0.08 37.56
N PRO A 232 7.52 -0.60 37.72
CA PRO A 232 8.81 0.12 37.74
C PRO A 232 9.10 0.88 36.45
N PRO A 233 8.78 0.34 35.26
CA PRO A 233 8.94 1.18 34.06
C PRO A 233 8.07 2.42 34.07
N ARG A 234 6.84 2.32 34.59
CA ARG A 234 5.98 3.49 34.68
C ARG A 234 6.58 4.54 35.60
N ILE A 235 7.12 4.11 36.75
CA ILE A 235 7.77 5.04 37.66
C ILE A 235 8.98 5.67 37.00
N PHE A 236 9.75 4.88 36.25
CA PHE A 236 10.92 5.42 35.57
C PHE A 236 10.52 6.48 34.56
N THR A 237 9.46 6.24 33.79
CA THR A 237 9.00 7.25 32.83
C THR A 237 8.54 8.50 33.56
N PHE A 238 7.82 8.33 34.68
CA PHE A 238 7.33 9.48 35.42
C PHE A 238 8.48 10.35 35.91
N ILE A 239 9.54 9.75 36.43
CA ILE A 239 10.68 10.54 36.90
C ILE A 239 11.59 10.98 35.75
N ALA A 240 11.53 10.31 34.60
CA ALA A 240 12.35 10.71 33.46
C ALA A 240 11.79 11.93 32.75
N GLY A 241 10.46 12.10 32.75
CA GLY A 241 9.92 13.31 32.18
C GLY A 241 8.65 13.21 31.37
N TRP A 242 8.09 12.00 31.28
CA TRP A 242 6.81 11.86 30.58
C TRP A 242 5.66 12.52 31.33
N GLY A 243 5.87 12.94 32.57
CA GLY A 243 4.86 13.66 33.32
C GLY A 243 4.02 12.75 34.20
N LYS A 244 3.07 13.38 34.89
CA LYS A 244 2.16 12.65 35.77
C LYS A 244 0.97 12.05 35.01
N GLN A 245 0.88 12.27 33.71
CA GLN A 245 -0.20 11.69 32.91
C GLN A 245 -0.09 10.17 32.80
N VAL A 246 1.06 9.58 33.15
CA VAL A 246 1.22 8.14 33.05
C VAL A 246 0.31 7.42 34.05
N PHE A 247 0.10 8.01 35.23
CA PHE A 247 -0.74 7.35 36.23
C PHE A 247 -2.23 7.63 36.01
N SER A 248 -2.58 8.89 35.72
CA SER A 248 -3.97 9.28 35.61
C SER A 248 -4.63 8.87 34.30
N ASN A 249 -3.85 8.40 33.32
CA ASN A 249 -4.42 8.02 32.04
C ASN A 249 -5.28 6.76 32.17
N GLY A 250 -6.36 6.70 31.40
CA GLY A 250 -7.22 5.52 31.40
C GLY A 250 -7.92 5.25 32.71
N GLU A 251 -8.41 6.29 33.37
CA GLU A 251 -9.17 6.16 34.61
C GLU A 251 -8.36 5.44 35.68
N ASN A 252 -7.10 5.86 35.84
CA ASN A 252 -6.18 5.27 36.82
C ASN A 252 -6.02 3.76 36.58
N TRP A 253 -5.46 3.44 35.42
CA TRP A 253 -5.28 2.05 35.00
C TRP A 253 -4.11 1.36 35.71
N TRP A 254 -3.23 2.13 36.35
CA TRP A 254 -1.95 1.57 36.81
C TRP A 254 -2.12 0.50 37.88
N TRP A 255 -3.19 0.58 38.67
CA TRP A 255 -3.32 -0.36 39.78
C TRP A 255 -3.89 -1.71 39.37
N VAL A 256 -4.49 -1.81 38.18
CA VAL A 256 -5.06 -3.09 37.74
C VAL A 256 -3.98 -4.17 37.54
N PRO A 257 -2.87 -3.91 36.84
CA PRO A 257 -1.84 -4.95 36.71
C PRO A 257 -1.17 -5.31 38.02
N VAL A 258 -1.35 -4.52 39.08
CA VAL A 258 -0.78 -4.87 40.38
C VAL A 258 -1.71 -5.74 41.20
N VAL A 259 -3.01 -5.70 40.96
CA VAL A 259 -3.99 -6.42 41.76
C VAL A 259 -4.50 -7.69 41.06
N ALA A 260 -4.87 -7.57 39.78
CA ALA A 260 -5.50 -8.71 39.11
C ALA A 260 -4.60 -9.95 39.02
N PRO A 261 -3.33 -9.86 38.64
CA PRO A 261 -2.53 -11.10 38.48
C PRO A 261 -2.43 -11.93 39.74
N LEU A 262 -2.41 -11.32 40.92
CA LEU A 262 -2.31 -12.12 42.15
C LEU A 262 -3.50 -13.06 42.28
N LEU A 263 -4.71 -12.52 42.17
CA LEU A 263 -5.91 -13.35 42.25
C LEU A 263 -5.96 -14.35 41.11
N GLY A 264 -5.57 -13.94 39.91
CA GLY A 264 -5.59 -14.87 38.78
C GLY A 264 -4.68 -16.06 39.01
N ALA A 265 -3.45 -15.81 39.45
CA ALA A 265 -2.50 -16.88 39.68
C ALA A 265 -2.96 -17.79 40.82
N TYR A 266 -3.49 -17.21 41.90
CA TYR A 266 -3.98 -18.02 43.01
C TYR A 266 -5.09 -18.95 42.55
N LEU A 267 -6.06 -18.41 41.79
CA LEU A 267 -7.17 -19.23 41.32
C LEU A 267 -6.69 -20.32 40.37
N GLY A 268 -5.76 -19.99 39.47
CA GLY A 268 -5.25 -21.00 38.55
C GLY A 268 -4.54 -22.13 39.27
N GLY A 269 -3.68 -21.79 40.23
CA GLY A 269 -3.01 -22.82 41.00
C GLY A 269 -3.99 -23.69 41.78
N ILE A 270 -4.99 -23.06 42.40
CA ILE A 270 -5.99 -23.82 43.15
C ILE A 270 -6.73 -24.78 42.22
N ILE A 271 -7.14 -24.31 41.04
CA ILE A 271 -7.87 -25.15 40.10
C ILE A 271 -7.02 -26.34 39.67
N TYR A 272 -5.76 -26.08 39.30
CA TYR A 272 -4.90 -27.17 38.86
C TYR A 272 -4.71 -28.20 39.97
N LEU A 273 -4.39 -27.73 41.18
CA LEU A 273 -4.11 -28.65 42.28
C LEU A 273 -5.35 -29.46 42.63
N VAL A 274 -6.53 -28.84 42.62
CA VAL A 274 -7.74 -29.55 43.01
C VAL A 274 -8.11 -30.58 41.95
N PHE A 275 -8.07 -30.19 40.68
CA PHE A 275 -8.60 -31.05 39.62
C PHE A 275 -7.57 -32.06 39.10
N ILE A 276 -6.44 -31.56 38.56
CA ILE A 276 -5.53 -32.43 37.83
C ILE A 276 -4.40 -32.92 38.74
N GLY A 277 -4.06 -32.13 39.74
CA GLY A 277 -2.96 -32.47 40.62
C GLY A 277 -3.37 -33.34 41.79
N SER A 278 -3.97 -34.49 41.49
CA SER A 278 -4.41 -35.44 42.52
C SER A 278 -5.32 -34.78 43.55
N GLN B 26 0.88 -61.78 1.99
CA GLN B 26 1.62 -60.87 2.87
C GLN B 26 3.09 -61.28 2.96
N GLU B 27 3.44 -62.35 2.26
CA GLU B 27 4.82 -62.82 2.26
C GLU B 27 5.76 -61.83 1.59
N ILE B 28 5.25 -61.04 0.65
CA ILE B 28 6.09 -60.05 -0.03
C ILE B 28 6.56 -59.00 0.96
N LEU B 29 5.68 -58.54 1.84
CA LEU B 29 6.02 -57.50 2.80
C LEU B 29 7.05 -57.95 3.84
N GLN B 30 7.30 -59.25 3.95
CA GLN B 30 8.29 -59.73 4.92
C GLN B 30 9.71 -59.38 4.50
N ARG B 31 9.98 -59.35 3.20
CA ARG B 31 11.33 -59.07 2.71
C ARG B 31 11.76 -57.66 3.09
N LYS B 32 13.05 -57.52 3.40
CA LYS B 32 13.59 -56.23 3.82
C LYS B 32 13.61 -55.22 2.66
N MET B 33 13.81 -55.71 1.43
CA MET B 33 13.84 -54.80 0.29
C MET B 33 12.50 -54.08 0.11
N VAL B 34 11.40 -54.83 0.22
CA VAL B 34 10.08 -54.21 0.09
C VAL B 34 9.83 -53.21 1.20
N ARG B 35 10.26 -53.53 2.42
CA ARG B 35 10.09 -52.60 3.54
C ARG B 35 10.89 -51.32 3.32
N GLU B 36 12.14 -51.45 2.87
CA GLU B 36 12.99 -50.29 2.60
C GLU B 36 12.53 -49.51 1.37
N PHE B 37 11.70 -50.11 0.53
CA PHE B 37 11.08 -49.39 -0.58
C PHE B 37 9.84 -48.62 -0.10
N LEU B 38 8.98 -49.29 0.68
CA LEU B 38 7.76 -48.66 1.16
C LEU B 38 8.06 -47.49 2.09
N ALA B 39 9.07 -47.63 2.96
CA ALA B 39 9.40 -46.56 3.88
C ALA B 39 9.83 -45.30 3.13
N GLU B 40 10.70 -45.47 2.13
CA GLU B 40 11.12 -44.34 1.31
C GLU B 40 9.94 -43.73 0.57
N PHE B 41 9.08 -44.57 0.01
CA PHE B 41 7.91 -44.08 -0.70
C PHE B 41 7.05 -43.20 0.21
N MET B 42 6.71 -43.69 1.40
CA MET B 42 5.83 -42.95 2.29
C MET B 42 6.48 -41.65 2.78
N SER B 43 7.76 -41.71 3.17
CA SER B 43 8.41 -40.52 3.69
C SER B 43 8.53 -39.43 2.62
N THR B 44 8.96 -39.83 1.41
CA THR B 44 9.04 -38.86 0.32
C THR B 44 7.68 -38.30 -0.01
N TYR B 45 6.64 -39.14 0.01
CA TYR B 45 5.29 -38.68 -0.27
C TYR B 45 4.86 -37.60 0.71
N VAL B 46 5.06 -37.85 2.01
CA VAL B 46 4.64 -36.89 3.03
C VAL B 46 5.40 -35.59 2.89
N MET B 47 6.73 -35.68 2.74
CA MET B 47 7.54 -34.46 2.65
C MET B 47 7.17 -33.64 1.42
N MET B 48 6.97 -34.29 0.27
CA MET B 48 6.61 -33.57 -0.93
C MET B 48 5.22 -32.96 -0.82
N VAL B 49 4.29 -33.67 -0.17
CA VAL B 49 2.95 -33.11 0.01
C VAL B 49 3.01 -31.83 0.81
N PHE B 50 3.75 -31.84 1.93
CA PHE B 50 3.85 -30.63 2.75
C PHE B 50 4.51 -29.49 1.98
N GLY B 51 5.61 -29.79 1.28
CA GLY B 51 6.31 -28.74 0.55
C GLY B 51 5.48 -28.11 -0.54
N LEU B 52 4.82 -28.95 -1.34
CA LEU B 52 3.99 -28.43 -2.42
C LEU B 52 2.78 -27.69 -1.90
N GLY B 53 2.20 -28.12 -0.78
CA GLY B 53 1.12 -27.36 -0.18
C GLY B 53 1.55 -25.98 0.24
N SER B 54 2.72 -25.88 0.88
CA SER B 54 3.24 -24.56 1.28
C SER B 54 3.50 -23.69 0.05
N VAL B 55 4.08 -24.26 -1.01
CA VAL B 55 4.35 -23.48 -2.21
C VAL B 55 3.05 -22.99 -2.85
N ALA B 56 2.04 -23.85 -2.91
CA ALA B 56 0.75 -23.45 -3.47
C ALA B 56 0.11 -22.34 -2.65
N HIS B 57 0.21 -22.43 -1.32
CA HIS B 57 -0.29 -21.36 -0.47
C HIS B 57 0.41 -20.04 -0.77
N MET B 58 1.73 -20.09 -0.95
CA MET B 58 2.47 -18.86 -1.24
C MET B 58 2.06 -18.29 -2.60
N VAL B 59 1.88 -19.14 -3.59
CA VAL B 59 1.68 -18.67 -4.96
C VAL B 59 0.25 -18.15 -5.16
N LEU B 60 -0.75 -18.92 -4.74
CA LEU B 60 -2.13 -18.60 -5.10
C LEU B 60 -2.66 -17.42 -4.31
N ASN B 61 -2.74 -17.57 -2.98
CA ASN B 61 -3.35 -16.56 -2.12
C ASN B 61 -2.25 -15.78 -1.40
N LYS B 62 -2.24 -14.46 -1.57
CA LYS B 62 -1.22 -13.62 -0.94
C LYS B 62 -1.48 -13.41 0.54
N LYS B 63 -2.74 -13.35 0.96
CA LYS B 63 -3.05 -13.16 2.37
C LYS B 63 -2.58 -14.33 3.22
N TYR B 64 -2.74 -15.56 2.71
CA TYR B 64 -2.44 -16.76 3.46
C TYR B 64 -1.07 -17.35 3.12
N GLY B 65 -0.26 -16.64 2.34
CA GLY B 65 1.01 -17.18 1.88
C GLY B 65 2.16 -16.22 2.11
N SER B 66 3.33 -16.80 2.37
CA SER B 66 4.55 -16.03 2.55
C SER B 66 5.74 -16.95 2.30
N TYR B 67 6.89 -16.34 2.03
CA TYR B 67 8.11 -17.11 1.80
C TYR B 67 8.52 -17.88 3.05
N LEU B 68 8.38 -17.26 4.22
CA LEU B 68 8.70 -17.95 5.46
C LEU B 68 7.80 -19.15 5.66
N GLY B 69 6.54 -19.08 5.23
CA GLY B 69 5.68 -20.24 5.30
C GLY B 69 6.21 -21.40 4.47
N VAL B 70 6.68 -21.10 3.25
CA VAL B 70 7.28 -22.14 2.41
C VAL B 70 8.50 -22.74 3.09
N ASN B 71 9.35 -21.88 3.66
CA ASN B 71 10.55 -22.38 4.31
C ASN B 71 10.20 -23.30 5.48
N LEU B 72 9.28 -22.88 6.35
CA LEU B 72 8.93 -23.69 7.50
C LEU B 72 8.28 -25.00 7.07
N GLY B 73 7.36 -24.96 6.10
CA GLY B 73 6.70 -26.19 5.68
C GLY B 73 7.66 -27.17 5.06
N PHE B 74 8.50 -26.70 4.14
CA PHE B 74 9.43 -27.58 3.44
C PHE B 74 10.61 -27.99 4.31
N GLY B 75 10.82 -27.32 5.43
CA GLY B 75 11.86 -27.72 6.35
C GLY B 75 11.38 -28.73 7.38
N PHE B 76 10.19 -28.51 7.94
CA PHE B 76 9.65 -29.39 8.95
C PHE B 76 8.80 -30.52 8.37
N GLY B 77 8.68 -30.60 7.04
CA GLY B 77 8.15 -31.81 6.44
C GLY B 77 9.24 -32.87 6.38
N VAL B 78 10.48 -32.43 6.15
CA VAL B 78 11.62 -33.32 6.20
C VAL B 78 11.73 -33.98 7.57
N THR B 79 11.43 -33.22 8.63
CA THR B 79 11.46 -33.78 9.98
C THR B 79 10.45 -34.92 10.11
N MET B 80 9.24 -34.72 9.63
CA MET B 80 8.22 -35.76 9.71
C MET B 80 8.60 -36.97 8.88
N GLY B 81 9.19 -36.74 7.70
CA GLY B 81 9.66 -37.87 6.90
C GLY B 81 10.75 -38.66 7.59
N VAL B 82 11.68 -37.98 8.23
CA VAL B 82 12.74 -38.65 8.99
C VAL B 82 12.13 -39.46 10.13
N HIS B 83 11.14 -38.89 10.82
CA HIS B 83 10.47 -39.63 11.88
C HIS B 83 9.78 -40.87 11.35
N VAL B 84 9.13 -40.77 10.19
CA VAL B 84 8.38 -41.90 9.65
C VAL B 84 9.33 -43.01 9.20
N ALA B 85 10.38 -42.67 8.45
CA ALA B 85 11.23 -43.66 7.82
C ALA B 85 12.67 -43.60 8.35
N GLY B 86 12.81 -43.48 9.66
CA GLY B 86 14.14 -43.35 10.25
C GLY B 86 14.94 -44.63 10.32
N ARG B 87 14.42 -45.65 11.02
CA ARG B 87 15.19 -46.86 11.25
C ARG B 87 15.23 -47.77 10.02
N ILE B 88 14.14 -47.82 9.24
CA ILE B 88 14.04 -48.82 8.18
C ILE B 88 15.11 -48.58 7.12
N SER B 89 15.24 -47.34 6.65
CA SER B 89 16.16 -47.05 5.56
C SER B 89 17.00 -45.80 5.77
N GLY B 90 16.82 -45.07 6.87
CA GLY B 90 17.56 -43.84 7.10
C GLY B 90 16.89 -42.59 6.56
N ALA B 91 15.80 -42.73 5.79
CA ALA B 91 15.05 -41.60 5.25
C ALA B 91 15.96 -40.68 4.42
N HIS B 92 16.52 -41.24 3.35
CA HIS B 92 17.32 -40.43 2.44
C HIS B 92 16.46 -39.37 1.77
N MET B 93 15.34 -39.77 1.18
CA MET B 93 14.34 -38.89 0.59
C MET B 93 14.91 -37.96 -0.47
N ASN B 94 16.12 -38.22 -0.96
CA ASN B 94 16.77 -37.37 -1.95
C ASN B 94 17.81 -38.20 -2.68
N ALA B 95 17.76 -38.19 -4.01
CA ALA B 95 18.66 -39.02 -4.79
C ALA B 95 20.11 -38.59 -4.64
N ALA B 96 20.36 -37.30 -4.42
CA ALA B 96 21.72 -36.81 -4.25
C ALA B 96 22.35 -37.41 -2.99
N VAL B 97 21.60 -37.46 -1.89
CA VAL B 97 22.12 -38.04 -0.65
C VAL B 97 22.42 -39.51 -0.84
N THR B 98 21.52 -40.24 -1.51
CA THR B 98 21.75 -41.66 -1.75
C THR B 98 22.99 -41.89 -2.61
N PHE B 99 23.15 -41.07 -3.66
CA PHE B 99 24.35 -41.20 -4.50
C PHE B 99 25.62 -40.90 -3.72
N ALA B 100 25.58 -39.85 -2.89
CA ALA B 100 26.76 -39.51 -2.09
C ALA B 100 27.10 -40.63 -1.11
N ASN B 101 26.09 -41.22 -0.48
CA ASN B 101 26.34 -42.31 0.46
C ASN B 101 26.88 -43.54 -0.26
N CYS B 102 26.33 -43.86 -1.43
CA CYS B 102 26.78 -45.04 -2.16
C CYS B 102 28.19 -44.86 -2.69
N ALA B 103 28.54 -43.65 -3.13
CA ALA B 103 29.88 -43.41 -3.65
C ALA B 103 30.95 -43.53 -2.57
N LEU B 104 30.60 -43.20 -1.33
CA LEU B 104 31.54 -43.28 -0.21
C LEU B 104 31.59 -44.67 0.42
N GLY B 105 30.80 -45.62 -0.07
CA GLY B 105 30.81 -46.98 0.44
C GLY B 105 29.92 -47.21 1.64
N ARG B 106 29.22 -46.19 2.12
CA ARG B 106 28.34 -46.36 3.28
C ARG B 106 27.14 -47.24 2.94
N VAL B 107 26.62 -47.13 1.72
CA VAL B 107 25.47 -47.88 1.25
C VAL B 107 25.87 -48.63 0.00
N PRO B 108 25.60 -49.93 -0.10
CA PRO B 108 25.95 -50.66 -1.32
C PRO B 108 25.12 -50.19 -2.51
N TRP B 109 25.69 -50.39 -3.71
CA TRP B 109 25.04 -49.95 -4.93
C TRP B 109 23.79 -50.77 -5.28
N ARG B 110 23.56 -51.89 -4.59
CA ARG B 110 22.40 -52.72 -4.89
C ARG B 110 21.09 -51.99 -4.57
N LYS B 111 21.08 -51.18 -3.51
CA LYS B 111 19.87 -50.54 -3.02
C LYS B 111 19.60 -49.19 -3.66
N PHE B 112 20.48 -48.70 -4.54
CA PHE B 112 20.26 -47.41 -5.18
C PHE B 112 19.02 -47.38 -6.07
N PRO B 113 18.83 -48.32 -7.02
CA PRO B 113 17.62 -48.23 -7.85
C PRO B 113 16.32 -48.32 -7.06
N VAL B 114 16.29 -49.13 -6.00
CA VAL B 114 15.07 -49.26 -5.20
C VAL B 114 14.72 -47.93 -4.55
N TYR B 115 15.72 -47.28 -3.94
CA TYR B 115 15.48 -45.98 -3.31
C TYR B 115 15.05 -44.95 -4.34
N VAL B 116 15.69 -44.93 -5.51
CA VAL B 116 15.35 -43.96 -6.53
C VAL B 116 13.91 -44.16 -7.00
N LEU B 117 13.51 -45.42 -7.25
CA LEU B 117 12.15 -45.69 -7.69
C LEU B 117 11.14 -45.30 -6.63
N GLY B 118 11.42 -45.62 -5.36
CA GLY B 118 10.49 -45.25 -4.31
C GLY B 118 10.32 -43.75 -4.20
N GLN B 119 11.43 -43.01 -4.25
CA GLN B 119 11.35 -41.55 -4.17
C GLN B 119 10.58 -40.98 -5.35
N PHE B 120 10.84 -41.48 -6.56
CA PHE B 120 10.15 -40.96 -7.74
C PHE B 120 8.65 -41.21 -7.66
N LEU B 121 8.25 -42.43 -7.28
CA LEU B 121 6.83 -42.73 -7.18
C LEU B 121 6.16 -41.89 -6.10
N GLY B 122 6.82 -41.74 -4.94
CA GLY B 122 6.24 -40.93 -3.89
C GLY B 122 6.06 -39.48 -4.31
N SER B 123 7.06 -38.91 -4.96
CA SER B 123 6.96 -37.52 -5.40
C SER B 123 5.87 -37.34 -6.45
N PHE B 124 5.77 -38.29 -7.38
CA PHE B 124 4.73 -38.19 -8.41
C PHE B 124 3.34 -38.25 -7.79
N LEU B 125 3.13 -39.19 -6.87
CA LEU B 125 1.82 -39.27 -6.22
C LEU B 125 1.53 -38.04 -5.36
N ALA B 126 2.56 -37.48 -4.71
CA ALA B 126 2.35 -36.27 -3.92
C ALA B 126 1.95 -35.10 -4.81
N ALA B 127 2.59 -34.96 -5.97
CA ALA B 127 2.20 -33.92 -6.91
C ALA B 127 0.78 -34.12 -7.39
N ALA B 128 0.39 -35.36 -7.66
CA ALA B 128 -0.98 -35.64 -8.07
C ALA B 128 -1.97 -35.26 -6.97
N THR B 129 -1.65 -35.59 -5.71
CA THR B 129 -2.54 -35.25 -4.61
C THR B 129 -2.67 -33.74 -4.45
N ILE B 130 -1.56 -33.01 -4.55
CA ILE B 130 -1.61 -31.56 -4.41
C ILE B 130 -2.42 -30.94 -5.54
N TYR B 131 -2.27 -31.47 -6.75
CA TYR B 131 -3.09 -31.00 -7.87
C TYR B 131 -4.57 -31.27 -7.62
N SER B 132 -4.89 -32.44 -7.04
CA SER B 132 -6.28 -32.79 -6.78
C SER B 132 -6.90 -31.88 -5.72
N LEU B 133 -6.14 -31.52 -4.69
CA LEU B 133 -6.72 -30.76 -3.58
C LEU B 133 -7.00 -29.31 -3.98
N PHE B 134 -6.06 -28.67 -4.68
CA PHE B 134 -6.15 -27.25 -4.99
C PHE B 134 -6.67 -26.99 -6.40
N TYR B 135 -7.53 -27.86 -6.92
CA TYR B 135 -7.97 -27.74 -8.31
C TYR B 135 -8.81 -26.48 -8.54
N THR B 136 -9.82 -26.27 -7.70
CA THR B 136 -10.71 -25.12 -7.89
C THR B 136 -9.96 -23.81 -7.70
N ALA B 137 -9.08 -23.74 -6.70
CA ALA B 137 -8.30 -22.52 -6.48
C ALA B 137 -7.39 -22.22 -7.67
N ILE B 138 -6.77 -23.26 -8.24
CA ILE B 138 -5.91 -23.07 -9.40
C ILE B 138 -6.72 -22.56 -10.59
N LEU B 139 -7.89 -23.15 -10.82
CA LEU B 139 -8.73 -22.70 -11.92
C LEU B 139 -9.18 -21.25 -11.72
N HIS B 140 -9.55 -20.90 -10.49
CA HIS B 140 -10.00 -19.54 -10.22
C HIS B 140 -8.86 -18.53 -10.39
N PHE B 141 -7.67 -18.87 -9.92
CA PHE B 141 -6.54 -17.94 -10.03
C PHE B 141 -6.10 -17.78 -11.47
N SER B 142 -5.99 -18.87 -12.21
CA SER B 142 -5.52 -18.81 -13.60
C SER B 142 -6.59 -18.36 -14.57
N GLY B 143 -7.86 -18.30 -14.14
CA GLY B 143 -8.93 -17.96 -15.05
C GLY B 143 -9.36 -19.07 -15.98
N GLY B 144 -8.87 -20.29 -15.76
CA GLY B 144 -9.19 -21.43 -16.60
C GLY B 144 -8.13 -21.82 -17.60
N GLN B 145 -7.10 -21.00 -17.77
CA GLN B 145 -6.03 -21.28 -18.73
C GLN B 145 -4.73 -21.53 -17.96
N LEU B 146 -4.09 -22.65 -18.24
CA LEU B 146 -2.86 -23.05 -17.57
C LEU B 146 -1.66 -22.56 -18.37
N MET B 147 -0.87 -21.66 -17.78
CA MET B 147 0.27 -21.06 -18.43
C MET B 147 1.54 -21.36 -17.64
N VAL B 148 2.59 -21.78 -18.34
CA VAL B 148 3.86 -22.05 -17.68
C VAL B 148 4.51 -20.75 -17.21
N THR B 149 4.52 -19.74 -18.07
CA THR B 149 5.12 -18.44 -17.75
C THR B 149 4.11 -17.34 -18.03
N GLY B 150 4.03 -16.38 -17.11
CA GLY B 150 3.14 -15.26 -17.26
C GLY B 150 2.76 -14.64 -15.94
N PRO B 151 1.92 -13.59 -15.98
CA PRO B 151 1.46 -12.98 -14.72
C PRO B 151 0.62 -13.91 -13.86
N VAL B 152 -0.04 -14.89 -14.45
CA VAL B 152 -0.89 -15.81 -13.70
C VAL B 152 -0.40 -17.23 -13.88
N ALA B 153 0.92 -17.38 -14.06
CA ALA B 153 1.50 -18.71 -14.25
C ALA B 153 1.37 -19.55 -13.00
N THR B 154 1.03 -20.83 -13.18
CA THR B 154 0.86 -21.76 -12.08
C THR B 154 1.74 -23.00 -12.20
N ALA B 155 2.60 -23.09 -13.23
CA ALA B 155 3.47 -24.25 -13.36
C ALA B 155 4.62 -24.22 -12.37
N GLY B 156 4.89 -23.08 -11.75
CA GLY B 156 5.97 -22.99 -10.78
C GLY B 156 5.67 -23.59 -9.42
N ILE B 157 4.41 -23.97 -9.19
CA ILE B 157 4.06 -24.61 -7.93
C ILE B 157 4.76 -25.96 -7.80
N PHE B 158 4.79 -26.73 -8.88
CA PHE B 158 5.28 -28.10 -8.84
C PHE B 158 6.79 -28.19 -9.03
N ALA B 159 7.34 -27.46 -9.98
CA ALA B 159 8.77 -27.49 -10.26
C ALA B 159 9.32 -26.09 -10.29
N THR B 160 10.63 -25.98 -10.04
CA THR B 160 11.30 -24.68 -10.04
C THR B 160 11.67 -24.26 -11.45
N TYR B 161 11.65 -22.95 -11.68
CA TYR B 161 11.98 -22.38 -12.98
C TYR B 161 13.00 -21.26 -12.81
N LEU B 162 13.83 -21.10 -13.81
CA LEU B 162 14.93 -20.14 -13.72
C LEU B 162 14.40 -18.72 -13.80
N PRO B 163 14.81 -17.83 -12.89
CA PRO B 163 14.38 -16.43 -12.97
C PRO B 163 14.96 -15.74 -14.19
N ASP B 164 14.50 -14.50 -14.41
CA ASP B 164 14.89 -13.77 -15.61
C ASP B 164 16.35 -13.33 -15.56
N HIS B 165 16.80 -12.80 -14.41
CA HIS B 165 18.16 -12.27 -14.32
C HIS B 165 19.20 -13.38 -14.23
N MET B 166 18.82 -14.54 -13.72
CA MET B 166 19.79 -15.61 -13.49
C MET B 166 19.96 -16.45 -14.74
N THR B 167 21.20 -16.91 -14.96
CA THR B 167 21.56 -17.67 -16.15
C THR B 167 21.71 -19.15 -15.82
N LEU B 168 22.03 -19.94 -16.84
CA LEU B 168 22.03 -21.39 -16.72
C LEU B 168 23.21 -21.89 -15.88
N TRP B 169 24.42 -21.49 -16.26
CA TRP B 169 25.61 -22.02 -15.57
C TRP B 169 25.72 -21.50 -14.15
N ARG B 170 25.29 -20.25 -13.91
CA ARG B 170 25.23 -19.77 -12.53
C ARG B 170 24.20 -20.55 -11.72
N GLY B 171 23.10 -20.96 -12.35
CA GLY B 171 22.16 -21.84 -11.67
C GLY B 171 22.77 -23.19 -11.35
N PHE B 172 23.56 -23.74 -12.27
CA PHE B 172 24.28 -24.98 -12.00
C PHE B 172 25.20 -24.82 -10.79
N LEU B 173 25.94 -23.72 -10.76
CA LEU B 173 26.83 -23.44 -9.63
C LEU B 173 26.05 -23.34 -8.32
N ASN B 174 24.92 -22.62 -8.34
CA ASN B 174 24.11 -22.45 -7.14
C ASN B 174 23.59 -23.80 -6.63
N GLU B 175 23.07 -24.63 -7.55
CA GLU B 175 22.55 -25.93 -7.14
C GLU B 175 23.64 -26.80 -6.54
N ALA B 176 24.79 -26.88 -7.20
CA ALA B 176 25.87 -27.70 -6.70
C ALA B 176 26.35 -27.21 -5.33
N TRP B 177 26.49 -25.90 -5.18
CA TRP B 177 26.99 -25.34 -3.92
C TRP B 177 26.02 -25.61 -2.78
N LEU B 178 24.72 -25.40 -3.03
CA LEU B 178 23.72 -25.63 -1.99
C LEU B 178 23.67 -27.09 -1.58
N THR B 179 23.73 -28.01 -2.56
CA THR B 179 23.73 -29.42 -2.22
C THR B 179 24.98 -29.80 -1.44
N GLY B 180 26.13 -29.23 -1.79
CA GLY B 180 27.34 -29.49 -1.03
C GLY B 180 27.23 -29.04 0.42
N MET B 181 26.70 -27.84 0.63
CA MET B 181 26.51 -27.36 1.99
C MET B 181 25.55 -28.24 2.76
N LEU B 182 24.46 -28.67 2.11
CA LEU B 182 23.50 -29.56 2.77
C LEU B 182 24.16 -30.87 3.18
N GLN B 183 24.95 -31.47 2.29
CA GLN B 183 25.60 -32.73 2.61
C GLN B 183 26.61 -32.57 3.73
N LEU B 184 27.38 -31.49 3.72
CA LEU B 184 28.35 -31.27 4.80
C LEU B 184 27.64 -31.11 6.14
N CYS B 185 26.55 -30.33 6.18
CA CYS B 185 25.84 -30.16 7.44
C CYS B 185 25.19 -31.47 7.89
N LEU B 186 24.66 -32.25 6.96
CA LEU B 186 24.06 -33.54 7.34
C LEU B 186 25.12 -34.49 7.91
N PHE B 187 26.32 -34.49 7.32
CA PHE B 187 27.40 -35.28 7.89
C PHE B 187 27.76 -34.80 9.29
N ALA B 188 27.83 -33.47 9.49
CA ALA B 188 28.22 -32.93 10.78
C ALA B 188 27.19 -33.28 11.86
N ILE B 189 25.90 -33.17 11.54
CA ILE B 189 24.87 -33.35 12.55
C ILE B 189 24.81 -34.80 13.03
N THR B 190 24.89 -35.75 12.10
CA THR B 190 24.63 -37.14 12.43
C THR B 190 25.86 -37.90 12.93
N ASP B 191 27.06 -37.39 12.63
CA ASP B 191 28.29 -38.11 12.96
C ASP B 191 28.39 -38.34 14.47
N GLN B 192 28.54 -39.61 14.85
CA GLN B 192 28.58 -39.97 16.27
C GLN B 192 29.92 -39.65 16.92
N GLU B 193 31.01 -39.66 16.15
CA GLU B 193 32.34 -39.49 16.74
C GLU B 193 32.58 -38.04 17.15
N ASN B 194 32.20 -37.09 16.31
CA ASN B 194 32.59 -35.70 16.54
C ASN B 194 31.69 -35.00 17.56
N ASN B 195 30.42 -34.81 17.21
CA ASN B 195 29.50 -34.09 18.08
C ASN B 195 28.06 -34.36 17.64
N PRO B 196 27.56 -35.57 17.80
CA PRO B 196 26.20 -35.87 17.36
C PRO B 196 25.16 -35.13 18.19
N ALA B 197 24.03 -34.84 17.55
CA ALA B 197 22.89 -34.32 18.29
C ALA B 197 22.33 -35.42 19.19
N LEU B 198 21.63 -34.99 20.23
CA LEU B 198 21.05 -35.96 21.17
C LEU B 198 20.06 -36.85 20.44
N PRO B 199 20.18 -38.18 20.56
CA PRO B 199 19.29 -39.07 19.81
C PRO B 199 17.82 -38.81 20.15
N GLY B 200 16.98 -38.88 19.13
CA GLY B 200 15.58 -38.53 19.26
C GLY B 200 15.27 -37.07 18.97
N THR B 201 16.30 -36.23 18.81
CA THR B 201 16.11 -34.82 18.47
C THR B 201 16.80 -34.44 17.17
N GLU B 202 17.32 -35.42 16.42
CA GLU B 202 18.00 -35.12 15.17
C GLU B 202 17.04 -34.57 14.12
N ALA B 203 15.79 -35.00 14.15
CA ALA B 203 14.83 -34.55 13.15
C ALA B 203 14.58 -33.05 13.24
N LEU B 204 14.48 -32.51 14.46
CA LEU B 204 14.30 -31.06 14.62
C LEU B 204 15.49 -30.30 14.06
N VAL B 205 16.71 -30.77 14.34
CA VAL B 205 17.90 -30.09 13.85
C VAL B 205 17.96 -30.13 12.33
N ILE B 206 17.62 -31.27 11.73
CA ILE B 206 17.63 -31.37 10.27
C ILE B 206 16.57 -30.44 9.67
N GLY B 207 15.39 -30.39 10.30
CA GLY B 207 14.36 -29.48 9.82
C GLY B 207 14.79 -28.03 9.90
N ILE B 208 15.44 -27.64 10.99
CA ILE B 208 15.93 -26.27 11.12
C ILE B 208 17.00 -25.99 10.08
N LEU B 209 17.85 -26.97 9.80
CA LEU B 209 18.86 -26.81 8.75
C LEU B 209 18.21 -26.54 7.40
N VAL B 210 17.18 -27.32 7.06
CA VAL B 210 16.51 -27.10 5.78
C VAL B 210 15.82 -25.74 5.76
N VAL B 211 15.23 -25.33 6.90
CA VAL B 211 14.55 -24.05 6.97
C VAL B 211 15.54 -22.91 6.73
N ILE B 212 16.70 -22.96 7.38
CA ILE B 212 17.66 -21.87 7.22
C ILE B 212 18.30 -21.90 5.84
N ILE B 213 18.45 -23.10 5.24
CA ILE B 213 18.91 -23.15 3.85
C ILE B 213 17.94 -22.43 2.94
N GLY B 214 16.65 -22.71 3.11
CA GLY B 214 15.64 -22.03 2.31
C GLY B 214 15.62 -20.54 2.54
N VAL B 215 15.80 -20.12 3.79
CA VAL B 215 15.76 -18.69 4.12
C VAL B 215 16.96 -17.96 3.53
N SER B 216 18.14 -18.57 3.60
CA SER B 216 19.38 -17.87 3.27
C SER B 216 19.79 -17.98 1.81
N LEU B 217 19.51 -19.11 1.15
CA LEU B 217 20.03 -19.37 -0.19
C LEU B 217 18.92 -19.88 -1.10
N GLY B 218 17.79 -19.19 -1.12
CA GLY B 218 16.63 -19.72 -1.81
C GLY B 218 16.13 -18.98 -3.03
N MET B 219 16.32 -17.67 -3.09
CA MET B 219 15.68 -16.88 -4.14
C MET B 219 16.35 -17.03 -5.50
N ASN B 220 17.57 -17.56 -5.54
CA ASN B 220 18.29 -17.63 -6.81
C ASN B 220 17.65 -18.65 -7.76
N THR B 221 17.39 -19.86 -7.27
CA THR B 221 16.89 -20.92 -8.14
C THR B 221 15.78 -21.74 -7.51
N GLY B 222 15.24 -21.33 -6.35
CA GLY B 222 14.24 -22.12 -5.68
C GLY B 222 14.77 -23.25 -4.83
N TYR B 223 16.09 -23.32 -4.66
CA TYR B 223 16.78 -24.34 -3.85
C TYR B 223 16.18 -25.73 -4.06
N ALA B 224 16.25 -26.18 -5.32
CA ALA B 224 15.75 -27.52 -5.65
C ALA B 224 16.55 -28.59 -4.91
N ILE B 225 17.86 -28.66 -5.19
CA ILE B 225 18.83 -29.58 -4.57
C ILE B 225 18.26 -30.97 -4.34
N ASN B 226 17.32 -31.39 -5.18
CA ASN B 226 16.74 -32.72 -5.08
C ASN B 226 16.17 -33.13 -6.42
N PRO B 227 16.75 -34.12 -7.11
CA PRO B 227 16.12 -34.61 -8.35
C PRO B 227 14.72 -35.15 -8.14
N SER B 228 14.47 -35.82 -7.01
CA SER B 228 13.16 -36.37 -6.73
C SER B 228 12.12 -35.27 -6.51
N ARG B 229 12.53 -34.15 -5.92
CA ARG B 229 11.60 -33.04 -5.71
C ARG B 229 11.30 -32.31 -7.02
N ASP B 230 12.18 -32.40 -8.00
CA ASP B 230 12.08 -31.58 -9.21
C ASP B 230 11.46 -32.34 -10.39
N LEU B 231 12.07 -33.45 -10.81
CA LEU B 231 11.69 -34.05 -12.09
C LEU B 231 10.28 -34.63 -12.09
N PRO B 232 9.87 -35.47 -11.14
CA PRO B 232 8.54 -36.09 -11.22
C PRO B 232 7.40 -35.08 -11.24
N PRO B 233 7.45 -33.99 -10.45
CA PRO B 233 6.40 -32.97 -10.61
C PRO B 233 6.37 -32.35 -12.00
N ARG B 234 7.53 -32.13 -12.60
CA ARG B 234 7.57 -31.59 -13.96
C ARG B 234 6.93 -32.54 -14.95
N ILE B 235 7.23 -33.85 -14.82
CA ILE B 235 6.61 -34.84 -15.69
C ILE B 235 5.10 -34.86 -15.47
N PHE B 236 4.66 -34.77 -14.21
CA PHE B 236 3.23 -34.77 -13.93
C PHE B 236 2.55 -33.58 -14.58
N THR B 237 3.15 -32.40 -14.50
CA THR B 237 2.56 -31.23 -15.15
C THR B 237 2.51 -31.41 -16.66
N PHE B 238 3.57 -31.97 -17.24
CA PHE B 238 3.61 -32.18 -18.69
C PHE B 238 2.49 -33.10 -19.14
N ILE B 239 2.25 -34.18 -18.40
CA ILE B 239 1.16 -35.09 -18.80
C ILE B 239 -0.21 -34.58 -18.35
N ALA B 240 -0.27 -33.67 -17.37
CA ALA B 240 -1.55 -33.12 -16.93
C ALA B 240 -2.08 -32.07 -17.89
N GLY B 241 -1.19 -31.33 -18.56
CA GLY B 241 -1.68 -30.41 -19.57
C GLY B 241 -1.01 -29.06 -19.66
N TRP B 242 0.03 -28.82 -18.85
CA TRP B 242 0.77 -27.58 -18.97
C TRP B 242 1.55 -27.49 -20.28
N GLY B 243 1.67 -28.59 -21.03
CA GLY B 243 2.32 -28.57 -22.31
C GLY B 243 3.79 -28.94 -22.23
N LYS B 244 4.43 -28.93 -23.41
CA LYS B 244 5.84 -29.26 -23.50
C LYS B 244 6.75 -28.06 -23.20
N GLN B 245 6.16 -26.89 -22.91
CA GLN B 245 6.97 -25.73 -22.55
C GLN B 245 7.67 -25.88 -21.21
N VAL B 246 7.27 -26.88 -20.40
CA VAL B 246 7.91 -27.06 -19.10
C VAL B 246 9.37 -27.49 -19.25
N PHE B 247 9.68 -28.28 -20.28
CA PHE B 247 11.05 -28.73 -20.47
C PHE B 247 11.90 -27.70 -21.21
N SER B 248 11.37 -27.11 -22.27
CA SER B 248 12.14 -26.21 -23.12
C SER B 248 12.33 -24.82 -22.51
N ASN B 249 11.62 -24.49 -21.45
CA ASN B 249 11.73 -23.16 -20.86
C ASN B 249 13.09 -22.98 -20.20
N GLY B 250 13.62 -21.76 -20.29
CA GLY B 250 14.89 -21.43 -19.66
C GLY B 250 16.08 -22.17 -20.21
N GLU B 251 16.15 -22.32 -21.54
CA GLU B 251 17.28 -22.96 -22.22
C GLU B 251 17.50 -24.39 -21.71
N ASN B 252 16.41 -25.15 -21.61
CA ASN B 252 16.43 -26.53 -21.13
C ASN B 252 17.03 -26.61 -19.73
N TRP B 253 16.34 -25.99 -18.78
CA TRP B 253 16.79 -25.92 -17.40
C TRP B 253 16.58 -27.23 -16.64
N TRP B 254 15.77 -28.14 -17.17
CA TRP B 254 15.32 -29.28 -16.38
C TRP B 254 16.45 -30.21 -15.98
N TRP B 255 17.53 -30.29 -16.77
CA TRP B 255 18.57 -31.26 -16.48
C TRP B 255 19.56 -30.77 -15.42
N VAL B 256 19.58 -29.48 -15.11
CA VAL B 256 20.51 -28.97 -14.11
C VAL B 256 20.22 -29.52 -12.72
N PRO B 257 18.98 -29.51 -12.21
CA PRO B 257 18.73 -30.10 -10.88
C PRO B 257 18.96 -31.59 -10.82
N VAL B 258 19.10 -32.27 -11.96
CA VAL B 258 19.37 -33.70 -11.96
C VAL B 258 20.87 -34.00 -11.92
N VAL B 259 21.71 -33.07 -12.38
CA VAL B 259 23.15 -33.31 -12.49
C VAL B 259 23.92 -32.61 -11.37
N ALA B 260 23.63 -31.33 -11.11
CA ALA B 260 24.43 -30.57 -10.17
C ALA B 260 24.43 -31.14 -8.75
N PRO B 261 23.27 -31.51 -8.15
CA PRO B 261 23.30 -31.96 -6.76
C PRO B 261 24.18 -33.17 -6.50
N LEU B 262 24.32 -34.09 -7.46
CA LEU B 262 25.16 -35.26 -7.24
C LEU B 262 26.61 -34.85 -6.99
N LEU B 263 27.16 -34.02 -7.88
CA LEU B 263 28.52 -33.54 -7.71
C LEU B 263 28.66 -32.70 -6.45
N GLY B 264 27.67 -31.86 -6.17
CA GLY B 264 27.73 -31.04 -4.97
C GLY B 264 27.80 -31.87 -3.70
N ALA B 265 26.93 -32.87 -3.59
CA ALA B 265 26.90 -33.72 -2.41
C ALA B 265 28.19 -34.53 -2.28
N TYR B 266 28.69 -35.06 -3.40
CA TYR B 266 29.94 -35.81 -3.33
C TYR B 266 31.08 -34.94 -2.85
N LEU B 267 31.19 -33.73 -3.39
CA LEU B 267 32.27 -32.84 -2.97
C LEU B 267 32.13 -32.44 -1.50
N GLY B 268 30.91 -32.16 -1.05
CA GLY B 268 30.71 -31.81 0.35
C GLY B 268 31.08 -32.93 1.29
N GLY B 269 30.66 -34.16 0.97
CA GLY B 269 31.04 -35.30 1.80
C GLY B 269 32.53 -35.52 1.83
N ILE B 270 33.19 -35.40 0.67
CA ILE B 270 34.64 -35.57 0.61
C ILE B 270 35.34 -34.52 1.47
N ILE B 271 34.90 -33.27 1.36
CA ILE B 271 35.52 -32.19 2.12
C ILE B 271 35.37 -32.45 3.62
N TYR B 272 34.15 -32.79 4.06
CA TYR B 272 33.94 -33.03 5.49
C TYR B 272 34.80 -34.19 5.97
N LEU B 273 34.79 -35.31 5.24
CA LEU B 273 35.53 -36.49 5.69
C LEU B 273 37.04 -36.20 5.74
N VAL B 274 37.57 -35.49 4.74
CA VAL B 274 39.00 -35.24 4.69
C VAL B 274 39.42 -34.28 5.80
N PHE B 275 38.68 -33.19 5.98
CA PHE B 275 39.13 -32.15 6.88
C PHE B 275 38.70 -32.39 8.33
N ILE B 276 37.41 -32.54 8.58
CA ILE B 276 36.88 -32.55 9.94
C ILE B 276 36.66 -33.96 10.46
N GLY B 277 36.11 -34.85 9.63
CA GLY B 277 35.85 -36.21 10.06
C GLY B 277 37.10 -37.07 10.15
N SER B 278 38.06 -36.63 10.94
CA SER B 278 39.32 -37.34 11.14
C SER B 278 40.03 -37.62 9.82
N GLN C 26 49.98 -36.07 4.72
CA GLN C 26 48.84 -36.03 5.64
C GLN C 26 49.33 -35.92 7.08
N GLU C 27 50.64 -35.90 7.26
CA GLU C 27 51.21 -35.77 8.60
C GLU C 27 50.88 -34.44 9.24
N ILE C 28 50.69 -33.40 8.43
CA ILE C 28 50.35 -32.08 8.96
C ILE C 28 49.00 -32.12 9.67
N LEU C 29 48.02 -32.79 9.06
CA LEU C 29 46.68 -32.85 9.62
C LEU C 29 46.61 -33.60 10.94
N GLN C 30 47.65 -34.36 11.30
CA GLN C 30 47.63 -35.08 12.56
C GLN C 30 47.75 -34.16 13.76
N ARG C 31 48.48 -33.05 13.62
CA ARG C 31 48.69 -32.14 14.73
C ARG C 31 47.38 -31.51 15.18
N LYS C 32 47.26 -31.29 16.49
CA LYS C 32 46.03 -30.73 17.04
C LYS C 32 45.86 -29.26 16.69
N MET C 33 46.96 -28.53 16.51
CA MET C 33 46.86 -27.12 16.12
C MET C 33 46.19 -26.98 14.76
N VAL C 34 46.55 -27.83 13.81
CA VAL C 34 45.94 -27.79 12.49
C VAL C 34 44.45 -28.11 12.59
N ARG C 35 44.09 -29.08 13.44
CA ARG C 35 42.68 -29.40 13.62
C ARG C 35 41.90 -28.22 14.20
N GLU C 36 42.47 -27.56 15.22
CA GLU C 36 41.80 -26.41 15.81
C GLU C 36 41.75 -25.22 14.87
N PHE C 37 42.63 -25.18 13.88
CA PHE C 37 42.55 -24.15 12.85
C PHE C 37 41.46 -24.47 11.84
N LEU C 38 41.44 -25.71 11.34
CA LEU C 38 40.49 -26.10 10.30
C LEU C 38 39.06 -26.08 10.81
N ALA C 39 38.83 -26.53 12.05
CA ALA C 39 37.46 -26.54 12.59
C ALA C 39 36.91 -25.13 12.70
N GLU C 40 37.72 -24.20 13.22
CA GLU C 40 37.29 -22.80 13.31
C GLU C 40 37.04 -22.23 11.92
N PHE C 41 37.93 -22.52 10.98
CA PHE C 41 37.76 -22.02 9.61
C PHE C 41 36.43 -22.48 9.03
N MET C 42 36.14 -23.78 9.11
CA MET C 42 34.92 -24.31 8.51
C MET C 42 33.67 -23.78 9.20
N SER C 43 33.66 -23.75 10.54
CA SER C 43 32.48 -23.30 11.26
C SER C 43 32.19 -21.83 10.99
N THR C 44 33.23 -20.98 11.04
CA THR C 44 33.05 -19.57 10.74
C THR C 44 32.58 -19.37 9.31
N TYR C 45 33.13 -20.16 8.38
CA TYR C 45 32.73 -20.06 6.99
C TYR C 45 31.25 -20.34 6.82
N VAL C 46 30.77 -21.44 7.42
CA VAL C 46 29.36 -21.82 7.29
C VAL C 46 28.46 -20.75 7.90
N MET C 47 28.79 -20.31 9.11
CA MET C 47 27.93 -19.33 9.79
C MET C 47 27.88 -18.01 9.01
N MET C 48 29.04 -17.55 8.52
CA MET C 48 29.06 -16.30 7.77
C MET C 48 28.31 -16.44 6.45
N VAL C 49 28.41 -17.60 5.80
CA VAL C 49 27.68 -17.82 4.55
C VAL C 49 26.18 -17.70 4.79
N PHE C 50 25.67 -18.36 5.83
CA PHE C 50 24.24 -18.30 6.12
C PHE C 50 23.82 -16.87 6.45
N GLY C 51 24.59 -16.18 7.30
CA GLY C 51 24.21 -14.84 7.69
C GLY C 51 24.19 -13.86 6.52
N LEU C 52 25.24 -13.90 5.70
CA LEU C 52 25.30 -13.00 4.55
C LEU C 52 24.24 -13.32 3.52
N GLY C 53 23.90 -14.61 3.34
CA GLY C 53 22.81 -14.95 2.45
C GLY C 53 21.48 -14.38 2.92
N SER C 54 21.21 -14.48 4.23
CA SER C 54 19.98 -13.90 4.77
C SER C 54 19.96 -12.39 4.59
N VAL C 55 21.09 -11.72 4.85
CA VAL C 55 21.15 -10.26 4.70
C VAL C 55 20.93 -9.87 3.25
N ALA C 56 21.54 -10.59 2.31
CA ALA C 56 21.34 -10.29 0.89
C ALA C 56 19.89 -10.48 0.48
N HIS C 57 19.25 -11.54 0.98
CA HIS C 57 17.83 -11.73 0.71
C HIS C 57 17.00 -10.56 1.21
N MET C 58 17.30 -10.08 2.43
CA MET C 58 16.56 -8.95 2.96
C MET C 58 16.77 -7.69 2.14
N VAL C 59 18.01 -7.44 1.71
CA VAL C 59 18.34 -6.17 1.06
C VAL C 59 17.83 -6.14 -0.37
N LEU C 60 18.11 -7.19 -1.16
CA LEU C 60 17.88 -7.11 -2.59
C LEU C 60 16.39 -7.21 -2.92
N ASN C 61 15.76 -8.34 -2.58
CA ASN C 61 14.37 -8.61 -2.95
C ASN C 61 13.49 -8.43 -1.73
N LYS C 62 12.49 -7.54 -1.85
CA LYS C 62 11.60 -7.28 -0.73
C LYS C 62 10.57 -8.39 -0.53
N LYS C 63 10.13 -9.03 -1.60
CA LYS C 63 9.15 -10.10 -1.47
C LYS C 63 9.71 -11.29 -0.71
N TYR C 64 10.98 -11.64 -0.95
CA TYR C 64 11.61 -12.81 -0.36
C TYR C 64 12.45 -12.50 0.86
N GLY C 65 12.40 -11.26 1.36
CA GLY C 65 13.26 -10.85 2.45
C GLY C 65 12.50 -10.17 3.56
N SER C 66 12.99 -10.37 4.78
CA SER C 66 12.42 -9.72 5.96
C SER C 66 13.47 -9.71 7.06
N TYR C 67 13.26 -8.84 8.04
CA TYR C 67 14.18 -8.75 9.17
C TYR C 67 14.18 -10.03 9.98
N LEU C 68 13.00 -10.63 10.18
CA LEU C 68 12.93 -11.89 10.90
C LEU C 68 13.69 -13.00 10.17
N GLY C 69 13.71 -12.95 8.84
CA GLY C 69 14.52 -13.90 8.10
C GLY C 69 16.00 -13.75 8.40
N VAL C 70 16.49 -12.51 8.47
CA VAL C 70 17.88 -12.27 8.83
C VAL C 70 18.16 -12.79 10.22
N ASN C 71 17.27 -12.51 11.17
CA ASN C 71 17.49 -12.97 12.54
C ASN C 71 17.54 -14.49 12.59
N LEU C 72 16.59 -15.17 11.96
CA LEU C 72 16.58 -16.63 11.99
C LEU C 72 17.82 -17.21 11.34
N GLY C 73 18.21 -16.71 10.16
CA GLY C 73 19.39 -17.24 9.50
C GLY C 73 20.66 -17.04 10.29
N PHE C 74 20.87 -15.82 10.79
CA PHE C 74 22.10 -15.51 11.51
C PHE C 74 22.11 -16.08 12.91
N GLY C 75 20.97 -16.53 13.42
CA GLY C 75 20.94 -17.18 14.72
C GLY C 75 21.11 -18.68 14.62
N PHE C 76 20.47 -19.31 13.64
CA PHE C 76 20.53 -20.75 13.49
C PHE C 76 21.66 -21.19 12.56
N GLY C 77 22.46 -20.25 12.04
CA GLY C 77 23.70 -20.65 11.41
C GLY C 77 24.78 -20.86 12.44
N VAL C 78 24.67 -20.16 13.56
CA VAL C 78 25.57 -20.38 14.69
C VAL C 78 25.36 -21.75 15.30
N THR C 79 24.13 -22.27 15.26
CA THR C 79 23.85 -23.61 15.73
C THR C 79 24.58 -24.64 14.88
N MET C 80 24.50 -24.50 13.55
CA MET C 80 25.24 -25.38 12.67
C MET C 80 26.75 -25.27 12.88
N GLY C 81 27.25 -24.05 13.09
CA GLY C 81 28.68 -23.89 13.35
C GLY C 81 29.12 -24.59 14.62
N VAL C 82 28.32 -24.47 15.68
CA VAL C 82 28.62 -25.17 16.94
C VAL C 82 28.59 -26.67 16.72
N HIS C 83 27.62 -27.16 15.95
CA HIS C 83 27.56 -28.59 15.67
C HIS C 83 28.79 -29.05 14.91
N VAL C 84 29.25 -28.25 13.95
CA VAL C 84 30.39 -28.63 13.13
C VAL C 84 31.68 -28.65 13.94
N ALA C 85 31.92 -27.59 14.72
CA ALA C 85 33.20 -27.41 15.41
C ALA C 85 33.04 -27.43 16.92
N GLY C 86 32.24 -28.36 17.43
CA GLY C 86 31.97 -28.40 18.86
C GLY C 86 33.09 -28.94 19.71
N ARG C 87 33.47 -30.20 19.49
CA ARG C 87 34.46 -30.85 20.35
C ARG C 87 35.88 -30.40 20.06
N ILE C 88 36.22 -30.12 18.80
CA ILE C 88 37.61 -29.88 18.43
C ILE C 88 38.14 -28.62 19.10
N SER C 89 37.38 -27.53 19.02
CA SER C 89 37.86 -26.26 19.55
C SER C 89 36.82 -25.47 20.34
N GLY C 90 35.59 -25.97 20.46
CA GLY C 90 34.55 -25.26 21.16
C GLY C 90 33.73 -24.32 20.30
N ALA C 91 34.12 -24.10 19.04
CA ALA C 91 33.40 -23.24 18.11
C ALA C 91 33.22 -21.84 18.67
N HIS C 92 34.36 -21.17 18.91
CA HIS C 92 34.31 -19.79 19.37
C HIS C 92 33.68 -18.89 18.30
N MET C 93 34.17 -18.96 17.07
CA MET C 93 33.59 -18.30 15.90
C MET C 93 33.50 -16.79 16.06
N ASN C 94 34.14 -16.22 17.09
CA ASN C 94 34.08 -14.78 17.34
C ASN C 94 35.31 -14.40 18.15
N ALA C 95 36.03 -13.38 17.69
CA ALA C 95 37.27 -12.99 18.35
C ALA C 95 37.02 -12.45 19.76
N ALA C 96 35.85 -11.83 19.98
CA ALA C 96 35.54 -11.32 21.31
C ALA C 96 35.42 -12.45 22.33
N VAL C 97 34.76 -13.55 21.95
CA VAL C 97 34.63 -14.68 22.84
C VAL C 97 36.00 -15.29 23.16
N THR C 98 36.84 -15.42 22.13
CA THR C 98 38.18 -15.97 22.35
C THR C 98 39.00 -15.08 23.28
N PHE C 99 38.93 -13.76 23.07
CA PHE C 99 39.65 -12.84 23.95
C PHE C 99 39.13 -12.93 25.39
N ALA C 100 37.82 -12.99 25.55
CA ALA C 100 37.25 -13.10 26.90
C ALA C 100 37.68 -14.39 27.58
N ASN C 101 37.69 -15.50 26.85
CA ASN C 101 38.10 -16.76 27.43
C ASN C 101 39.59 -16.75 27.78
N CYS C 102 40.42 -16.17 26.91
CA CYS C 102 41.85 -16.14 27.19
C CYS C 102 42.18 -15.22 28.36
N ALA C 103 41.46 -14.10 28.49
CA ALA C 103 41.73 -13.19 29.59
C ALA C 103 41.37 -13.79 30.95
N LEU C 104 40.37 -14.67 30.98
CA LEU C 104 39.95 -15.32 32.22
C LEU C 104 40.75 -16.59 32.52
N GLY C 105 41.70 -16.96 31.67
CA GLY C 105 42.54 -18.12 31.90
C GLY C 105 41.96 -19.43 31.44
N ARG C 106 40.75 -19.44 30.86
CA ARG C 106 40.16 -20.69 30.40
C ARG C 106 40.92 -21.25 29.20
N VAL C 107 41.42 -20.38 28.32
CA VAL C 107 42.15 -20.77 27.13
C VAL C 107 43.51 -20.10 27.17
N PRO C 108 44.60 -20.83 26.95
CA PRO C 108 45.92 -20.18 26.94
C PRO C 108 46.08 -19.24 25.77
N TRP C 109 46.97 -18.25 25.95
CA TRP C 109 47.20 -17.24 24.93
C TRP C 109 47.90 -17.78 23.69
N ARG C 110 48.41 -19.01 23.74
CA ARG C 110 49.11 -19.57 22.58
C ARG C 110 48.16 -19.77 21.40
N LYS C 111 46.92 -20.16 21.68
CA LYS C 111 45.96 -20.52 20.63
C LYS C 111 45.16 -19.33 20.11
N PHE C 112 45.36 -18.14 20.66
CA PHE C 112 44.61 -16.97 20.19
C PHE C 112 44.91 -16.62 18.74
N PRO C 113 46.18 -16.46 18.32
CA PRO C 113 46.41 -16.10 16.90
C PRO C 113 45.88 -17.12 15.91
N VAL C 114 45.96 -18.42 16.24
CA VAL C 114 45.47 -19.45 15.34
C VAL C 114 43.96 -19.32 15.13
N TYR C 115 43.23 -19.14 16.23
CA TYR C 115 41.79 -18.96 16.14
C TYR C 115 41.44 -17.70 15.35
N VAL C 116 42.15 -16.60 15.61
CA VAL C 116 41.87 -15.35 14.91
C VAL C 116 42.10 -15.51 13.41
N LEU C 117 43.22 -16.12 13.03
CA LEU C 117 43.51 -16.32 11.61
C LEU C 117 42.48 -17.21 10.95
N GLY C 118 42.09 -18.29 11.62
CA GLY C 118 41.07 -19.18 11.05
C GLY C 118 39.76 -18.46 10.83
N GLN C 119 39.31 -17.70 11.84
CA GLN C 119 38.06 -16.97 11.71
C GLN C 119 38.13 -15.94 10.58
N PHE C 120 39.24 -15.21 10.49
CA PHE C 120 39.38 -14.19 9.45
C PHE C 120 39.34 -14.81 8.07
N LEU C 121 40.09 -15.90 7.86
CA LEU C 121 40.10 -16.56 6.56
C LEU C 121 38.72 -17.11 6.21
N GLY C 122 38.05 -17.74 7.17
CA GLY C 122 36.72 -18.26 6.91
C GLY C 122 35.73 -17.18 6.53
N SER C 123 35.74 -16.07 7.26
CA SER C 123 34.83 -14.97 6.96
C SER C 123 35.12 -14.35 5.59
N PHE C 124 36.40 -14.19 5.25
CA PHE C 124 36.75 -13.63 3.95
C PHE C 124 36.27 -14.53 2.82
N LEU C 125 36.50 -15.84 2.95
CA LEU C 125 36.05 -16.76 1.91
C LEU C 125 34.53 -16.82 1.83
N ALA C 126 33.84 -16.72 2.97
CA ALA C 126 32.38 -16.70 2.96
C ALA C 126 31.85 -15.47 2.24
N ALA C 127 32.46 -14.31 2.49
CA ALA C 127 32.07 -13.10 1.78
C ALA C 127 32.30 -13.25 0.28
N ALA C 128 33.44 -13.84 -0.10
CA ALA C 128 33.70 -14.07 -1.52
C ALA C 128 32.65 -14.98 -2.14
N THR C 129 32.28 -16.05 -1.43
CA THR C 129 31.28 -16.98 -1.96
C THR C 129 29.92 -16.29 -2.12
N ILE C 130 29.52 -15.49 -1.12
CA ILE C 130 28.24 -14.80 -1.20
C ILE C 130 28.26 -13.80 -2.35
N TYR C 131 29.37 -13.10 -2.56
CA TYR C 131 29.49 -12.21 -3.71
C TYR C 131 29.38 -12.98 -5.02
N SER C 132 29.99 -14.16 -5.08
CA SER C 132 29.94 -14.95 -6.31
C SER C 132 28.54 -15.43 -6.63
N LEU C 133 27.77 -15.83 -5.60
CA LEU C 133 26.46 -16.42 -5.85
C LEU C 133 25.45 -15.38 -6.32
N PHE C 134 25.42 -14.21 -5.67
CA PHE C 134 24.41 -13.19 -5.94
C PHE C 134 24.91 -12.09 -6.87
N TYR C 135 25.79 -12.42 -7.80
CA TYR C 135 26.40 -11.40 -8.65
C TYR C 135 25.38 -10.75 -9.57
N THR C 136 24.61 -11.56 -10.30
CA THR C 136 23.65 -11.03 -11.26
C THR C 136 22.56 -10.22 -10.56
N ALA C 137 22.08 -10.71 -9.42
CA ALA C 137 21.05 -9.98 -8.68
C ALA C 137 21.58 -8.63 -8.19
N ILE C 138 22.82 -8.60 -7.71
CA ILE C 138 23.42 -7.35 -7.27
C ILE C 138 23.54 -6.36 -8.43
N LEU C 139 24.01 -6.85 -9.59
CA LEU C 139 24.13 -5.96 -10.74
C LEU C 139 22.77 -5.44 -11.19
N HIS C 140 21.76 -6.30 -11.18
CA HIS C 140 20.42 -5.87 -11.60
C HIS C 140 19.84 -4.85 -10.62
N PHE C 141 20.01 -5.08 -9.32
CA PHE C 141 19.45 -4.15 -8.33
C PHE C 141 20.17 -2.80 -8.36
N SER C 142 21.50 -2.82 -8.43
CA SER C 142 22.27 -1.58 -8.40
C SER C 142 22.28 -0.86 -9.75
N GLY C 143 21.84 -1.51 -10.82
CA GLY C 143 21.92 -0.93 -12.14
C GLY C 143 23.29 -0.95 -12.78
N GLY C 144 24.25 -1.66 -12.18
CA GLY C 144 25.59 -1.75 -12.69
C GLY C 144 26.61 -0.90 -11.95
N GLN C 145 26.17 0.00 -11.08
CA GLN C 145 27.06 0.88 -10.32
C GLN C 145 27.01 0.51 -8.85
N LEU C 146 28.19 0.28 -8.27
CA LEU C 146 28.29 -0.12 -6.87
C LEU C 146 28.49 1.12 -6.00
N MET C 147 27.53 1.37 -5.12
CA MET C 147 27.54 2.54 -4.25
C MET C 147 27.53 2.12 -2.80
N VAL C 148 28.39 2.72 -1.99
CA VAL C 148 28.41 2.41 -0.56
C VAL C 148 27.17 2.96 0.13
N THR C 149 26.81 4.20 -0.17
CA THR C 149 25.65 4.86 0.42
C THR C 149 24.75 5.41 -0.68
N GLY C 150 23.45 5.22 -0.53
CA GLY C 150 22.48 5.72 -1.48
C GLY C 150 21.20 4.92 -1.48
N PRO C 151 20.25 5.30 -2.34
CA PRO C 151 19.00 4.54 -2.42
C PRO C 151 19.18 3.11 -2.89
N VAL C 152 20.22 2.83 -3.68
CA VAL C 152 20.46 1.50 -4.20
C VAL C 152 21.79 0.98 -3.70
N ALA C 153 22.19 1.39 -2.51
CA ALA C 153 23.46 0.98 -1.94
C ALA C 153 23.44 -0.52 -1.64
N THR C 154 24.57 -1.18 -1.94
CA THR C 154 24.70 -2.61 -1.71
C THR C 154 25.91 -2.97 -0.84
N ALA C 155 26.65 -1.98 -0.36
CA ALA C 155 27.80 -2.28 0.49
C ALA C 155 27.38 -2.72 1.89
N GLY C 156 26.14 -2.49 2.28
CA GLY C 156 25.68 -2.88 3.59
C GLY C 156 25.37 -4.35 3.75
N ILE C 157 25.40 -5.11 2.66
CA ILE C 157 25.18 -6.55 2.75
C ILE C 157 26.32 -7.22 3.52
N PHE C 158 27.56 -6.80 3.25
CA PHE C 158 28.73 -7.47 3.80
C PHE C 158 29.11 -6.95 5.19
N ALA C 159 29.11 -5.63 5.38
CA ALA C 159 29.47 -5.04 6.66
C ALA C 159 28.40 -4.06 7.11
N THR C 160 28.34 -3.84 8.41
CA THR C 160 27.36 -2.92 8.98
C THR C 160 27.83 -1.48 8.87
N TYR C 161 26.88 -0.57 8.72
CA TYR C 161 27.16 0.86 8.61
C TYR C 161 26.28 1.64 9.56
N LEU C 162 26.81 2.75 10.05
CA LEU C 162 26.12 3.53 11.07
C LEU C 162 24.91 4.24 10.46
N PRO C 163 23.73 4.15 11.08
CA PRO C 163 22.57 4.88 10.57
C PRO C 163 22.75 6.38 10.72
N ASP C 164 21.78 7.12 10.15
CA ASP C 164 21.90 8.57 10.11
C ASP C 164 21.69 9.19 11.50
N HIS C 165 20.70 8.72 12.25
CA HIS C 165 20.38 9.34 13.54
C HIS C 165 21.38 8.93 14.62
N MET C 166 22.00 7.76 14.48
CA MET C 166 22.87 7.25 15.53
C MET C 166 24.28 7.81 15.36
N THR C 167 24.94 8.07 16.48
CA THR C 167 26.28 8.67 16.50
C THR C 167 27.33 7.63 16.82
N LEU C 168 28.59 8.07 16.85
CA LEU C 168 29.72 7.15 16.96
C LEU C 168 29.82 6.56 18.36
N TRP C 169 29.86 7.41 19.39
CA TRP C 169 30.08 6.92 20.74
C TRP C 169 28.87 6.13 21.26
N ARG C 170 27.67 6.53 20.87
CA ARG C 170 26.50 5.72 21.21
C ARG C 170 26.57 4.36 20.51
N GLY C 171 27.11 4.31 19.29
CA GLY C 171 27.34 3.03 18.65
C GLY C 171 28.35 2.18 19.41
N PHE C 172 29.41 2.81 19.91
CA PHE C 172 30.38 2.10 20.73
C PHE C 172 29.71 1.51 21.97
N LEU C 173 28.87 2.31 22.63
CA LEU C 173 28.15 1.84 23.81
C LEU C 173 27.23 0.67 23.45
N ASN C 174 26.51 0.77 22.33
CA ASN C 174 25.61 -0.30 21.93
C ASN C 174 26.37 -1.59 21.66
N GLU C 175 27.49 -1.50 20.94
CA GLU C 175 28.27 -2.69 20.62
C GLU C 175 28.80 -3.34 21.89
N ALA C 176 29.38 -2.55 22.79
CA ALA C 176 29.93 -3.10 24.03
C ALA C 176 28.83 -3.75 24.86
N TRP C 177 27.67 -3.10 24.97
CA TRP C 177 26.60 -3.62 25.80
C TRP C 177 26.05 -4.92 25.23
N LEU C 178 25.85 -4.98 23.91
CA LEU C 178 25.34 -6.19 23.29
C LEU C 178 26.32 -7.34 23.44
N THR C 179 27.61 -7.08 23.25
CA THR C 179 28.59 -8.15 23.43
C THR C 179 28.64 -8.63 24.88
N GLY C 180 28.50 -7.70 25.83
CA GLY C 180 28.46 -8.10 27.23
C GLY C 180 27.28 -9.00 27.54
N MET C 181 26.10 -8.64 27.04
CA MET C 181 24.93 -9.49 27.26
C MET C 181 25.11 -10.85 26.60
N LEU C 182 25.66 -10.88 25.39
CA LEU C 182 25.91 -12.15 24.72
C LEU C 182 26.86 -13.03 25.53
N GLN C 183 27.95 -12.45 26.04
CA GLN C 183 28.90 -13.23 26.83
C GLN C 183 28.27 -13.75 28.12
N LEU C 184 27.48 -12.91 28.80
CA LEU C 184 26.84 -13.35 30.04
C LEU C 184 25.89 -14.52 29.77
N CYS C 185 25.06 -14.39 28.72
CA CYS C 185 24.12 -15.47 28.42
C CYS C 185 24.83 -16.75 27.99
N LEU C 186 25.88 -16.62 27.17
CA LEU C 186 26.62 -17.80 26.73
C LEU C 186 27.37 -18.46 27.87
N PHE C 187 27.75 -17.68 28.90
CA PHE C 187 28.38 -18.28 30.07
C PHE C 187 27.35 -18.99 30.94
N ALA C 188 26.17 -18.39 31.07
CA ALA C 188 25.11 -19.01 31.88
C ALA C 188 24.63 -20.32 31.26
N ILE C 189 24.47 -20.35 29.93
CA ILE C 189 23.89 -21.52 29.28
C ILE C 189 24.81 -22.73 29.42
N THR C 190 26.11 -22.54 29.22
CA THR C 190 27.05 -23.65 29.15
C THR C 190 27.53 -24.10 30.53
N ASP C 191 27.45 -23.25 31.55
CA ASP C 191 28.02 -23.57 32.86
C ASP C 191 27.39 -24.83 33.44
N GLN C 192 28.24 -25.80 33.76
CA GLN C 192 27.76 -27.09 34.26
C GLN C 192 27.32 -27.04 35.71
N GLU C 193 27.91 -26.15 36.52
CA GLU C 193 27.61 -26.14 37.95
C GLU C 193 26.23 -25.58 38.22
N ASN C 194 25.84 -24.50 37.55
CA ASN C 194 24.62 -23.79 37.93
C ASN C 194 23.37 -24.45 37.35
N ASN C 195 23.23 -24.42 36.03
CA ASN C 195 22.04 -24.94 35.38
C ASN C 195 22.31 -25.16 33.90
N PRO C 196 23.17 -26.11 33.53
CA PRO C 196 23.48 -26.31 32.11
C PRO C 196 22.28 -26.84 31.35
N ALA C 197 22.23 -26.50 30.06
CA ALA C 197 21.26 -27.10 29.18
C ALA C 197 21.59 -28.57 28.98
N LEU C 198 20.57 -29.35 28.60
CA LEU C 198 20.77 -30.76 28.39
C LEU C 198 21.79 -30.98 27.27
N PRO C 199 22.83 -31.78 27.49
CA PRO C 199 23.86 -31.97 26.46
C PRO C 199 23.27 -32.50 25.17
N GLY C 200 23.77 -31.98 24.05
CA GLY C 200 23.23 -32.28 22.75
C GLY C 200 22.15 -31.32 22.29
N THR C 201 21.68 -30.43 23.16
CA THR C 201 20.67 -29.43 22.80
C THR C 201 21.16 -28.01 23.04
N GLU C 202 22.46 -27.83 23.33
CA GLU C 202 22.98 -26.49 23.59
C GLU C 202 22.97 -25.63 22.33
N ALA C 203 23.14 -26.26 21.16
CA ALA C 203 23.18 -25.50 19.91
C ALA C 203 21.87 -24.78 19.65
N LEU C 204 20.75 -25.46 19.92
CA LEU C 204 19.44 -24.82 19.72
C LEU C 204 19.27 -23.62 20.64
N VAL C 205 19.68 -23.76 21.90
CA VAL C 205 19.55 -22.66 22.86
C VAL C 205 20.42 -21.48 22.45
N ILE C 206 21.65 -21.76 22.00
CA ILE C 206 22.54 -20.68 21.56
C ILE C 206 21.96 -19.98 20.33
N GLY C 207 21.42 -20.77 19.39
CA GLY C 207 20.80 -20.18 18.22
C GLY C 207 19.61 -19.30 18.57
N ILE C 208 18.78 -19.76 19.50
CA ILE C 208 17.64 -18.95 19.93
C ILE C 208 18.11 -17.68 20.62
N LEU C 209 19.19 -17.78 21.39
CA LEU C 209 19.76 -16.59 22.04
C LEU C 209 20.20 -15.57 20.99
N VAL C 210 20.90 -16.02 19.95
CA VAL C 210 21.34 -15.10 18.91
C VAL C 210 20.13 -14.51 18.17
N VAL C 211 19.11 -15.34 17.93
CA VAL C 211 17.91 -14.86 17.24
C VAL C 211 17.24 -13.75 18.05
N ILE C 212 17.07 -13.97 19.35
CA ILE C 212 16.38 -12.96 20.16
C ILE C 212 17.25 -11.72 20.34
N ILE C 213 18.58 -11.88 20.37
CA ILE C 213 19.46 -10.71 20.39
C ILE C 213 19.23 -9.87 19.14
N GLY C 214 19.20 -10.52 17.98
CA GLY C 214 18.95 -9.79 16.75
C GLY C 214 17.58 -9.14 16.72
N VAL C 215 16.57 -9.83 17.24
CA VAL C 215 15.21 -9.29 17.23
C VAL C 215 15.10 -8.08 18.15
N SER C 216 15.72 -8.14 19.33
CA SER C 216 15.47 -7.15 20.37
C SER C 216 16.43 -5.96 20.32
N LEU C 217 17.68 -6.16 19.91
CA LEU C 217 18.70 -5.12 20.01
C LEU C 217 19.48 -5.01 18.71
N GLY C 218 18.77 -4.92 17.59
CA GLY C 218 19.44 -5.02 16.30
C GLY C 218 19.44 -3.79 15.42
N MET C 219 18.41 -2.96 15.50
CA MET C 219 18.25 -1.87 14.53
C MET C 219 19.21 -0.72 14.77
N ASN C 220 19.83 -0.63 15.95
CA ASN C 220 20.68 0.52 16.24
C ASN C 220 21.95 0.50 15.40
N THR C 221 22.66 -0.64 15.36
CA THR C 221 23.94 -0.70 14.67
C THR C 221 24.12 -1.97 13.85
N GLY C 222 23.09 -2.78 13.68
CA GLY C 222 23.24 -4.03 12.97
C GLY C 222 23.77 -5.19 13.80
N TYR C 223 23.91 -5.00 15.11
CA TYR C 223 24.39 -5.99 16.06
C TYR C 223 25.58 -6.78 15.50
N ALA C 224 26.65 -6.04 15.21
CA ALA C 224 27.86 -6.68 14.70
C ALA C 224 28.46 -7.63 15.74
N ILE C 225 28.82 -7.08 16.91
CA ILE C 225 29.37 -7.79 18.06
C ILE C 225 30.33 -8.92 17.68
N ASN C 226 31.01 -8.76 16.54
CA ASN C 226 31.97 -9.76 16.09
C ASN C 226 32.98 -9.10 15.16
N PRO C 227 34.24 -8.97 15.55
CA PRO C 227 35.26 -8.46 14.61
C PRO C 227 35.40 -9.32 13.37
N SER C 228 35.29 -10.65 13.51
CA SER C 228 35.42 -11.53 12.37
C SER C 228 34.26 -11.38 11.40
N ARG C 229 33.06 -11.11 11.91
CA ARG C 229 31.91 -10.89 11.04
C ARG C 229 31.99 -9.56 10.31
N ASP C 230 32.73 -8.59 10.85
CA ASP C 230 32.70 -7.22 10.34
C ASP C 230 33.88 -6.90 9.43
N LEU C 231 35.12 -7.03 9.94
CA LEU C 231 36.26 -6.48 9.23
C LEU C 231 36.56 -7.20 7.91
N PRO C 232 36.67 -8.53 7.85
CA PRO C 232 37.06 -9.19 6.60
C PRO C 232 36.08 -8.93 5.45
N PRO C 233 34.76 -8.91 5.69
CA PRO C 233 33.87 -8.51 4.58
C PRO C 233 34.11 -7.10 4.10
N ARG C 234 34.42 -6.17 5.01
CA ARG C 234 34.73 -4.80 4.60
C ARG C 234 35.98 -4.75 3.74
N ILE C 235 37.02 -5.50 4.13
CA ILE C 235 38.23 -5.56 3.33
C ILE C 235 37.94 -6.16 1.96
N PHE C 236 37.11 -7.21 1.93
CA PHE C 236 36.77 -7.83 0.65
C PHE C 236 36.04 -6.86 -0.26
N THR C 237 35.10 -6.08 0.28
CA THR C 237 34.42 -5.09 -0.55
C THR C 237 35.40 -4.03 -1.05
N PHE C 238 36.31 -3.59 -0.18
CA PHE C 238 37.28 -2.58 -0.57
C PHE C 238 38.16 -3.06 -1.73
N ILE C 239 38.61 -4.31 -1.68
CA ILE C 239 39.42 -4.81 -2.79
C ILE C 239 38.59 -5.26 -3.97
N ALA C 240 37.29 -5.53 -3.79
CA ALA C 240 36.43 -5.92 -4.89
C ALA C 240 36.02 -4.74 -5.74
N GLY C 241 35.89 -3.55 -5.15
CA GLY C 241 35.61 -2.38 -5.97
C GLY C 241 34.65 -1.36 -5.44
N TRP C 242 34.14 -1.56 -4.22
CA TRP C 242 33.29 -0.56 -3.61
C TRP C 242 34.03 0.72 -3.27
N GLY C 243 35.36 0.72 -3.33
CA GLY C 243 36.15 1.91 -3.09
C GLY C 243 36.60 2.05 -1.66
N LYS C 244 37.31 3.15 -1.41
CA LYS C 244 37.82 3.45 -0.08
C LYS C 244 36.79 4.13 0.80
N GLN C 245 35.59 4.40 0.29
CA GLN C 245 34.53 5.00 1.08
C GLN C 245 34.02 4.06 2.17
N VAL C 246 34.33 2.77 2.11
CA VAL C 246 33.86 1.84 3.12
C VAL C 246 34.48 2.13 4.47
N PHE C 247 35.74 2.57 4.50
CA PHE C 247 36.41 2.84 5.77
C PHE C 247 36.06 4.24 6.30
N SER C 248 36.10 5.25 5.43
CA SER C 248 35.92 6.63 5.86
C SER C 248 34.47 6.99 6.15
N ASN C 249 33.51 6.15 5.79
CA ASN C 249 32.11 6.47 6.00
C ASN C 249 31.77 6.45 7.49
N GLY C 250 30.89 7.36 7.90
CA GLY C 250 30.43 7.40 9.28
C GLY C 250 31.52 7.75 10.28
N GLU C 251 32.37 8.71 9.94
CA GLU C 251 33.42 9.20 10.85
C GLU C 251 34.34 8.07 11.29
N ASN C 252 34.77 7.26 10.32
CA ASN C 252 35.65 6.12 10.57
C ASN C 252 35.04 5.15 11.57
N TRP C 253 33.90 4.57 11.16
CA TRP C 253 33.15 3.66 12.02
C TRP C 253 33.78 2.28 12.13
N TRP C 254 34.72 1.94 11.23
CA TRP C 254 35.17 0.56 11.10
C TRP C 254 35.86 0.04 12.36
N TRP C 255 36.50 0.92 13.13
CA TRP C 255 37.27 0.44 14.28
C TRP C 255 36.42 0.16 15.51
N VAL C 256 35.19 0.66 15.55
CA VAL C 256 34.34 0.43 16.73
C VAL C 256 33.99 -1.05 16.90
N PRO C 257 33.54 -1.78 15.88
CA PRO C 257 33.26 -3.22 16.08
C PRO C 257 34.50 -4.04 16.39
N VAL C 258 35.69 -3.50 16.21
CA VAL C 258 36.91 -4.22 16.56
C VAL C 258 37.32 -4.00 18.00
N VAL C 259 36.93 -2.89 18.61
CA VAL C 259 37.37 -2.54 19.96
C VAL C 259 36.29 -2.79 20.99
N ALA C 260 35.06 -2.35 20.73
CA ALA C 260 34.00 -2.44 21.75
C ALA C 260 33.70 -3.86 22.19
N PRO C 261 33.52 -4.85 21.31
CA PRO C 261 33.13 -6.18 21.78
C PRO C 261 34.10 -6.82 22.76
N LEU C 262 35.41 -6.55 22.64
CA LEU C 262 36.36 -7.15 23.58
C LEU C 262 36.06 -6.71 25.00
N LEU C 263 35.95 -5.40 25.21
CA LEU C 263 35.64 -4.87 26.54
C LEU C 263 34.27 -5.34 27.00
N GLY C 264 33.29 -5.36 26.10
CA GLY C 264 31.97 -5.82 26.49
C GLY C 264 31.96 -7.25 26.99
N ALA C 265 32.61 -8.14 26.24
CA ALA C 265 32.66 -9.55 26.64
C ALA C 265 33.42 -9.74 27.94
N TYR C 266 34.54 -9.03 28.10
CA TYR C 266 35.30 -9.16 29.34
C TYR C 266 34.47 -8.72 30.54
N LEU C 267 33.76 -7.58 30.41
CA LEU C 267 32.95 -7.11 31.52
C LEU C 267 31.80 -8.06 31.81
N GLY C 268 31.16 -8.60 30.77
CA GLY C 268 30.07 -9.54 31.01
C GLY C 268 30.52 -10.80 31.71
N GLY C 269 31.66 -11.36 31.27
CA GLY C 269 32.19 -12.53 31.95
C GLY C 269 32.56 -12.25 33.39
N ILE C 270 33.19 -11.10 33.64
CA ILE C 270 33.55 -10.74 35.01
C ILE C 270 32.31 -10.62 35.89
N ILE C 271 31.27 -9.96 35.37
CA ILE C 271 30.05 -9.76 36.15
C ILE C 271 29.41 -11.10 36.48
N TYR C 272 29.29 -11.99 35.48
CA TYR C 272 28.67 -13.28 35.74
C TYR C 272 29.47 -14.08 36.76
N LEU C 273 30.80 -14.13 36.58
CA LEU C 273 31.62 -14.91 37.49
C LEU C 273 31.55 -14.37 38.91
N VAL C 274 31.58 -13.05 39.07
CA VAL C 274 31.58 -12.46 40.41
C VAL C 274 30.22 -12.66 41.09
N PHE C 275 29.13 -12.42 40.37
CA PHE C 275 27.82 -12.42 41.02
C PHE C 275 27.18 -13.80 41.07
N ILE C 276 27.00 -14.45 39.92
CA ILE C 276 26.19 -15.65 39.84
C ILE C 276 27.05 -16.91 39.86
N GLY C 277 28.16 -16.92 39.13
CA GLY C 277 29.01 -18.08 39.09
C GLY C 277 29.84 -18.29 40.34
N SER C 278 29.16 -18.40 41.48
CA SER C 278 29.81 -18.61 42.78
C SER C 278 30.86 -17.54 43.07
N GLN D 26 -15.37 -35.61 48.14
CA GLN D 26 -14.18 -35.75 47.30
C GLN D 26 -14.02 -37.20 46.83
N GLU D 27 -14.95 -38.07 47.26
CA GLU D 27 -14.88 -39.47 46.87
C GLU D 27 -15.12 -39.65 45.38
N ILE D 28 -15.86 -38.73 44.75
CA ILE D 28 -16.11 -38.83 43.31
C ILE D 28 -14.82 -38.69 42.53
N LEU D 29 -13.96 -37.74 42.93
CA LEU D 29 -12.72 -37.48 42.22
C LEU D 29 -11.73 -38.64 42.31
N GLN D 30 -11.95 -39.60 43.21
CA GLN D 30 -11.04 -40.73 43.33
C GLN D 30 -11.15 -41.68 42.13
N ARG D 31 -12.35 -41.81 41.57
CA ARG D 31 -12.56 -42.74 40.46
C ARG D 31 -11.76 -42.31 39.23
N LYS D 32 -11.26 -43.31 38.50
CA LYS D 32 -10.43 -43.03 37.33
C LYS D 32 -11.25 -42.45 36.18
N MET D 33 -12.53 -42.81 36.09
CA MET D 33 -13.38 -42.27 35.03
C MET D 33 -13.51 -40.75 35.16
N VAL D 34 -13.71 -40.26 36.38
CA VAL D 34 -13.80 -38.82 36.61
C VAL D 34 -12.49 -38.14 36.25
N ARG D 35 -11.36 -38.78 36.58
CA ARG D 35 -10.06 -38.21 36.24
C ARG D 35 -9.89 -38.11 34.72
N GLU D 36 -10.25 -39.17 33.99
CA GLU D 36 -10.13 -39.15 32.55
C GLU D 36 -11.13 -38.18 31.91
N PHE D 37 -12.21 -37.85 32.60
CA PHE D 37 -13.12 -36.82 32.11
C PHE D 37 -12.55 -35.42 32.33
N LEU D 38 -12.06 -35.17 33.54
CA LEU D 38 -11.56 -33.84 33.89
C LEU D 38 -10.31 -33.49 33.10
N ALA D 39 -9.40 -34.45 32.90
CA ALA D 39 -8.19 -34.15 32.16
C ALA D 39 -8.49 -33.76 30.72
N GLU D 40 -9.38 -34.53 30.07
CA GLU D 40 -9.80 -34.18 28.71
C GLU D 40 -10.47 -32.82 28.66
N PHE D 41 -11.35 -32.56 29.63
CA PHE D 41 -12.04 -31.27 29.68
C PHE D 41 -11.04 -30.12 29.74
N MET D 42 -10.09 -30.19 30.68
CA MET D 42 -9.13 -29.11 30.86
C MET D 42 -8.23 -28.94 29.64
N SER D 43 -7.71 -30.04 29.11
CA SER D 43 -6.79 -29.94 27.97
C SER D 43 -7.49 -29.36 26.74
N THR D 44 -8.69 -29.88 26.43
CA THR D 44 -9.44 -29.35 25.30
C THR D 44 -9.78 -27.88 25.52
N TYR D 45 -10.14 -27.51 26.75
CA TYR D 45 -10.45 -26.11 27.05
C TYR D 45 -9.26 -25.21 26.75
N VAL D 46 -8.07 -25.59 27.23
CA VAL D 46 -6.89 -24.75 27.04
C VAL D 46 -6.56 -24.63 25.55
N MET D 47 -6.55 -25.76 24.84
CA MET D 47 -6.19 -25.74 23.43
C MET D 47 -7.18 -24.91 22.62
N MET D 48 -8.47 -25.07 22.88
CA MET D 48 -9.48 -24.29 22.15
C MET D 48 -9.37 -22.82 22.48
N VAL D 49 -9.07 -22.47 23.74
CA VAL D 49 -8.92 -21.06 24.11
C VAL D 49 -7.79 -20.44 23.31
N PHE D 50 -6.63 -21.11 23.26
CA PHE D 50 -5.50 -20.56 22.52
C PHE D 50 -5.82 -20.43 21.03
N GLY D 51 -6.43 -21.46 20.44
CA GLY D 51 -6.73 -21.41 19.02
C GLY D 51 -7.71 -20.31 18.66
N LEU D 52 -8.79 -20.20 19.43
CA LEU D 52 -9.79 -19.17 19.15
C LEU D 52 -9.24 -17.77 19.40
N GLY D 53 -8.36 -17.61 20.41
CA GLY D 53 -7.73 -16.31 20.59
C GLY D 53 -6.87 -15.91 19.40
N SER D 54 -6.09 -16.86 18.86
CA SER D 54 -5.28 -16.56 17.69
C SER D 54 -6.16 -16.22 16.49
N VAL D 55 -7.25 -16.97 16.29
CA VAL D 55 -8.15 -16.70 15.17
C VAL D 55 -8.78 -15.32 15.30
N ALA D 56 -9.21 -14.96 16.52
CA ALA D 56 -9.80 -13.64 16.74
C ALA D 56 -8.79 -12.52 16.48
N HIS D 57 -7.54 -12.72 16.91
CA HIS D 57 -6.50 -11.75 16.60
C HIS D 57 -6.33 -11.58 15.10
N MET D 58 -6.32 -12.69 14.35
CA MET D 58 -6.17 -12.59 12.91
C MET D 58 -7.34 -11.86 12.27
N VAL D 59 -8.57 -12.14 12.73
CA VAL D 59 -9.75 -11.64 12.06
C VAL D 59 -9.97 -10.16 12.38
N LEU D 60 -9.94 -9.79 13.66
CA LEU D 60 -10.37 -8.46 14.06
C LEU D 60 -9.35 -7.39 13.68
N ASN D 61 -8.13 -7.48 14.23
CA ASN D 61 -7.12 -6.45 14.04
C ASN D 61 -6.07 -6.96 13.06
N LYS D 62 -5.86 -6.21 11.99
CA LYS D 62 -4.89 -6.62 10.96
C LYS D 62 -3.46 -6.37 11.39
N LYS D 63 -3.21 -5.32 12.17
CA LYS D 63 -1.85 -5.03 12.61
C LYS D 63 -1.32 -6.12 13.54
N TYR D 64 -2.16 -6.65 14.41
CA TYR D 64 -1.75 -7.62 15.41
C TYR D 64 -2.06 -9.06 15.01
N GLY D 65 -2.48 -9.30 13.78
CA GLY D 65 -2.91 -10.62 13.37
C GLY D 65 -2.27 -11.04 12.06
N SER D 66 -2.04 -12.34 11.94
CA SER D 66 -1.49 -12.93 10.73
C SER D 66 -1.83 -14.41 10.71
N TYR D 67 -1.76 -15.00 9.51
CA TYR D 67 -2.03 -16.42 9.37
C TYR D 67 -1.01 -17.26 10.13
N LEU D 68 0.26 -16.87 10.07
CA LEU D 68 1.29 -17.58 10.82
C LEU D 68 1.03 -17.52 12.31
N GLY D 69 0.46 -16.42 12.80
CA GLY D 69 0.07 -16.37 14.21
C GLY D 69 -0.97 -17.40 14.56
N VAL D 70 -1.97 -17.57 13.69
CA VAL D 70 -3.00 -18.59 13.91
C VAL D 70 -2.36 -19.97 13.92
N ASN D 71 -1.48 -20.24 12.96
CA ASN D 71 -0.83 -21.54 12.90
C ASN D 71 -0.03 -21.82 14.17
N LEU D 72 0.78 -20.86 14.60
CA LEU D 72 1.60 -21.05 15.80
C LEU D 72 0.73 -21.26 17.03
N GLY D 73 -0.31 -20.44 17.20
CA GLY D 73 -1.15 -20.57 18.38
C GLY D 73 -1.87 -21.90 18.42
N PHE D 74 -2.50 -22.28 17.30
CA PHE D 74 -3.27 -23.51 17.25
C PHE D 74 -2.38 -24.76 17.20
N GLY D 75 -1.10 -24.61 16.91
CA GLY D 75 -0.20 -25.73 16.95
C GLY D 75 0.44 -25.94 18.31
N PHE D 76 0.86 -24.86 18.96
CA PHE D 76 1.51 -24.97 20.25
C PHE D 76 0.52 -24.87 21.41
N GLY D 77 -0.78 -24.74 21.13
CA GLY D 77 -1.76 -25.01 22.16
C GLY D 77 -1.98 -26.49 22.38
N VAL D 78 -1.84 -27.29 21.32
CA VAL D 78 -1.90 -28.74 21.44
C VAL D 78 -0.73 -29.26 22.28
N THR D 79 0.42 -28.59 22.22
CA THR D 79 1.55 -28.95 23.06
C THR D 79 1.22 -28.78 24.54
N MET D 80 0.59 -27.67 24.90
CA MET D 80 0.23 -27.45 26.29
C MET D 80 -0.88 -28.39 26.73
N GLY D 81 -1.82 -28.70 25.82
CA GLY D 81 -2.85 -29.68 26.16
C GLY D 81 -2.27 -31.06 26.43
N VAL D 82 -1.32 -31.49 25.59
CA VAL D 82 -0.65 -32.78 25.80
C VAL D 82 0.12 -32.77 27.12
N HIS D 83 0.78 -31.65 27.42
CA HIS D 83 1.50 -31.56 28.69
C HIS D 83 0.54 -31.65 29.88
N VAL D 84 -0.63 -31.01 29.78
CA VAL D 84 -1.58 -31.03 30.88
C VAL D 84 -2.17 -32.42 31.09
N ALA D 85 -2.63 -33.05 30.01
CA ALA D 85 -3.38 -34.30 30.11
C ALA D 85 -2.67 -35.46 29.45
N GLY D 86 -1.37 -35.59 29.67
CA GLY D 86 -0.59 -36.63 29.03
C GLY D 86 -0.79 -38.02 29.61
N ARG D 87 -0.48 -38.19 30.89
CA ARG D 87 -0.51 -39.52 31.50
C ARG D 87 -1.92 -40.00 31.81
N ILE D 88 -2.82 -39.08 32.20
CA ILE D 88 -4.13 -39.50 32.71
C ILE D 88 -4.93 -40.19 31.62
N SER D 89 -5.01 -39.58 30.44
CA SER D 89 -5.84 -40.12 29.37
C SER D 89 -5.18 -40.10 27.99
N GLY D 90 -3.96 -39.60 27.87
CA GLY D 90 -3.29 -39.52 26.59
C GLY D 90 -3.54 -38.24 25.81
N ALA D 91 -4.46 -37.39 26.28
CA ALA D 91 -4.76 -36.11 25.65
C ALA D 91 -5.17 -36.31 24.19
N HIS D 92 -6.27 -37.03 24.00
CA HIS D 92 -6.81 -37.20 22.65
C HIS D 92 -7.25 -35.87 22.07
N MET D 93 -8.07 -35.13 22.80
CA MET D 93 -8.47 -33.77 22.47
C MET D 93 -9.17 -33.65 21.11
N ASN D 94 -9.53 -34.77 20.50
CA ASN D 94 -10.17 -34.78 19.19
C ASN D 94 -10.96 -36.07 19.05
N ALA D 95 -12.23 -35.95 18.67
CA ALA D 95 -13.09 -37.13 18.59
C ALA D 95 -12.63 -38.07 17.49
N ALA D 96 -12.03 -37.56 16.42
CA ALA D 96 -11.54 -38.43 15.35
C ALA D 96 -10.43 -39.35 15.85
N VAL D 97 -9.50 -38.81 16.64
CA VAL D 97 -8.42 -39.63 17.19
C VAL D 97 -8.98 -40.70 18.12
N THR D 98 -9.94 -40.33 18.97
CA THR D 98 -10.55 -41.31 19.88
C THR D 98 -11.26 -42.41 19.10
N PHE D 99 -12.01 -42.04 18.06
CA PHE D 99 -12.69 -43.05 17.25
C PHE D 99 -11.69 -43.96 16.55
N ALA D 100 -10.61 -43.40 16.01
CA ALA D 100 -9.61 -44.22 15.34
C ALA D 100 -8.94 -45.19 16.32
N ASN D 101 -8.63 -44.71 17.53
CA ASN D 101 -8.01 -45.58 18.53
C ASN D 101 -8.98 -46.68 18.97
N CYS D 102 -10.26 -46.35 19.16
CA CYS D 102 -11.22 -47.34 19.60
C CYS D 102 -11.49 -48.38 18.52
N ALA D 103 -11.52 -47.96 17.25
CA ALA D 103 -11.77 -48.90 16.17
C ALA D 103 -10.64 -49.90 16.01
N LEU D 104 -9.41 -49.50 16.33
CA LEU D 104 -8.25 -50.38 16.22
C LEU D 104 -8.04 -51.23 17.47
N GLY D 105 -8.88 -51.08 18.48
CA GLY D 105 -8.77 -51.87 19.69
C GLY D 105 -7.82 -51.35 20.74
N ARG D 106 -7.15 -50.22 20.49
CA ARG D 106 -6.22 -49.67 21.47
C ARG D 106 -6.96 -49.16 22.70
N VAL D 107 -8.14 -48.57 22.51
CA VAL D 107 -8.94 -48.02 23.60
C VAL D 107 -10.30 -48.71 23.57
N PRO D 108 -10.79 -49.23 24.69
CA PRO D 108 -12.12 -49.87 24.69
C PRO D 108 -13.23 -48.86 24.42
N TRP D 109 -14.34 -49.37 23.90
CA TRP D 109 -15.48 -48.52 23.54
C TRP D 109 -16.19 -47.93 24.76
N ARG D 110 -15.88 -48.40 25.96
CA ARG D 110 -16.55 -47.89 27.15
C ARG D 110 -16.22 -46.42 27.40
N LYS D 111 -14.98 -46.02 27.12
CA LYS D 111 -14.50 -44.68 27.44
C LYS D 111 -14.76 -43.67 26.34
N PHE D 112 -15.33 -44.08 25.21
CA PHE D 112 -15.60 -43.13 24.12
C PHE D 112 -16.61 -42.06 24.51
N PRO D 113 -17.79 -42.36 25.05
CA PRO D 113 -18.72 -41.28 25.40
C PRO D 113 -18.17 -40.30 26.42
N VAL D 114 -17.39 -40.78 27.39
CA VAL D 114 -16.84 -39.89 28.41
C VAL D 114 -15.88 -38.89 27.77
N TYR D 115 -14.99 -39.38 26.90
CA TYR D 115 -14.06 -38.49 26.21
C TYR D 115 -14.81 -37.49 25.33
N VAL D 116 -15.83 -37.96 24.61
CA VAL D 116 -16.57 -37.06 23.72
C VAL D 116 -17.26 -35.97 24.53
N LEU D 117 -17.91 -36.33 25.64
CA LEU D 117 -18.58 -35.34 26.47
C LEU D 117 -17.60 -34.34 27.05
N GLY D 118 -16.46 -34.82 27.54
CA GLY D 118 -15.46 -33.91 28.09
C GLY D 118 -14.96 -32.92 27.05
N GLN D 119 -14.65 -33.42 25.85
CA GLN D 119 -14.17 -32.54 24.78
C GLN D 119 -15.23 -31.51 24.40
N PHE D 120 -16.49 -31.95 24.27
CA PHE D 120 -17.55 -31.03 23.88
C PHE D 120 -17.74 -29.93 24.92
N LEU D 121 -17.79 -30.31 26.21
CA LEU D 121 -17.96 -29.31 27.26
C LEU D 121 -16.78 -28.35 27.29
N GLY D 122 -15.56 -28.86 27.18
CA GLY D 122 -14.40 -27.99 27.19
C GLY D 122 -14.40 -27.00 26.04
N SER D 123 -14.73 -27.48 24.83
CA SER D 123 -14.78 -26.59 23.68
C SER D 123 -15.87 -25.53 23.82
N PHE D 124 -17.05 -25.93 24.33
CA PHE D 124 -18.13 -24.96 24.51
C PHE D 124 -17.73 -23.88 25.50
N LEU D 125 -17.14 -24.28 26.63
CA LEU D 125 -16.73 -23.28 27.61
C LEU D 125 -15.60 -22.40 27.08
N ALA D 126 -14.69 -22.97 26.28
CA ALA D 126 -13.63 -22.16 25.69
C ALA D 126 -14.20 -21.12 24.72
N ALA D 127 -15.18 -21.51 23.91
CA ALA D 127 -15.83 -20.56 23.03
C ALA D 127 -16.52 -19.46 23.82
N ALA D 128 -17.19 -19.83 24.92
CA ALA D 128 -17.82 -18.82 25.76
C ALA D 128 -16.81 -17.86 26.34
N THR D 129 -15.66 -18.38 26.82
CA THR D 129 -14.63 -17.51 27.38
C THR D 129 -14.08 -16.56 26.33
N ILE D 130 -13.81 -17.06 25.11
CA ILE D 130 -13.28 -16.21 24.06
C ILE D 130 -14.29 -15.14 23.67
N TYR D 131 -15.57 -15.49 23.64
CA TYR D 131 -16.61 -14.49 23.38
C TYR D 131 -16.63 -13.45 24.48
N SER D 132 -16.46 -13.86 25.74
CA SER D 132 -16.49 -12.93 26.85
C SER D 132 -15.31 -11.96 26.81
N LEU D 133 -14.13 -12.44 26.44
CA LEU D 133 -12.94 -11.59 26.50
C LEU D 133 -12.94 -10.52 25.40
N PHE D 134 -13.31 -10.90 24.18
CA PHE D 134 -13.22 -10.01 23.03
C PHE D 134 -14.55 -9.36 22.68
N TYR D 135 -15.41 -9.11 23.67
CA TYR D 135 -16.76 -8.60 23.40
C TYR D 135 -16.72 -7.20 22.80
N THR D 136 -16.00 -6.28 23.45
CA THR D 136 -15.97 -4.90 22.99
C THR D 136 -15.33 -4.79 21.62
N ALA D 137 -14.24 -5.53 21.39
CA ALA D 137 -13.59 -5.50 20.08
C ALA D 137 -14.52 -6.02 18.99
N ILE D 138 -15.26 -7.08 19.27
CA ILE D 138 -16.21 -7.63 18.30
C ILE D 138 -17.29 -6.60 17.98
N LEU D 139 -17.84 -5.95 19.02
CA LEU D 139 -18.87 -4.95 18.79
C LEU D 139 -18.33 -3.77 17.98
N HIS D 140 -17.10 -3.34 18.27
CA HIS D 140 -16.51 -2.22 17.55
C HIS D 140 -16.25 -2.58 16.09
N PHE D 141 -15.74 -3.78 15.84
CA PHE D 141 -15.44 -4.18 14.47
C PHE D 141 -16.71 -4.38 13.65
N SER D 142 -17.71 -5.04 14.22
CA SER D 142 -18.94 -5.32 13.49
C SER D 142 -19.88 -4.13 13.43
N GLY D 143 -19.63 -3.09 14.21
CA GLY D 143 -20.53 -1.95 14.27
C GLY D 143 -21.78 -2.18 15.08
N GLY D 144 -21.86 -3.28 15.82
CA GLY D 144 -23.02 -3.60 16.63
C GLY D 144 -23.93 -4.66 16.05
N GLN D 145 -23.74 -5.03 14.79
CA GLN D 145 -24.58 -6.02 14.12
C GLN D 145 -23.75 -7.27 13.83
N LEU D 146 -24.26 -8.43 14.27
CA LEU D 146 -23.56 -9.70 14.11
C LEU D 146 -24.03 -10.37 12.82
N MET D 147 -23.11 -10.55 11.88
CA MET D 147 -23.41 -11.13 10.57
C MET D 147 -22.58 -12.37 10.36
N VAL D 148 -23.22 -13.43 9.89
CA VAL D 148 -22.51 -14.68 9.60
C VAL D 148 -21.61 -14.51 8.38
N THR D 149 -22.14 -13.89 7.32
CA THR D 149 -21.40 -13.68 6.08
C THR D 149 -21.48 -12.20 5.70
N GLY D 150 -20.35 -11.66 5.27
CA GLY D 150 -20.30 -10.27 4.84
C GLY D 150 -18.91 -9.67 4.98
N PRO D 151 -18.76 -8.41 4.62
CA PRO D 151 -17.46 -7.75 4.78
C PRO D 151 -17.00 -7.63 6.22
N VAL D 152 -17.93 -7.58 7.17
CA VAL D 152 -17.60 -7.44 8.59
C VAL D 152 -18.09 -8.65 9.37
N ALA D 153 -18.14 -9.80 8.70
CA ALA D 153 -18.62 -11.02 9.34
C ALA D 153 -17.67 -11.45 10.46
N THR D 154 -18.26 -11.89 11.57
CA THR D 154 -17.50 -12.33 12.73
C THR D 154 -17.85 -13.75 13.17
N ALA D 155 -18.73 -14.44 12.46
CA ALA D 155 -19.08 -15.81 12.84
C ALA D 155 -17.98 -16.80 12.49
N GLY D 156 -17.02 -16.41 11.64
CA GLY D 156 -15.94 -17.30 11.28
C GLY D 156 -14.86 -17.45 12.32
N ILE D 157 -14.90 -16.65 13.38
CA ILE D 157 -13.93 -16.79 14.45
C ILE D 157 -14.09 -18.13 15.16
N PHE D 158 -15.34 -18.53 15.42
CA PHE D 158 -15.62 -19.71 16.23
C PHE D 158 -15.63 -21.00 15.41
N ALA D 159 -16.26 -20.99 14.24
CA ALA D 159 -16.34 -22.17 13.40
C ALA D 159 -15.91 -21.84 11.99
N THR D 160 -15.46 -22.86 11.27
CA THR D 160 -15.01 -22.68 9.89
C THR D 160 -16.18 -22.68 8.93
N TYR D 161 -16.04 -21.92 7.85
CA TYR D 161 -17.07 -21.80 6.84
C TYR D 161 -16.46 -22.02 5.45
N LEU D 162 -17.26 -22.57 4.56
CA LEU D 162 -16.76 -22.94 3.23
C LEU D 162 -16.50 -21.69 2.40
N PRO D 163 -15.33 -21.57 1.77
CA PRO D 163 -15.08 -20.43 0.88
C PRO D 163 -15.97 -20.46 -0.35
N ASP D 164 -15.89 -19.37 -1.11
CA ASP D 164 -16.77 -19.22 -2.27
C ASP D 164 -16.41 -20.18 -3.40
N HIS D 165 -15.12 -20.31 -3.70
CA HIS D 165 -14.70 -21.14 -4.83
C HIS D 165 -14.79 -22.63 -4.52
N MET D 166 -14.67 -23.01 -3.25
CA MET D 166 -14.61 -24.41 -2.88
C MET D 166 -16.01 -24.97 -2.72
N THR D 167 -16.19 -26.24 -3.10
CA THR D 167 -17.49 -26.89 -3.08
C THR D 167 -17.58 -27.86 -1.90
N LEU D 168 -18.74 -28.52 -1.78
CA LEU D 168 -19.02 -29.33 -0.61
C LEU D 168 -18.22 -30.63 -0.61
N TRP D 169 -18.30 -31.39 -1.70
CA TRP D 169 -17.65 -32.70 -1.73
C TRP D 169 -16.13 -32.57 -1.76
N ARG D 170 -15.61 -31.55 -2.43
CA ARG D 170 -14.17 -31.29 -2.35
C ARG D 170 -13.75 -30.93 -0.93
N GLY D 171 -14.61 -30.22 -0.19
CA GLY D 171 -14.32 -29.98 1.21
C GLY D 171 -14.31 -31.25 2.03
N PHE D 172 -15.25 -32.16 1.74
CA PHE D 172 -15.25 -33.47 2.40
C PHE D 172 -13.94 -34.20 2.14
N LEU D 173 -13.49 -34.19 0.88
CA LEU D 173 -12.24 -34.84 0.52
C LEU D 173 -11.06 -34.20 1.27
N ASN D 174 -11.03 -32.87 1.32
CA ASN D 174 -9.94 -32.17 2.00
C ASN D 174 -9.90 -32.54 3.49
N GLU D 175 -11.06 -32.52 4.14
CA GLU D 175 -11.12 -32.83 5.57
C GLU D 175 -10.65 -34.26 5.83
N ALA D 176 -11.16 -35.22 5.06
CA ALA D 176 -10.77 -36.61 5.27
C ALA D 176 -9.28 -36.80 5.04
N TRP D 177 -8.73 -36.18 3.99
CA TRP D 177 -7.33 -36.35 3.67
C TRP D 177 -6.44 -35.74 4.75
N LEU D 178 -6.78 -34.54 5.22
CA LEU D 178 -5.99 -33.90 6.26
C LEU D 178 -6.02 -34.71 7.55
N THR D 179 -7.20 -35.23 7.92
CA THR D 179 -7.26 -36.05 9.13
C THR D 179 -6.46 -37.33 8.97
N GLY D 180 -6.45 -37.91 7.77
CA GLY D 180 -5.65 -39.10 7.53
C GLY D 180 -4.16 -38.83 7.72
N MET D 181 -3.68 -37.72 7.13
CA MET D 181 -2.27 -37.38 7.30
C MET D 181 -1.94 -37.09 8.76
N LEU D 182 -2.83 -36.39 9.47
CA LEU D 182 -2.61 -36.13 10.88
C LEU D 182 -2.51 -37.43 11.67
N GLN D 183 -3.41 -38.38 11.41
CA GLN D 183 -3.38 -39.65 12.14
C GLN D 183 -2.11 -40.43 11.83
N LEU D 184 -1.70 -40.48 10.56
CA LEU D 184 -0.47 -41.21 10.23
C LEU D 184 0.73 -40.61 10.93
N CYS D 185 0.85 -39.27 10.89
CA CYS D 185 2.00 -38.65 11.54
C CYS D 185 1.96 -38.83 13.06
N LEU D 186 0.78 -38.69 13.67
CA LEU D 186 0.67 -38.86 15.11
C LEU D 186 0.83 -40.31 15.54
N PHE D 187 0.69 -41.25 14.60
CA PHE D 187 1.02 -42.64 14.85
C PHE D 187 2.50 -42.91 14.67
N ALA D 188 3.17 -42.11 13.84
CA ALA D 188 4.61 -42.25 13.65
C ALA D 188 5.41 -41.66 14.81
N ILE D 189 5.07 -40.44 15.24
CA ILE D 189 5.83 -39.74 16.28
C ILE D 189 5.78 -40.47 17.62
N THR D 190 4.75 -41.29 17.83
CA THR D 190 4.54 -41.91 19.14
C THR D 190 4.94 -43.38 19.20
N ASP D 191 4.98 -44.07 18.06
CA ASP D 191 5.27 -45.49 18.04
C ASP D 191 6.65 -45.77 18.61
N GLN D 192 6.71 -46.63 19.64
CA GLN D 192 7.96 -46.94 20.32
C GLN D 192 8.83 -47.90 19.53
N GLU D 193 8.24 -48.77 18.70
CA GLU D 193 9.01 -49.79 18.02
C GLU D 193 9.85 -49.20 16.89
N ASN D 194 9.27 -48.30 16.09
CA ASN D 194 9.94 -47.87 14.87
C ASN D 194 10.99 -46.79 15.14
N ASN D 195 10.54 -45.61 15.57
CA ASN D 195 11.45 -44.48 15.79
C ASN D 195 10.77 -43.43 16.65
N PRO D 196 10.52 -43.71 17.93
CA PRO D 196 9.83 -42.73 18.76
C PRO D 196 10.70 -41.51 19.02
N ALA D 197 10.02 -40.37 19.22
CA ALA D 197 10.72 -39.18 19.67
C ALA D 197 11.19 -39.38 21.11
N LEU D 198 12.22 -38.63 21.48
CA LEU D 198 12.77 -38.73 22.82
C LEU D 198 11.68 -38.39 23.84
N PRO D 199 11.45 -39.23 24.84
CA PRO D 199 10.36 -38.96 25.81
C PRO D 199 10.57 -37.64 26.51
N GLY D 200 9.47 -36.92 26.72
CA GLY D 200 9.51 -35.57 27.24
C GLY D 200 9.60 -34.48 26.19
N THR D 201 9.82 -34.85 24.93
CA THR D 201 9.87 -33.87 23.84
C THR D 201 8.84 -34.17 22.76
N GLU D 202 7.92 -35.11 23.01
CA GLU D 202 6.91 -35.43 22.01
C GLU D 202 5.94 -34.28 21.79
N ALA D 203 5.67 -33.49 22.83
CA ALA D 203 4.72 -32.39 22.70
C ALA D 203 5.19 -31.35 21.70
N LEU D 204 6.49 -31.03 21.72
CA LEU D 204 7.02 -30.06 20.76
C LEU D 204 6.87 -30.56 19.32
N VAL D 205 7.16 -31.84 19.09
CA VAL D 205 7.05 -32.39 17.74
C VAL D 205 5.60 -32.41 17.29
N ILE D 206 4.68 -32.75 18.19
CA ILE D 206 3.25 -32.74 17.83
C ILE D 206 2.80 -31.33 17.50
N GLY D 207 3.25 -30.35 18.29
CA GLY D 207 2.91 -28.97 18.00
C GLY D 207 3.45 -28.50 16.66
N ILE D 208 4.68 -28.88 16.34
CA ILE D 208 5.26 -28.51 15.05
C ILE D 208 4.50 -29.19 13.92
N LEU D 209 4.05 -30.43 14.13
CA LEU D 209 3.25 -31.11 13.12
C LEU D 209 1.96 -30.36 12.86
N VAL D 210 1.26 -29.93 13.93
CA VAL D 210 0.03 -29.18 13.75
C VAL D 210 0.30 -27.85 13.06
N VAL D 211 1.42 -27.20 13.41
CA VAL D 211 1.76 -25.92 12.81
C VAL D 211 1.98 -26.08 11.31
N ILE D 212 2.74 -27.10 10.91
CA ILE D 212 3.01 -27.27 9.48
C ILE D 212 1.78 -27.74 8.74
N ILE D 213 0.89 -28.51 9.40
CA ILE D 213 -0.38 -28.85 8.76
C ILE D 213 -1.18 -27.58 8.46
N GLY D 214 -1.25 -26.68 9.44
CA GLY D 214 -1.97 -25.43 9.22
C GLY D 214 -1.33 -24.59 8.14
N VAL D 215 0.01 -24.56 8.10
CA VAL D 215 0.71 -23.74 7.11
C VAL D 215 0.51 -24.30 5.70
N SER D 216 0.57 -25.61 5.54
CA SER D 216 0.61 -26.22 4.22
C SER D 216 -0.76 -26.55 3.64
N LEU D 217 -1.73 -26.92 4.46
CA LEU D 217 -3.01 -27.43 3.97
C LEU D 217 -4.17 -26.75 4.69
N GLY D 218 -4.14 -25.43 4.77
CA GLY D 218 -5.10 -24.73 5.62
C GLY D 218 -6.12 -23.84 4.95
N MET D 219 -5.77 -23.24 3.81
CA MET D 219 -6.63 -22.22 3.22
C MET D 219 -7.88 -22.79 2.56
N ASN D 220 -7.92 -24.09 2.28
CA ASN D 220 -9.05 -24.65 1.55
C ASN D 220 -10.31 -24.65 2.40
N THR D 221 -10.22 -25.14 3.64
CA THR D 221 -11.42 -25.28 4.47
C THR D 221 -11.19 -24.85 5.91
N GLY D 222 -10.05 -24.26 6.25
CA GLY D 222 -9.76 -23.90 7.62
C GLY D 222 -9.20 -25.03 8.46
N TYR D 223 -8.88 -26.17 7.85
CA TYR D 223 -8.31 -27.35 8.51
C TYR D 223 -8.98 -27.62 9.86
N ALA D 224 -10.30 -27.87 9.79
CA ALA D 224 -11.04 -28.19 11.00
C ALA D 224 -10.55 -29.49 11.62
N ILE D 225 -10.65 -30.59 10.86
CA ILE D 225 -10.21 -31.94 11.22
C ILE D 225 -10.45 -32.27 12.69
N ASN D 226 -11.50 -31.69 13.27
CA ASN D 226 -11.85 -31.96 14.66
C ASN D 226 -13.33 -31.64 14.88
N PRO D 227 -14.17 -32.65 15.13
CA PRO D 227 -15.56 -32.35 15.47
C PRO D 227 -15.71 -31.50 16.72
N SER D 228 -14.85 -31.73 17.72
CA SER D 228 -14.92 -30.97 18.97
C SER D 228 -14.53 -29.52 18.75
N ARG D 229 -13.59 -29.26 17.84
CA ARG D 229 -13.21 -27.88 17.54
C ARG D 229 -14.28 -27.15 16.74
N ASP D 230 -15.14 -27.87 16.03
CA ASP D 230 -16.06 -27.26 15.08
C ASP D 230 -17.48 -27.11 15.64
N LEU D 231 -18.11 -28.23 16.04
CA LEU D 231 -19.55 -28.18 16.33
C LEU D 231 -19.89 -27.34 17.55
N PRO D 232 -19.27 -27.53 18.72
CA PRO D 232 -19.71 -26.77 19.92
C PRO D 232 -19.59 -25.27 19.75
N PRO D 233 -18.52 -24.73 19.12
CA PRO D 233 -18.53 -23.28 18.86
C PRO D 233 -19.67 -22.84 17.97
N ARG D 234 -20.04 -23.65 16.96
CA ARG D 234 -21.17 -23.30 16.11
C ARG D 234 -22.46 -23.25 16.91
N ILE D 235 -22.67 -24.23 17.79
CA ILE D 235 -23.85 -24.24 18.64
C ILE D 235 -23.85 -23.02 19.55
N PHE D 236 -22.69 -22.68 20.10
CA PHE D 236 -22.60 -21.51 20.98
C PHE D 236 -22.97 -20.24 20.23
N THR D 237 -22.49 -20.07 19.00
CA THR D 237 -22.86 -18.89 18.22
C THR D 237 -24.35 -18.87 17.93
N PHE D 238 -24.92 -20.04 17.60
CA PHE D 238 -26.34 -20.12 17.31
C PHE D 238 -27.18 -19.68 18.50
N ILE D 239 -26.82 -20.13 19.70
CA ILE D 239 -27.59 -19.72 20.87
C ILE D 239 -27.20 -18.33 21.38
N ALA D 240 -26.03 -17.82 20.99
CA ALA D 240 -25.62 -16.48 21.41
C ALA D 240 -26.31 -15.40 20.59
N GLY D 241 -26.61 -15.68 19.33
CA GLY D 241 -27.38 -14.70 18.57
C GLY D 241 -27.00 -14.49 17.12
N TRP D 242 -26.03 -15.25 16.61
CA TRP D 242 -25.70 -15.15 15.20
C TRP D 242 -26.81 -15.68 14.30
N GLY D 243 -27.81 -16.36 14.86
CA GLY D 243 -28.94 -16.82 14.09
C GLY D 243 -28.79 -18.25 13.61
N LYS D 244 -29.81 -18.70 12.89
CA LYS D 244 -29.81 -20.05 12.33
C LYS D 244 -29.07 -20.13 11.00
N GLN D 245 -28.54 -19.03 10.50
CA GLN D 245 -27.76 -19.04 9.26
C GLN D 245 -26.44 -19.78 9.42
N VAL D 246 -26.00 -20.05 10.64
CA VAL D 246 -24.74 -20.75 10.83
C VAL D 246 -24.81 -22.18 10.32
N PHE D 247 -25.97 -22.84 10.44
CA PHE D 247 -26.10 -24.22 9.99
C PHE D 247 -26.39 -24.29 8.49
N SER D 248 -27.32 -23.46 8.00
CA SER D 248 -27.76 -23.55 6.62
C SER D 248 -26.78 -22.96 5.62
N ASN D 249 -25.75 -22.24 6.08
CA ASN D 249 -24.82 -21.62 5.17
C ASN D 249 -23.96 -22.67 4.47
N GLY D 250 -23.64 -22.42 3.21
CA GLY D 250 -22.77 -23.32 2.45
C GLY D 250 -23.36 -24.68 2.20
N GLU D 251 -24.65 -24.75 1.88
CA GLU D 251 -25.33 -26.00 1.55
C GLU D 251 -25.21 -27.02 2.68
N ASN D 252 -25.48 -26.55 3.91
CA ASN D 252 -25.41 -27.38 5.11
C ASN D 252 -24.02 -28.00 5.27
N TRP D 253 -23.03 -27.11 5.46
CA TRP D 253 -21.64 -27.53 5.58
C TRP D 253 -21.32 -28.13 6.94
N TRP D 254 -22.18 -27.94 7.94
CA TRP D 254 -21.81 -28.26 9.31
C TRP D 254 -21.53 -29.74 9.54
N TRP D 255 -22.18 -30.62 8.77
CA TRP D 255 -22.03 -32.05 9.03
C TRP D 255 -20.76 -32.64 8.44
N VAL D 256 -20.11 -31.95 7.51
CA VAL D 256 -18.88 -32.49 6.91
C VAL D 256 -17.75 -32.64 7.93
N PRO D 257 -17.42 -31.63 8.76
CA PRO D 257 -16.36 -31.83 9.75
C PRO D 257 -16.69 -32.87 10.81
N VAL D 258 -17.95 -33.29 10.92
CA VAL D 258 -18.31 -34.32 11.87
C VAL D 258 -18.15 -35.72 11.29
N VAL D 259 -18.22 -35.87 9.98
CA VAL D 259 -18.20 -37.18 9.33
C VAL D 259 -16.85 -37.49 8.71
N ALA D 260 -16.28 -36.55 7.95
CA ALA D 260 -15.06 -36.84 7.21
C ALA D 260 -13.87 -37.23 8.09
N PRO D 261 -13.56 -36.53 9.19
CA PRO D 261 -12.36 -36.87 9.95
C PRO D 261 -12.33 -38.29 10.49
N LEU D 262 -13.49 -38.86 10.84
CA LEU D 262 -13.50 -40.24 11.35
C LEU D 262 -12.95 -41.20 10.31
N LEU D 263 -13.50 -41.15 9.09
CA LEU D 263 -13.02 -42.02 8.02
C LEU D 263 -11.56 -41.72 7.69
N GLY D 264 -11.19 -40.43 7.65
CA GLY D 264 -9.82 -40.10 7.35
C GLY D 264 -8.84 -40.69 8.34
N ALA D 265 -9.12 -40.53 9.63
CA ALA D 265 -8.24 -41.06 10.67
C ALA D 265 -8.18 -42.59 10.62
N TYR D 266 -9.33 -43.24 10.42
CA TYR D 266 -9.32 -44.70 10.35
C TYR D 266 -8.46 -45.18 9.19
N LEU D 267 -8.61 -44.56 8.01
CA LEU D 267 -7.82 -44.97 6.85
C LEU D 267 -6.35 -44.70 7.07
N GLY D 268 -5.99 -43.56 7.67
CA GLY D 268 -4.59 -43.28 7.92
C GLY D 268 -3.95 -44.28 8.87
N GLY D 269 -4.65 -44.60 9.96
CA GLY D 269 -4.15 -45.59 10.89
C GLY D 269 -3.99 -46.96 10.25
N ILE D 270 -4.98 -47.36 9.45
CA ILE D 270 -4.90 -48.65 8.76
C ILE D 270 -3.70 -48.69 7.82
N ILE D 271 -3.50 -47.61 7.06
CA ILE D 271 -2.39 -47.56 6.10
C ILE D 271 -1.06 -47.66 6.83
N TYR D 272 -0.89 -46.89 7.90
CA TYR D 272 0.38 -46.93 8.62
C TYR D 272 0.63 -48.31 9.21
N LEU D 273 -0.39 -48.88 9.87
CA LEU D 273 -0.22 -50.18 10.50
C LEU D 273 0.11 -51.27 9.48
N VAL D 274 -0.55 -51.23 8.32
CA VAL D 274 -0.33 -52.26 7.31
C VAL D 274 1.05 -52.12 6.69
N PHE D 275 1.45 -50.90 6.33
CA PHE D 275 2.69 -50.72 5.56
C PHE D 275 3.93 -50.59 6.45
N ILE D 276 3.96 -49.59 7.33
CA ILE D 276 5.20 -49.26 8.02
C ILE D 276 5.24 -49.90 9.40
N GLY D 277 4.08 -50.11 10.00
CA GLY D 277 4.03 -50.65 11.35
C GLY D 277 4.03 -52.16 11.41
N SER D 278 5.06 -52.77 10.83
CA SER D 278 5.22 -54.22 10.82
C SER D 278 3.99 -54.94 10.27
N GLN E 26 -53.58 21.62 -21.97
CA GLN E 26 -52.27 22.26 -22.08
C GLN E 26 -52.36 23.73 -21.64
N GLU E 27 -53.57 24.16 -21.28
CA GLU E 27 -53.75 25.54 -20.84
C GLU E 27 -53.03 25.81 -19.53
N ILE E 28 -52.81 24.79 -18.71
CA ILE E 28 -52.11 24.98 -17.45
C ILE E 28 -50.66 25.40 -17.70
N LEU E 29 -50.00 24.76 -18.66
CA LEU E 29 -48.60 25.04 -18.95
C LEU E 29 -48.37 26.44 -19.50
N GLN E 30 -49.43 27.13 -19.92
CA GLN E 30 -49.25 28.49 -20.45
C GLN E 30 -48.91 29.48 -19.35
N ARG E 31 -49.42 29.27 -18.13
CA ARG E 31 -49.18 30.21 -17.05
C ARG E 31 -47.70 30.25 -16.68
N LYS E 32 -47.23 31.44 -16.31
CA LYS E 32 -45.82 31.61 -15.99
C LYS E 32 -45.45 30.94 -14.67
N MET E 33 -46.39 30.86 -13.72
CA MET E 33 -46.11 30.20 -12.45
C MET E 33 -45.77 28.72 -12.67
N VAL E 34 -46.53 28.05 -13.52
CA VAL E 34 -46.25 26.64 -13.82
C VAL E 34 -44.87 26.50 -14.47
N ARG E 35 -44.52 27.42 -15.37
CA ARG E 35 -43.21 27.36 -16.00
C ARG E 35 -42.09 27.54 -14.99
N GLU E 36 -42.24 28.50 -14.08
CA GLU E 36 -41.24 28.73 -13.05
C GLU E 36 -41.18 27.59 -12.04
N PHE E 37 -42.25 26.79 -11.94
CA PHE E 37 -42.20 25.60 -11.11
C PHE E 37 -41.46 24.46 -11.83
N LEU E 38 -41.82 24.24 -13.10
CA LEU E 38 -41.24 23.12 -13.85
C LEU E 38 -39.75 23.32 -14.11
N ALA E 39 -39.32 24.55 -14.42
CA ALA E 39 -37.91 24.79 -14.68
C ALA E 39 -37.07 24.51 -13.43
N GLU E 40 -37.52 25.00 -12.28
CA GLU E 40 -36.81 24.72 -11.03
C GLU E 40 -36.79 23.23 -10.74
N PHE E 41 -37.92 22.55 -10.94
CA PHE E 41 -37.99 21.11 -10.71
C PHE E 41 -36.95 20.38 -11.54
N MET E 42 -36.92 20.65 -12.85
CA MET E 42 -36.01 19.93 -13.73
C MET E 42 -34.55 20.25 -13.42
N SER E 43 -34.22 21.52 -13.21
CA SER E 43 -32.83 21.89 -12.95
C SER E 43 -32.33 21.28 -11.64
N THR E 44 -33.13 21.38 -10.59
CA THR E 44 -32.74 20.77 -9.31
C THR E 44 -32.61 19.27 -9.45
N TYR E 45 -33.52 18.64 -10.20
CA TYR E 45 -33.44 17.20 -10.41
C TYR E 45 -32.12 16.81 -11.06
N VAL E 46 -31.75 17.51 -12.13
CA VAL E 46 -30.52 17.15 -12.85
C VAL E 46 -29.30 17.35 -11.96
N MET E 47 -29.23 18.50 -11.28
CA MET E 47 -28.07 18.78 -10.44
C MET E 47 -27.94 17.77 -9.31
N MET E 48 -29.05 17.44 -8.65
CA MET E 48 -29.02 16.48 -7.56
C MET E 48 -28.64 15.10 -8.07
N VAL E 49 -29.13 14.71 -9.25
CA VAL E 49 -28.78 13.41 -9.82
C VAL E 49 -27.27 13.31 -10.01
N PHE E 50 -26.68 14.34 -10.63
CA PHE E 50 -25.24 14.32 -10.87
C PHE E 50 -24.46 14.28 -9.55
N GLY E 51 -24.86 15.11 -8.58
CA GLY E 51 -24.13 15.15 -7.32
C GLY E 51 -24.20 13.83 -6.57
N LEU E 52 -25.40 13.25 -6.47
CA LEU E 52 -25.55 11.99 -5.75
C LEU E 52 -24.86 10.85 -6.47
N GLY E 53 -24.83 10.86 -7.81
CA GLY E 53 -24.07 9.86 -8.53
C GLY E 53 -22.59 9.93 -8.23
N SER E 54 -22.04 11.15 -8.20
CA SER E 54 -20.63 11.31 -7.86
C SER E 54 -20.34 10.83 -6.43
N VAL E 55 -21.23 11.18 -5.49
CA VAL E 55 -21.03 10.77 -4.10
C VAL E 55 -21.08 9.24 -3.98
N ALA E 56 -22.03 8.61 -4.67
CA ALA E 56 -22.13 7.15 -4.64
C ALA E 56 -20.88 6.50 -5.23
N HIS E 57 -20.37 7.06 -6.33
CA HIS E 57 -19.12 6.55 -6.89
C HIS E 57 -17.98 6.64 -5.89
N MET E 58 -17.88 7.77 -5.18
CA MET E 58 -16.82 7.92 -4.20
C MET E 58 -16.96 6.92 -3.05
N VAL E 59 -18.20 6.71 -2.58
CA VAL E 59 -18.41 5.91 -1.38
C VAL E 59 -18.26 4.43 -1.68
N LEU E 60 -18.93 3.93 -2.73
CA LEU E 60 -19.03 2.49 -2.92
C LEU E 60 -17.72 1.89 -3.43
N ASN E 61 -17.27 2.32 -4.61
CA ASN E 61 -16.09 1.74 -5.25
C ASN E 61 -14.92 2.70 -5.11
N LYS E 62 -13.83 2.21 -4.52
CA LYS E 62 -12.66 3.05 -4.31
C LYS E 62 -11.85 3.26 -5.60
N LYS E 63 -11.82 2.26 -6.48
CA LYS E 63 -11.07 2.40 -7.72
C LYS E 63 -11.66 3.48 -8.62
N TYR E 64 -12.99 3.57 -8.68
CA TYR E 64 -13.68 4.48 -9.58
C TYR E 64 -14.13 5.77 -8.89
N GLY E 65 -13.71 6.00 -7.64
CA GLY E 65 -14.20 7.13 -6.89
C GLY E 65 -13.06 7.92 -6.26
N SER E 66 -13.28 9.23 -6.14
CA SER E 66 -12.32 10.11 -5.50
C SER E 66 -13.06 11.38 -5.07
N TYR E 67 -12.44 12.11 -4.14
CA TYR E 67 -13.03 13.36 -3.67
C TYR E 67 -13.09 14.39 -4.79
N LEU E 68 -12.05 14.47 -5.61
CA LEU E 68 -12.05 15.38 -6.74
C LEU E 68 -13.17 15.05 -7.71
N GLY E 69 -13.51 13.77 -7.87
CA GLY E 69 -14.65 13.42 -8.69
C GLY E 69 -15.95 13.98 -8.15
N VAL E 70 -16.14 13.88 -6.84
CA VAL E 70 -17.33 14.46 -6.21
C VAL E 70 -17.38 15.97 -6.45
N ASN E 71 -16.24 16.63 -6.25
CA ASN E 71 -16.21 18.08 -6.45
C ASN E 71 -16.56 18.45 -7.88
N LEU E 72 -15.94 17.78 -8.86
CA LEU E 72 -16.22 18.09 -10.26
C LEU E 72 -17.67 17.84 -10.62
N GLY E 73 -18.21 16.68 -10.20
CA GLY E 73 -19.59 16.38 -10.54
C GLY E 73 -20.56 17.35 -9.93
N PHE E 74 -20.41 17.63 -8.63
CA PHE E 74 -21.35 18.50 -7.94
C PHE E 74 -21.13 19.96 -8.28
N GLY E 75 -20.02 20.31 -8.92
CA GLY E 75 -19.82 21.67 -9.36
C GLY E 75 -20.32 21.91 -10.76
N PHE E 76 -20.06 20.97 -11.67
CA PHE E 76 -20.48 21.12 -13.05
C PHE E 76 -21.87 20.55 -13.33
N GLY E 77 -22.55 20.02 -12.30
CA GLY E 77 -23.97 19.75 -12.44
C GLY E 77 -24.76 21.04 -12.26
N VAL E 78 -24.27 21.91 -11.38
CA VAL E 78 -24.85 23.24 -11.22
C VAL E 78 -24.82 24.00 -12.54
N THR E 79 -23.72 23.86 -13.29
CA THR E 79 -23.62 24.50 -14.60
C THR E 79 -24.72 24.04 -15.54
N MET E 80 -24.96 22.73 -15.59
CA MET E 80 -26.00 22.20 -16.46
C MET E 80 -27.38 22.66 -16.00
N GLY E 81 -27.60 22.71 -14.69
CA GLY E 81 -28.87 23.21 -14.19
C GLY E 81 -29.10 24.68 -14.55
N VAL E 82 -28.05 25.50 -14.45
CA VAL E 82 -28.15 26.89 -14.84
C VAL E 82 -28.47 27.01 -16.32
N HIS E 83 -27.81 26.18 -17.15
CA HIS E 83 -28.10 26.19 -18.58
C HIS E 83 -29.55 25.79 -18.85
N VAL E 84 -30.06 24.81 -18.13
CA VAL E 84 -31.41 24.32 -18.39
C VAL E 84 -32.46 25.35 -17.97
N ALA E 85 -32.31 25.93 -16.78
CA ALA E 85 -33.34 26.79 -16.21
C ALA E 85 -32.83 28.22 -16.00
N GLY E 86 -32.12 28.75 -16.99
CA GLY E 86 -31.54 30.08 -16.85
C GLY E 86 -32.52 31.23 -16.98
N ARG E 87 -33.18 31.33 -18.13
CA ARG E 87 -34.04 32.49 -18.41
C ARG E 87 -35.38 32.41 -17.67
N ILE E 88 -35.94 31.20 -17.52
CA ILE E 88 -37.30 31.08 -17.00
C ILE E 88 -37.39 31.59 -15.57
N SER E 89 -36.48 31.15 -14.71
CA SER E 89 -36.55 31.51 -13.30
C SER E 89 -35.22 31.90 -12.69
N GLY E 90 -34.12 31.86 -13.43
CA GLY E 90 -32.81 32.19 -12.90
C GLY E 90 -32.06 31.01 -12.32
N ALA E 91 -32.69 29.85 -12.20
CA ALA E 91 -32.06 28.64 -11.69
C ALA E 91 -31.47 28.86 -10.30
N HIS E 92 -32.36 29.19 -9.35
CA HIS E 92 -31.92 29.34 -7.96
C HIS E 92 -31.39 28.02 -7.41
N MET E 93 -32.18 26.96 -7.54
CA MET E 93 -31.78 25.59 -7.21
C MET E 93 -31.35 25.42 -5.75
N ASN E 94 -31.59 26.43 -4.92
CA ASN E 94 -31.20 26.38 -3.51
C ASN E 94 -32.09 27.33 -2.73
N ALA E 95 -32.68 26.83 -1.64
CA ALA E 95 -33.62 27.64 -0.88
C ALA E 95 -32.92 28.83 -0.21
N ALA E 96 -31.65 28.69 0.14
CA ALA E 96 -30.93 29.81 0.75
C ALA E 96 -30.81 30.98 -0.22
N VAL E 97 -30.49 30.69 -1.48
CA VAL E 97 -30.37 31.76 -2.48
C VAL E 97 -31.71 32.44 -2.69
N THR E 98 -32.79 31.65 -2.76
CA THR E 98 -34.12 32.24 -2.94
C THR E 98 -34.49 33.12 -1.75
N PHE E 99 -34.21 32.66 -0.53
CA PHE E 99 -34.51 33.47 0.64
C PHE E 99 -33.69 34.75 0.66
N ALA E 100 -32.41 34.67 0.30
CA ALA E 100 -31.57 35.86 0.26
C ALA E 100 -32.06 36.85 -0.77
N ASN E 101 -32.48 36.36 -1.95
CA ASN E 101 -32.99 37.26 -2.98
C ASN E 101 -34.31 37.89 -2.56
N CYS E 102 -35.19 37.12 -1.93
CA CYS E 102 -36.49 37.65 -1.52
C CYS E 102 -36.34 38.67 -0.39
N ALA E 103 -35.40 38.44 0.52
CA ALA E 103 -35.21 39.36 1.63
C ALA E 103 -34.67 40.71 1.16
N LEU E 104 -33.89 40.72 0.09
CA LEU E 104 -33.33 41.95 -0.45
C LEU E 104 -34.26 42.65 -1.43
N GLY E 105 -35.44 42.10 -1.69
CA GLY E 105 -36.40 42.71 -2.58
C GLY E 105 -36.23 42.40 -4.05
N ARG E 106 -35.21 41.61 -4.41
CA ARG E 106 -35.01 41.29 -5.81
C ARG E 106 -36.13 40.39 -6.35
N VAL E 107 -36.64 39.49 -5.53
CA VAL E 107 -37.70 38.56 -5.91
C VAL E 107 -38.85 38.75 -4.93
N PRO E 108 -40.09 38.90 -5.40
CA PRO E 108 -41.21 39.03 -4.47
C PRO E 108 -41.46 37.76 -3.69
N TRP E 109 -42.06 37.91 -2.50
CA TRP E 109 -42.32 36.78 -1.62
C TRP E 109 -43.38 35.84 -2.17
N ARG E 110 -44.11 36.23 -3.22
CA ARG E 110 -45.16 35.36 -3.75
C ARG E 110 -44.59 34.08 -4.34
N LYS E 111 -43.42 34.17 -4.97
CA LYS E 111 -42.84 33.05 -5.70
C LYS E 111 -41.97 32.15 -4.83
N PHE E 112 -41.78 32.48 -3.55
CA PHE E 112 -40.94 31.66 -2.68
C PHE E 112 -41.51 30.26 -2.47
N PRO E 113 -42.78 30.06 -2.09
CA PRO E 113 -43.28 28.69 -1.89
C PRO E 113 -43.21 27.83 -3.14
N VAL E 114 -43.46 28.43 -4.32
CA VAL E 114 -43.42 27.65 -5.55
C VAL E 114 -42.01 27.14 -5.82
N TYR E 115 -41.01 28.01 -5.67
CA TYR E 115 -39.63 27.58 -5.85
C TYR E 115 -39.24 26.52 -4.84
N VAL E 116 -39.64 26.70 -3.58
CA VAL E 116 -39.28 25.72 -2.55
C VAL E 116 -39.89 24.36 -2.85
N LEU E 117 -41.17 24.34 -3.24
CA LEU E 117 -41.83 23.07 -3.57
C LEU E 117 -41.18 22.41 -4.77
N GLY E 118 -40.87 23.18 -5.80
CA GLY E 118 -40.22 22.61 -6.97
C GLY E 118 -38.88 21.99 -6.63
N GLN E 119 -38.06 22.72 -5.86
CA GLN E 119 -36.75 22.20 -5.47
C GLN E 119 -36.88 20.94 -4.64
N PHE E 120 -37.81 20.93 -3.68
CA PHE E 120 -37.99 19.75 -2.83
C PHE E 120 -38.41 18.53 -3.63
N LEU E 121 -39.38 18.71 -4.53
CA LEU E 121 -39.84 17.58 -5.35
C LEU E 121 -38.73 17.07 -6.26
N GLY E 122 -37.98 17.99 -6.88
CA GLY E 122 -36.89 17.57 -7.74
C GLY E 122 -35.83 16.80 -6.99
N SER E 123 -35.44 17.29 -5.81
CA SER E 123 -34.42 16.60 -5.02
C SER E 123 -34.91 15.23 -4.57
N PHE E 124 -36.17 15.13 -4.15
CA PHE E 124 -36.70 13.83 -3.71
C PHE E 124 -36.70 12.83 -4.86
N LEU E 125 -37.15 13.26 -6.04
CA LEU E 125 -37.15 12.34 -7.18
C LEU E 125 -35.74 11.98 -7.61
N ALA E 126 -34.78 12.92 -7.51
CA ALA E 126 -33.41 12.61 -7.85
C ALA E 126 -32.82 11.57 -6.90
N ALA E 127 -33.11 11.70 -5.61
CA ALA E 127 -32.67 10.71 -4.64
C ALA E 127 -33.28 9.35 -4.95
N ALA E 128 -34.57 9.32 -5.30
CA ALA E 128 -35.20 8.06 -5.66
C ALA E 128 -34.54 7.44 -6.88
N THR E 129 -34.23 8.24 -7.89
CA THR E 129 -33.57 7.72 -9.10
C THR E 129 -32.20 7.16 -8.78
N ILE E 130 -31.42 7.88 -7.96
CA ILE E 130 -30.09 7.41 -7.62
C ILE E 130 -30.17 6.11 -6.83
N TYR E 131 -31.15 6.01 -5.92
CA TYR E 131 -31.35 4.75 -5.20
C TYR E 131 -31.71 3.62 -6.15
N SER E 132 -32.55 3.91 -7.16
CA SER E 132 -32.96 2.87 -8.10
C SER E 132 -31.79 2.39 -8.95
N LEU E 133 -30.90 3.30 -9.37
CA LEU E 133 -29.84 2.91 -10.28
C LEU E 133 -28.78 2.05 -9.59
N PHE E 134 -28.36 2.44 -8.38
CA PHE E 134 -27.26 1.79 -7.68
C PHE E 134 -27.74 0.77 -6.64
N TYR E 135 -28.87 0.12 -6.89
CA TYR E 135 -29.45 -0.77 -5.88
C TYR E 135 -28.56 -1.99 -5.64
N THR E 136 -28.17 -2.68 -6.70
CA THR E 136 -27.38 -3.91 -6.56
C THR E 136 -26.02 -3.61 -5.95
N ALA E 137 -25.38 -2.51 -6.36
CA ALA E 137 -24.08 -2.15 -5.80
C ALA E 137 -24.20 -1.84 -4.31
N ILE E 138 -25.25 -1.14 -3.91
CA ILE E 138 -25.47 -0.83 -2.50
C ILE E 138 -25.66 -2.12 -1.70
N LEU E 139 -26.49 -3.04 -2.21
CA LEU E 139 -26.70 -4.30 -1.50
C LEU E 139 -25.41 -5.10 -1.39
N HIS E 140 -24.61 -5.13 -2.47
CA HIS E 140 -23.36 -5.88 -2.43
C HIS E 140 -22.37 -5.26 -1.45
N PHE E 141 -22.27 -3.93 -1.43
CA PHE E 141 -21.32 -3.28 -0.53
C PHE E 141 -21.73 -3.43 0.92
N SER E 142 -23.02 -3.22 1.22
CA SER E 142 -23.49 -3.29 2.60
C SER E 142 -23.68 -4.72 3.09
N GLY E 143 -23.65 -5.71 2.20
CA GLY E 143 -23.92 -7.07 2.59
C GLY E 143 -25.39 -7.40 2.80
N GLY E 144 -26.29 -6.49 2.43
CA GLY E 144 -27.71 -6.69 2.61
C GLY E 144 -28.32 -5.95 3.77
N GLN E 145 -27.51 -5.38 4.66
CA GLN E 145 -28.00 -4.65 5.82
C GLN E 145 -27.69 -3.17 5.67
N LEU E 146 -28.70 -2.32 5.81
CA LEU E 146 -28.56 -0.89 5.66
C LEU E 146 -28.28 -0.25 7.02
N MET E 147 -27.12 0.35 7.16
CA MET E 147 -26.68 0.95 8.43
C MET E 147 -26.39 2.43 8.21
N VAL E 148 -26.90 3.27 9.12
CA VAL E 148 -26.65 4.70 9.04
C VAL E 148 -25.19 5.01 9.36
N THR E 149 -24.67 4.39 10.42
CA THR E 149 -23.30 4.60 10.86
C THR E 149 -22.59 3.26 11.02
N GLY E 150 -21.36 3.18 10.54
CA GLY E 150 -20.57 1.98 10.65
C GLY E 150 -19.51 1.88 9.57
N PRO E 151 -18.74 0.79 9.60
CA PRO E 151 -17.72 0.60 8.55
C PRO E 151 -18.29 0.46 7.15
N VAL E 152 -19.52 -0.03 7.03
CA VAL E 152 -20.14 -0.22 5.72
C VAL E 152 -21.40 0.64 5.61
N ALA E 153 -21.40 1.77 6.29
CA ALA E 153 -22.56 2.66 6.27
C ALA E 153 -22.77 3.24 4.87
N THR E 154 -24.04 3.30 4.46
CA THR E 154 -24.41 3.83 3.16
C THR E 154 -25.41 4.97 3.23
N ALA E 155 -25.81 5.40 4.42
CA ALA E 155 -26.76 6.50 4.54
C ALA E 155 -26.12 7.85 4.22
N GLY E 156 -24.78 7.92 4.21
CA GLY E 156 -24.11 9.16 3.91
C GLY E 156 -24.08 9.55 2.44
N ILE E 157 -24.52 8.65 1.56
CA ILE E 157 -24.58 8.97 0.14
C ILE E 157 -25.61 10.07 -0.11
N PHE E 158 -26.77 9.98 0.55
CA PHE E 158 -27.88 10.88 0.26
C PHE E 158 -27.81 12.18 1.05
N ALA E 159 -27.49 12.11 2.35
CA ALA E 159 -27.41 13.29 3.19
C ALA E 159 -26.08 13.31 3.93
N THR E 160 -25.68 14.51 4.33
CA THR E 160 -24.43 14.68 5.06
C THR E 160 -24.62 14.40 6.54
N TYR E 161 -23.56 13.88 7.17
CA TYR E 161 -23.58 13.55 8.58
C TYR E 161 -22.35 14.14 9.26
N LEU E 162 -22.52 14.50 10.52
CA LEU E 162 -21.45 15.18 11.25
C LEU E 162 -20.31 14.21 11.55
N PRO E 163 -19.07 14.60 11.27
CA PRO E 163 -17.93 13.74 11.62
C PRO E 163 -17.76 13.61 13.13
N ASP E 164 -16.84 12.73 13.52
CA ASP E 164 -16.66 12.43 14.95
C ASP E 164 -16.01 13.59 15.69
N HIS E 165 -14.98 14.20 15.11
CA HIS E 165 -14.26 15.26 15.81
C HIS E 165 -15.02 16.57 15.81
N MET E 166 -15.87 16.81 14.82
CA MET E 166 -16.56 18.08 14.69
C MET E 166 -17.82 18.09 15.55
N THR E 167 -18.14 19.25 16.12
CA THR E 167 -19.27 19.41 17.02
C THR E 167 -20.41 20.14 16.31
N LEU E 168 -21.51 20.34 17.04
CA LEU E 168 -22.73 20.85 16.44
C LEU E 168 -22.62 22.33 16.11
N TRP E 169 -22.24 23.16 17.08
CA TRP E 169 -22.22 24.60 16.86
C TRP E 169 -21.11 25.01 15.89
N ARG E 170 -19.97 24.31 15.93
CA ARG E 170 -18.95 24.56 14.92
C ARG E 170 -19.45 24.18 13.53
N GLY E 171 -20.27 23.13 13.44
CA GLY E 171 -20.90 22.81 12.16
C GLY E 171 -21.85 23.89 11.70
N PHE E 172 -22.61 24.47 12.63
CA PHE E 172 -23.48 25.59 12.30
C PHE E 172 -22.66 26.76 11.76
N LEU E 173 -21.55 27.07 12.42
CA LEU E 173 -20.67 28.14 11.97
C LEU E 173 -20.12 27.85 10.56
N ASN E 174 -19.68 26.61 10.33
CA ASN E 174 -19.13 26.25 9.03
C ASN E 174 -20.18 26.40 7.94
N GLU E 175 -21.39 25.91 8.18
CA GLU E 175 -22.46 26.00 7.17
C GLU E 175 -22.79 27.45 6.86
N ALA E 176 -22.97 28.27 7.90
CA ALA E 176 -23.30 29.67 7.68
C ALA E 176 -22.20 30.39 6.92
N TRP E 177 -20.94 30.13 7.29
CA TRP E 177 -19.82 30.81 6.64
C TRP E 177 -19.71 30.41 5.18
N LEU E 178 -19.82 29.12 4.89
CA LEU E 178 -19.73 28.66 3.51
C LEU E 178 -20.85 29.23 2.66
N THR E 179 -22.07 29.25 3.19
CA THR E 179 -23.18 29.84 2.42
C THR E 179 -22.96 31.32 2.20
N GLY E 180 -22.40 32.03 3.18
CA GLY E 180 -22.11 33.44 3.01
C GLY E 180 -21.12 33.69 1.89
N MET E 181 -20.03 32.91 1.87
CA MET E 181 -19.05 33.06 0.79
C MET E 181 -19.67 32.73 -0.56
N LEU E 182 -20.48 31.68 -0.62
CA LEU E 182 -21.13 31.33 -1.88
C LEU E 182 -22.03 32.46 -2.38
N GLN E 183 -22.82 33.06 -1.49
CA GLN E 183 -23.71 34.14 -1.90
C GLN E 183 -22.92 35.37 -2.33
N LEU E 184 -21.85 35.71 -1.61
CA LEU E 184 -21.04 36.86 -2.01
C LEU E 184 -20.43 36.64 -3.39
N CYS E 185 -19.90 35.45 -3.65
CA CYS E 185 -19.30 35.18 -4.95
C CYS E 185 -20.36 35.19 -6.05
N LEU E 186 -21.55 34.66 -5.77
CA LEU E 186 -22.62 34.68 -6.76
C LEU E 186 -23.04 36.10 -7.09
N PHE E 187 -23.11 36.97 -6.08
CA PHE E 187 -23.39 38.38 -6.34
C PHE E 187 -22.30 39.01 -7.19
N ALA E 188 -21.04 38.70 -6.88
CA ALA E 188 -19.93 39.31 -7.61
C ALA E 188 -19.90 38.88 -9.07
N ILE E 189 -20.13 37.59 -9.34
CA ILE E 189 -20.00 37.08 -10.70
C ILE E 189 -21.08 37.66 -11.61
N THR E 190 -22.32 37.70 -11.14
CA THR E 190 -23.45 38.05 -11.98
C THR E 190 -23.68 39.55 -12.11
N ASP E 191 -23.18 40.35 -11.17
CA ASP E 191 -23.46 41.78 -11.15
C ASP E 191 -22.99 42.45 -12.42
N GLN E 192 -23.91 43.13 -13.11
CA GLN E 192 -23.60 43.76 -14.40
C GLN E 192 -22.82 45.06 -14.23
N GLU E 193 -23.01 45.76 -13.13
CA GLU E 193 -22.39 47.07 -12.97
C GLU E 193 -20.89 46.96 -12.72
N ASN E 194 -20.47 46.02 -11.87
CA ASN E 194 -19.08 46.00 -11.41
C ASN E 194 -18.16 45.34 -12.43
N ASN E 195 -18.33 44.03 -12.63
CA ASN E 195 -17.46 43.29 -13.54
C ASN E 195 -18.12 41.96 -13.86
N PRO E 196 -19.19 41.97 -14.65
CA PRO E 196 -19.87 40.70 -14.96
C PRO E 196 -19.02 39.81 -15.85
N ALA E 197 -19.24 38.51 -15.73
CA ALA E 197 -18.65 37.58 -16.67
C ALA E 197 -19.30 37.74 -18.04
N LEU E 198 -18.58 37.33 -19.08
CA LEU E 198 -19.10 37.44 -20.43
C LEU E 198 -20.38 36.61 -20.56
N PRO E 199 -21.47 37.19 -21.05
CA PRO E 199 -22.74 36.44 -21.13
C PRO E 199 -22.59 35.18 -21.96
N GLY E 200 -23.23 34.11 -21.51
CA GLY E 200 -23.09 32.80 -22.11
C GLY E 200 -21.98 31.96 -21.52
N THR E 201 -21.14 32.54 -20.65
CA THR E 201 -20.08 31.80 -19.98
C THR E 201 -20.19 31.85 -18.46
N GLU E 202 -21.31 32.38 -17.94
CA GLU E 202 -21.49 32.45 -16.49
C GLU E 202 -21.61 31.08 -15.85
N ALA E 203 -22.18 30.12 -16.58
CA ALA E 203 -22.37 28.78 -16.02
C ALA E 203 -21.06 28.12 -15.69
N LEU E 204 -20.06 28.26 -16.57
CA LEU E 204 -18.74 27.68 -16.30
C LEU E 204 -18.11 28.30 -15.06
N VAL E 205 -18.22 29.63 -14.90
CA VAL E 205 -17.64 30.28 -13.74
C VAL E 205 -18.33 29.84 -12.46
N ILE E 206 -19.66 29.72 -12.49
CA ILE E 206 -20.39 29.27 -11.31
C ILE E 206 -20.00 27.83 -10.97
N GLY E 207 -19.88 26.98 -11.99
CA GLY E 207 -19.44 25.61 -11.75
C GLY E 207 -18.06 25.53 -11.12
N ILE E 208 -17.13 26.35 -11.62
CA ILE E 208 -15.78 26.37 -11.06
C ILE E 208 -15.83 26.88 -9.62
N LEU E 209 -16.69 27.86 -9.34
CA LEU E 209 -16.83 28.35 -7.98
C LEU E 209 -17.30 27.24 -7.04
N VAL E 210 -18.30 26.47 -7.47
CA VAL E 210 -18.78 25.38 -6.63
C VAL E 210 -17.70 24.31 -6.46
N VAL E 211 -16.95 24.04 -7.54
CA VAL E 211 -15.88 23.03 -7.46
C VAL E 211 -14.83 23.46 -6.44
N ILE E 212 -14.40 24.71 -6.48
CA ILE E 212 -13.36 25.15 -5.56
C ILE E 212 -13.90 25.25 -4.14
N ILE E 213 -15.18 25.59 -3.97
CA ILE E 213 -15.77 25.55 -2.63
C ILE E 213 -15.69 24.15 -2.06
N GLY E 214 -16.06 23.15 -2.87
CA GLY E 214 -15.97 21.78 -2.42
C GLY E 214 -14.54 21.36 -2.11
N VAL E 215 -13.59 21.79 -2.95
CA VAL E 215 -12.20 21.40 -2.76
C VAL E 215 -11.62 22.02 -1.50
N SER E 216 -11.93 23.29 -1.24
CA SER E 216 -11.26 24.04 -0.19
C SER E 216 -11.94 23.96 1.17
N LEU E 217 -13.27 23.87 1.22
CA LEU E 217 -14.00 23.96 2.48
C LEU E 217 -15.04 22.84 2.58
N GLY E 218 -14.61 21.61 2.34
CA GLY E 218 -15.57 20.53 2.21
C GLY E 218 -15.54 19.44 3.25
N MET E 219 -14.37 19.16 3.83
CA MET E 219 -14.24 17.98 4.69
C MET E 219 -14.86 18.17 6.06
N ASN E 220 -15.15 19.41 6.47
CA ASN E 220 -15.66 19.63 7.81
C ASN E 220 -17.07 19.09 7.98
N THR E 221 -17.97 19.42 7.05
CA THR E 221 -19.37 19.03 7.19
C THR E 221 -20.00 18.52 5.91
N GLY E 222 -19.22 18.31 4.84
CA GLY E 222 -19.78 17.91 3.58
C GLY E 222 -20.32 19.03 2.73
N TYR E 223 -20.10 20.28 3.13
CA TYR E 223 -20.53 21.49 2.43
C TYR E 223 -21.95 21.34 1.87
N ALA E 224 -22.89 21.12 2.80
CA ALA E 224 -24.29 21.02 2.41
C ALA E 224 -24.79 22.31 1.79
N ILE E 225 -24.75 23.41 2.56
CA ILE E 225 -25.14 24.77 2.18
C ILE E 225 -26.36 24.79 1.26
N ASN E 226 -27.26 23.82 1.41
CA ASN E 226 -28.48 23.77 0.62
C ASN E 226 -29.52 22.94 1.36
N PRO E 227 -30.60 23.56 1.84
CA PRO E 227 -31.68 22.75 2.45
C PRO E 227 -32.29 21.75 1.47
N SER E 228 -32.42 22.14 0.20
CA SER E 228 -33.00 21.25 -0.79
C SER E 228 -32.11 20.05 -1.07
N ARG E 229 -30.79 20.24 -1.02
CA ARG E 229 -29.86 19.14 -1.22
C ARG E 229 -29.83 18.19 -0.02
N ASP E 230 -30.21 18.66 1.16
CA ASP E 230 -30.04 17.90 2.40
C ASP E 230 -31.32 17.21 2.86
N LEU E 231 -32.39 17.98 3.10
CA LEU E 231 -33.54 17.40 3.80
C LEU E 231 -34.28 16.34 2.99
N PRO E 232 -34.67 16.57 1.73
CA PRO E 232 -35.47 15.57 1.01
C PRO E 232 -34.76 14.23 0.86
N PRO E 233 -33.45 14.19 0.59
CA PRO E 233 -32.79 12.86 0.60
C PRO E 233 -32.85 12.16 1.95
N ARG E 234 -32.75 12.93 3.05
CA ARG E 234 -32.85 12.33 4.37
C ARG E 234 -34.24 11.75 4.59
N ILE E 235 -35.28 12.48 4.19
CA ILE E 235 -36.64 11.96 4.30
C ILE E 235 -36.81 10.70 3.45
N PHE E 236 -36.24 10.71 2.24
CA PHE E 236 -36.35 9.54 1.37
C PHE E 236 -35.69 8.33 2.00
N THR E 237 -34.50 8.51 2.61
CA THR E 237 -33.86 7.38 3.28
C THR E 237 -34.69 6.89 4.46
N PHE E 238 -35.26 7.83 5.22
CA PHE E 238 -36.07 7.44 6.37
C PHE E 238 -37.27 6.60 5.95
N ILE E 239 -37.95 6.98 4.86
CA ILE E 239 -39.09 6.18 4.41
C ILE E 239 -38.66 4.96 3.61
N ALA E 240 -37.45 4.94 3.07
CA ALA E 240 -36.96 3.78 2.33
C ALA E 240 -36.54 2.65 3.24
N GLY E 241 -36.05 2.96 4.44
CA GLY E 241 -35.75 1.89 5.37
C GLY E 241 -34.49 2.02 6.20
N TRP E 242 -33.77 3.12 6.06
CA TRP E 242 -32.60 3.33 6.91
C TRP E 242 -32.97 3.56 8.36
N GLY E 243 -34.25 3.76 8.67
CA GLY E 243 -34.70 3.91 10.04
C GLY E 243 -34.76 5.35 10.49
N LYS E 244 -35.16 5.52 11.76
CA LYS E 244 -35.25 6.84 12.36
C LYS E 244 -33.92 7.35 12.89
N GLN E 245 -32.86 6.55 12.79
CA GLN E 245 -31.54 7.00 13.22
C GLN E 245 -30.98 8.12 12.37
N VAL E 246 -31.56 8.37 11.19
CA VAL E 246 -31.05 9.43 10.32
C VAL E 246 -31.26 10.80 10.94
N PHE E 247 -32.37 11.00 11.68
CA PHE E 247 -32.64 12.29 12.29
C PHE E 247 -31.91 12.46 13.62
N SER E 248 -31.94 11.44 14.47
CA SER E 248 -31.39 11.55 15.81
C SER E 248 -29.87 11.46 15.87
N ASN E 249 -29.22 11.09 14.77
CA ASN E 249 -27.77 10.95 14.77
C ASN E 249 -27.10 12.31 14.89
N GLY E 250 -25.98 12.35 15.60
CA GLY E 250 -25.21 13.58 15.74
C GLY E 250 -25.92 14.68 16.49
N GLU E 251 -26.62 14.35 17.56
CA GLU E 251 -27.31 15.32 18.41
C GLU E 251 -28.30 16.15 17.61
N ASN E 252 -29.11 15.47 16.79
CA ASN E 252 -30.12 16.10 15.94
C ASN E 252 -29.47 17.14 15.01
N TRP E 253 -28.62 16.63 14.12
CA TRP E 253 -27.88 17.48 13.20
C TRP E 253 -28.73 17.98 12.03
N TRP E 254 -29.90 17.38 11.81
CA TRP E 254 -30.63 17.61 10.56
C TRP E 254 -31.10 19.06 10.42
N TRP E 255 -31.36 19.75 11.53
CA TRP E 255 -31.91 21.10 11.42
C TRP E 255 -30.86 22.17 11.13
N VAL E 256 -29.57 21.87 11.33
CA VAL E 256 -28.53 22.86 11.06
C VAL E 256 -28.46 23.26 9.59
N PRO E 257 -28.42 22.33 8.63
CA PRO E 257 -28.39 22.74 7.21
C PRO E 257 -29.65 23.45 6.76
N VAL E 258 -30.73 23.41 7.55
CA VAL E 258 -31.95 24.12 7.19
C VAL E 258 -31.95 25.56 7.71
N VAL E 259 -31.21 25.84 8.77
CA VAL E 259 -31.23 27.15 9.42
C VAL E 259 -30.00 27.99 9.06
N ALA E 260 -28.80 27.39 9.15
CA ALA E 260 -27.58 28.18 8.97
C ALA E 260 -27.46 28.83 7.59
N PRO E 261 -27.71 28.13 6.47
CA PRO E 261 -27.49 28.76 5.16
C PRO E 261 -28.31 30.02 4.93
N LEU E 262 -29.53 30.12 5.48
CA LEU E 262 -30.32 31.32 5.28
C LEU E 262 -29.61 32.55 5.84
N LEU E 263 -29.19 32.47 7.10
CA LEU E 263 -28.47 33.58 7.72
C LEU E 263 -27.15 33.84 7.01
N GLY E 264 -26.44 32.79 6.62
CA GLY E 264 -25.18 32.98 5.93
C GLY E 264 -25.35 33.74 4.62
N ALA E 265 -26.33 33.33 3.82
CA ALA E 265 -26.57 33.98 2.54
C ALA E 265 -27.02 35.42 2.73
N TYR E 266 -27.89 35.67 3.70
CA TYR E 266 -28.34 37.03 3.94
C TYR E 266 -27.17 37.94 4.33
N LEU E 267 -26.31 37.46 5.23
CA LEU E 267 -25.17 38.26 5.64
C LEU E 267 -24.20 38.50 4.49
N GLY E 268 -23.95 37.47 3.67
CA GLY E 268 -23.06 37.66 2.54
C GLY E 268 -23.59 38.66 1.54
N GLY E 269 -24.88 38.58 1.22
CA GLY E 269 -25.48 39.56 0.32
C GLY E 269 -25.42 40.97 0.88
N ILE E 270 -25.70 41.12 2.17
CA ILE E 270 -25.64 42.44 2.79
C ILE E 270 -24.23 43.00 2.71
N ILE E 271 -23.22 42.17 3.02
CA ILE E 271 -21.85 42.63 3.00
C ILE E 271 -21.45 43.07 1.59
N TYR E 272 -21.78 42.26 0.58
CA TYR E 272 -21.41 42.61 -0.79
C TYR E 272 -22.10 43.89 -1.23
N LEU E 273 -23.39 44.03 -0.92
CA LEU E 273 -24.11 45.23 -1.34
C LEU E 273 -23.57 46.47 -0.66
N VAL E 274 -23.25 46.38 0.64
CA VAL E 274 -22.81 47.56 1.37
C VAL E 274 -21.41 47.97 0.94
N PHE E 275 -20.48 47.02 0.88
CA PHE E 275 -19.08 47.38 0.69
C PHE E 275 -18.73 47.58 -0.79
N ILE E 276 -18.86 46.53 -1.60
CA ILE E 276 -18.38 46.60 -2.98
C ILE E 276 -19.46 47.03 -3.97
N GLY E 277 -20.73 46.77 -3.66
CA GLY E 277 -21.79 47.09 -4.58
C GLY E 277 -22.32 48.50 -4.42
N SER E 278 -21.44 49.49 -4.55
CA SER E 278 -21.80 50.90 -4.42
C SER E 278 -22.51 51.19 -3.11
N GLN F 26 18.98 50.08 -30.87
CA GLN F 26 17.63 49.54 -30.85
C GLN F 26 17.07 49.41 -32.27
N GLU F 27 17.89 49.80 -33.25
CA GLU F 27 17.46 49.71 -34.65
C GLU F 27 17.29 48.26 -35.09
N ILE F 28 18.02 47.33 -34.47
CA ILE F 28 17.91 45.92 -34.84
C ILE F 28 16.51 45.41 -34.51
N LEU F 29 15.98 45.78 -33.33
CA LEU F 29 14.68 45.31 -32.89
C LEU F 29 13.53 45.83 -33.75
N GLN F 30 13.78 46.84 -34.59
CA GLN F 30 12.71 47.37 -35.43
C GLN F 30 12.34 46.40 -36.55
N ARG F 31 13.31 45.63 -37.05
CA ARG F 31 13.06 44.72 -38.15
C ARG F 31 12.08 43.62 -37.74
N LYS F 32 11.23 43.22 -38.69
CA LYS F 32 10.22 42.21 -38.40
C LYS F 32 10.83 40.84 -38.19
N MET F 33 11.95 40.54 -38.85
CA MET F 33 12.59 39.24 -38.68
C MET F 33 13.04 39.04 -37.24
N VAL F 34 13.67 40.06 -36.66
CA VAL F 34 14.13 39.96 -35.28
C VAL F 34 12.96 39.79 -34.33
N ARG F 35 11.86 40.51 -34.57
CA ARG F 35 10.68 40.37 -33.72
C ARG F 35 10.09 38.97 -33.81
N GLU F 36 9.98 38.42 -35.03
CA GLU F 36 9.45 37.08 -35.22
C GLU F 36 10.41 36.00 -34.72
N PHE F 37 11.67 36.34 -34.51
CA PHE F 37 12.62 35.43 -33.87
C PHE F 37 12.48 35.47 -32.35
N LEU F 38 12.42 36.68 -31.78
CA LEU F 38 12.32 36.84 -30.34
C LEU F 38 11.02 36.26 -29.81
N ALA F 39 9.91 36.46 -30.54
CA ALA F 39 8.62 35.94 -30.07
C ALA F 39 8.66 34.41 -29.98
N GLU F 40 9.17 33.76 -31.02
CA GLU F 40 9.30 32.31 -31.00
C GLU F 40 10.20 31.86 -29.86
N PHE F 41 11.33 32.56 -29.68
CA PHE F 41 12.26 32.21 -28.60
C PHE F 41 11.56 32.24 -27.25
N MET F 42 10.87 33.34 -26.95
CA MET F 42 10.22 33.49 -25.64
C MET F 42 9.11 32.47 -25.45
N SER F 43 8.26 32.28 -26.45
CA SER F 43 7.14 31.35 -26.30
C SER F 43 7.63 29.92 -26.10
N THR F 44 8.60 29.48 -26.92
CA THR F 44 9.15 28.15 -26.76
C THR F 44 9.81 28.00 -25.40
N TYR F 45 10.52 29.04 -24.95
CA TYR F 45 11.16 28.99 -23.64
C TYR F 45 10.15 28.76 -22.53
N VAL F 46 9.06 29.54 -22.54
CA VAL F 46 8.06 29.42 -21.48
C VAL F 46 7.40 28.05 -21.51
N MET F 47 7.00 27.58 -22.69
CA MET F 47 6.33 26.29 -22.79
C MET F 47 7.23 25.15 -22.33
N MET F 48 8.50 25.18 -22.78
CA MET F 48 9.43 24.13 -22.38
C MET F 48 9.70 24.17 -20.88
N VAL F 49 9.80 25.37 -20.30
CA VAL F 49 10.02 25.49 -18.86
C VAL F 49 8.88 24.82 -18.10
N PHE F 50 7.64 25.14 -18.48
CA PHE F 50 6.49 24.54 -17.78
C PHE F 50 6.47 23.03 -17.94
N GLY F 51 6.70 22.55 -19.16
CA GLY F 51 6.65 21.11 -19.39
C GLY F 51 7.72 20.35 -18.63
N LEU F 52 8.95 20.85 -18.67
CA LEU F 52 10.04 20.18 -17.96
C LEU F 52 9.86 20.26 -16.45
N GLY F 53 9.30 21.36 -15.93
CA GLY F 53 8.99 21.41 -14.51
C GLY F 53 7.98 20.36 -14.10
N SER F 54 6.93 20.20 -14.90
CA SER F 54 5.94 19.17 -14.60
C SER F 54 6.55 17.77 -14.64
N VAL F 55 7.38 17.51 -15.65
CA VAL F 55 8.01 16.20 -15.76
C VAL F 55 8.94 15.93 -14.57
N ALA F 56 9.70 16.94 -14.16
CA ALA F 56 10.58 16.78 -13.00
C ALA F 56 9.78 16.51 -11.73
N HIS F 57 8.65 17.22 -11.56
CA HIS F 57 7.79 16.94 -10.42
C HIS F 57 7.30 15.50 -10.43
N MET F 58 6.89 15.00 -11.61
CA MET F 58 6.42 13.62 -11.68
C MET F 58 7.53 12.63 -11.36
N VAL F 59 8.74 12.88 -11.86
CA VAL F 59 9.82 11.90 -11.74
C VAL F 59 10.40 11.88 -10.33
N LEU F 60 10.74 13.04 -9.78
CA LEU F 60 11.52 13.08 -8.54
C LEU F 60 10.67 12.71 -7.33
N ASN F 61 9.64 13.50 -7.05
CA ASN F 61 8.82 13.32 -5.85
C ASN F 61 7.49 12.69 -6.23
N LYS F 62 7.18 11.55 -5.61
CA LYS F 62 5.94 10.85 -5.92
C LYS F 62 4.73 11.49 -5.28
N LYS F 63 4.89 12.10 -4.09
CA LYS F 63 3.77 12.73 -3.42
C LYS F 63 3.26 13.93 -4.21
N TYR F 64 4.17 14.71 -4.79
CA TYR F 64 3.82 15.95 -5.48
C TYR F 64 3.73 15.78 -7.00
N GLY F 65 3.80 14.56 -7.50
CA GLY F 65 3.84 14.33 -8.93
C GLY F 65 2.84 13.29 -9.38
N SER F 66 2.33 13.48 -10.59
CA SER F 66 1.41 12.54 -11.20
C SER F 66 1.42 12.74 -12.70
N TYR F 67 0.95 11.73 -13.42
CA TYR F 67 0.89 11.81 -14.88
C TYR F 67 -0.07 12.91 -15.33
N LEU F 68 -1.20 13.04 -14.65
CA LEU F 68 -2.15 14.10 -14.98
C LEU F 68 -1.53 15.47 -14.78
N GLY F 69 -0.66 15.62 -13.78
CA GLY F 69 0.04 16.88 -13.62
C GLY F 69 0.91 17.21 -14.82
N VAL F 70 1.63 16.21 -15.33
CA VAL F 70 2.44 16.42 -16.54
C VAL F 70 1.56 16.82 -17.71
N ASN F 71 0.43 16.13 -17.87
CA ASN F 71 -0.46 16.44 -18.99
C ASN F 71 -0.97 17.87 -18.90
N LEU F 72 -1.46 18.27 -17.72
CA LEU F 72 -1.99 19.63 -17.56
C LEU F 72 -0.91 20.67 -17.77
N GLY F 73 0.29 20.46 -17.20
CA GLY F 73 1.34 21.44 -17.36
C GLY F 73 1.78 21.59 -18.81
N PHE F 74 2.02 20.47 -19.48
CA PHE F 74 2.50 20.52 -20.86
C PHE F 74 1.40 20.88 -21.84
N GLY F 75 0.14 20.85 -21.41
CA GLY F 75 -0.95 21.29 -22.28
C GLY F 75 -1.24 22.76 -22.14
N PHE F 76 -1.29 23.26 -20.90
CA PHE F 76 -1.60 24.66 -20.66
C PHE F 76 -0.36 25.55 -20.64
N GLY F 77 0.83 24.99 -20.88
CA GLY F 77 1.98 25.83 -21.18
C GLY F 77 1.94 26.28 -22.62
N VAL F 78 1.45 25.39 -23.49
CA VAL F 78 1.22 25.74 -24.89
C VAL F 78 0.26 26.92 -25.00
N THR F 79 -0.77 26.93 -24.14
CA THR F 79 -1.71 28.04 -24.14
C THR F 79 -1.03 29.36 -23.83
N MET F 80 -0.17 29.36 -22.81
CA MET F 80 0.55 30.58 -22.45
C MET F 80 1.50 31.01 -23.56
N GLY F 81 2.16 30.05 -24.20
CA GLY F 81 3.03 30.38 -25.32
C GLY F 81 2.26 31.00 -26.48
N VAL F 82 1.09 30.45 -26.79
CA VAL F 82 0.24 31.01 -27.84
C VAL F 82 -0.18 32.42 -27.47
N HIS F 83 -0.53 32.65 -26.20
CA HIS F 83 -0.89 33.99 -25.77
C HIS F 83 0.28 34.96 -25.93
N VAL F 84 1.49 34.50 -25.60
CA VAL F 84 2.66 35.37 -25.65
C VAL F 84 3.00 35.75 -27.09
N ALA F 85 3.05 34.75 -27.99
CA ALA F 85 3.55 34.94 -29.34
C ALA F 85 2.48 34.68 -30.38
N GLY F 86 1.26 35.18 -30.17
CA GLY F 86 0.17 34.93 -31.07
C GLY F 86 0.22 35.70 -32.37
N ARG F 87 0.19 37.03 -32.27
CA ARG F 87 0.09 37.86 -33.47
C ARG F 87 1.42 37.97 -34.22
N ILE F 88 2.55 38.00 -33.51
CA ILE F 88 3.82 38.30 -34.15
C ILE F 88 4.19 37.22 -35.16
N SER F 89 4.10 35.95 -34.76
CA SER F 89 4.53 34.87 -35.63
C SER F 89 3.58 33.67 -35.67
N GLY F 90 2.48 33.71 -34.92
CA GLY F 90 1.55 32.59 -34.87
C GLY F 90 1.86 31.55 -33.83
N ALA F 91 3.00 31.65 -33.14
CA ALA F 91 3.39 30.73 -32.07
C ALA F 91 3.41 29.28 -32.56
N HIS F 92 4.28 29.03 -33.54
CA HIS F 92 4.44 27.66 -34.03
C HIS F 92 4.99 26.76 -32.94
N MET F 93 6.08 27.16 -32.29
CA MET F 93 6.66 26.48 -31.14
C MET F 93 6.98 25.01 -31.42
N ASN F 94 7.08 24.64 -32.70
CA ASN F 94 7.30 23.25 -33.08
C ASN F 94 7.78 23.22 -34.52
N ALA F 95 8.91 22.56 -34.77
CA ALA F 95 9.47 22.52 -36.11
C ALA F 95 8.62 21.71 -37.07
N ALA F 96 7.85 20.75 -36.57
CA ALA F 96 6.98 19.96 -37.44
C ALA F 96 5.82 20.81 -37.97
N VAL F 97 5.22 21.65 -37.11
CA VAL F 97 4.17 22.54 -37.56
C VAL F 97 4.70 23.53 -38.58
N THR F 98 5.89 24.09 -38.33
CA THR F 98 6.48 25.02 -39.28
C THR F 98 6.77 24.36 -40.62
N PHE F 99 7.30 23.13 -40.59
CA PHE F 99 7.55 22.41 -41.83
C PHE F 99 6.26 22.13 -42.59
N ALA F 100 5.21 21.73 -41.86
CA ALA F 100 3.93 21.45 -42.50
C ALA F 100 3.34 22.70 -43.13
N ASN F 101 3.43 23.84 -42.43
CA ASN F 101 2.91 25.09 -42.98
C ASN F 101 3.71 25.54 -44.19
N CYS F 102 5.05 25.39 -44.15
CA CYS F 102 5.87 25.83 -45.27
C CYS F 102 5.66 24.93 -46.49
N ALA F 103 5.48 23.63 -46.28
CA ALA F 103 5.28 22.72 -47.40
C ALA F 103 3.96 22.99 -48.12
N LEU F 104 2.94 23.46 -47.41
CA LEU F 104 1.64 23.75 -47.99
C LEU F 104 1.56 25.17 -48.56
N GLY F 105 2.62 25.96 -48.48
CA GLY F 105 2.64 27.30 -49.04
C GLY F 105 2.09 28.38 -48.14
N ARG F 106 1.62 28.03 -46.94
CA ARG F 106 1.09 29.04 -46.04
C ARG F 106 2.18 29.98 -45.54
N VAL F 107 3.38 29.46 -45.31
CA VAL F 107 4.51 30.23 -44.82
C VAL F 107 5.65 30.07 -45.81
N PRO F 108 6.29 31.15 -46.24
CA PRO F 108 7.42 31.01 -47.17
C PRO F 108 8.61 30.33 -46.50
N TRP F 109 9.44 29.70 -47.34
CA TRP F 109 10.60 28.97 -46.85
C TRP F 109 11.69 29.88 -46.27
N ARG F 110 11.59 31.20 -46.48
CA ARG F 110 12.62 32.10 -45.98
C ARG F 110 12.65 32.13 -44.46
N LYS F 111 11.49 32.00 -43.82
CA LYS F 111 11.38 32.14 -42.37
C LYS F 111 11.57 30.83 -41.61
N PHE F 112 11.77 29.72 -42.31
CA PHE F 112 11.95 28.44 -41.64
C PHE F 112 13.21 28.39 -40.77
N PRO F 113 14.41 28.74 -41.28
CA PRO F 113 15.60 28.68 -40.41
C PRO F 113 15.51 29.58 -39.19
N VAL F 114 14.90 30.75 -39.32
CA VAL F 114 14.79 31.67 -38.19
C VAL F 114 13.94 31.06 -37.09
N TYR F 115 12.79 30.50 -37.47
CA TYR F 115 11.91 29.85 -36.50
C TYR F 115 12.61 28.67 -35.85
N VAL F 116 13.32 27.86 -36.64
CA VAL F 116 14.00 26.69 -36.09
C VAL F 116 15.06 27.11 -35.08
N LEU F 117 15.86 28.12 -35.43
CA LEU F 117 16.90 28.58 -34.52
C LEU F 117 16.30 29.15 -33.23
N GLY F 118 15.23 29.93 -33.35
CA GLY F 118 14.60 30.48 -32.16
C GLY F 118 14.07 29.39 -31.24
N GLN F 119 13.39 28.39 -31.82
CA GLN F 119 12.86 27.29 -31.02
C GLN F 119 13.99 26.51 -30.34
N PHE F 120 15.06 26.23 -31.08
CA PHE F 120 16.17 25.47 -30.51
C PHE F 120 16.82 26.22 -29.35
N LEU F 121 17.09 27.51 -29.54
CA LEU F 121 17.70 28.29 -28.48
C LEU F 121 16.79 28.38 -27.26
N GLY F 122 15.50 28.61 -27.47
CA GLY F 122 14.57 28.68 -26.35
C GLY F 122 14.50 27.38 -25.58
N SER F 123 14.43 26.25 -26.28
CA SER F 123 14.37 24.96 -25.61
C SER F 123 15.65 24.67 -24.84
N PHE F 124 16.81 24.99 -25.43
CA PHE F 124 18.08 24.77 -24.73
C PHE F 124 18.16 25.59 -23.46
N LEU F 125 17.79 26.87 -23.53
CA LEU F 125 17.83 27.70 -22.33
C LEU F 125 16.81 27.25 -21.30
N ALA F 126 15.64 26.76 -21.73
CA ALA F 126 14.66 26.25 -20.79
C ALA F 126 15.17 25.02 -20.07
N ALA F 127 15.83 24.12 -20.80
CA ALA F 127 16.43 22.95 -20.17
C ALA F 127 17.50 23.36 -19.16
N ALA F 128 18.32 24.35 -19.52
CA ALA F 128 19.33 24.84 -18.59
C ALA F 128 18.70 25.42 -17.33
N THR F 129 17.62 26.19 -17.48
CA THR F 129 16.94 26.77 -16.32
C THR F 129 16.35 25.69 -15.43
N ILE F 130 15.72 24.68 -16.02
CA ILE F 130 15.12 23.60 -15.24
C ILE F 130 16.21 22.83 -14.50
N TYR F 131 17.35 22.60 -15.15
CA TYR F 131 18.47 21.95 -14.48
C TYR F 131 18.97 22.80 -13.31
N SER F 132 19.02 24.12 -13.50
CA SER F 132 19.51 25.00 -12.44
C SER F 132 18.57 25.01 -11.24
N LEU F 133 17.26 24.98 -11.47
CA LEU F 133 16.31 25.11 -10.36
C LEU F 133 16.27 23.86 -9.50
N PHE F 134 16.24 22.67 -10.12
CA PHE F 134 16.06 21.42 -9.41
C PHE F 134 17.38 20.69 -9.16
N TYR F 135 18.48 21.42 -8.98
CA TYR F 135 19.79 20.78 -8.86
C TYR F 135 19.90 19.95 -7.59
N THR F 136 19.55 20.54 -6.44
CA THR F 136 19.69 19.83 -5.17
C THR F 136 18.78 18.62 -5.10
N ALA F 137 17.54 18.75 -5.60
CA ALA F 137 16.61 17.63 -5.60
C ALA F 137 17.12 16.49 -6.48
N ILE F 138 17.69 16.83 -7.63
CA ILE F 138 18.24 15.81 -8.53
C ILE F 138 19.40 15.09 -7.85
N LEU F 139 20.30 15.85 -7.21
CA LEU F 139 21.42 15.23 -6.53
C LEU F 139 20.96 14.32 -5.39
N HIS F 140 19.95 14.77 -4.63
CA HIS F 140 19.45 13.97 -3.52
C HIS F 140 18.78 12.70 -4.02
N PHE F 141 17.98 12.79 -5.08
CA PHE F 141 17.29 11.62 -5.59
C PHE F 141 18.26 10.61 -6.20
N SER F 142 19.21 11.09 -7.01
CA SER F 142 20.15 10.20 -7.67
C SER F 142 21.27 9.71 -6.75
N GLY F 143 21.43 10.31 -5.58
CA GLY F 143 22.52 9.96 -4.70
C GLY F 143 23.86 10.54 -5.10
N GLY F 144 23.89 11.45 -6.07
CA GLY F 144 25.11 12.06 -6.54
C GLY F 144 25.64 11.52 -7.85
N GLN F 145 25.08 10.41 -8.35
CA GLN F 145 25.52 9.80 -9.59
C GLN F 145 24.42 9.94 -10.64
N LEU F 146 24.78 10.48 -11.80
CA LEU F 146 23.82 10.71 -12.89
C LEU F 146 23.82 9.52 -13.82
N MET F 147 22.69 8.83 -13.92
CA MET F 147 22.55 7.63 -14.73
C MET F 147 21.44 7.83 -15.76
N VAL F 148 21.73 7.45 -17.01
CA VAL F 148 20.73 7.57 -18.07
C VAL F 148 19.62 6.55 -17.86
N THR F 149 19.99 5.30 -17.55
CA THR F 149 19.04 4.22 -17.35
C THR F 149 19.32 3.54 -16.01
N GLY F 150 18.26 3.26 -15.27
CA GLY F 150 18.38 2.59 -14.00
C GLY F 150 17.21 2.88 -13.07
N PRO F 151 17.25 2.32 -11.87
CA PRO F 151 16.17 2.60 -10.90
C PRO F 151 16.12 4.05 -10.46
N VAL F 152 17.23 4.77 -10.52
CA VAL F 152 17.26 6.17 -10.09
C VAL F 152 17.70 7.05 -11.26
N ALA F 153 17.34 6.63 -12.48
CA ALA F 153 17.72 7.39 -13.67
C ALA F 153 17.00 8.73 -13.69
N THR F 154 17.73 9.78 -14.09
CA THR F 154 17.19 11.13 -14.16
C THR F 154 17.34 11.76 -15.54
N ALA F 155 17.89 11.03 -16.52
CA ALA F 155 18.03 11.59 -17.87
C ALA F 155 16.70 11.68 -18.60
N GLY F 156 15.67 10.98 -18.13
CA GLY F 156 14.37 11.01 -18.77
C GLY F 156 13.57 12.27 -18.51
N ILE F 157 14.02 13.12 -17.60
CA ILE F 157 13.33 14.37 -17.34
C ILE F 157 13.38 15.28 -18.57
N PHE F 158 14.55 15.36 -19.21
CA PHE F 158 14.77 16.30 -20.29
C PHE F 158 14.32 15.77 -21.65
N ALA F 159 14.64 14.52 -21.96
CA ALA F 159 14.28 13.92 -23.24
C ALA F 159 13.59 12.60 -23.02
N THR F 160 12.80 12.18 -24.00
CA THR F 160 12.07 10.93 -23.93
C THR F 160 12.96 9.76 -24.34
N TYR F 161 12.72 8.61 -23.73
CA TYR F 161 13.48 7.40 -24.01
C TYR F 161 12.53 6.24 -24.27
N LEU F 162 12.96 5.33 -25.12
CA LEU F 162 12.09 4.22 -25.55
C LEU F 162 11.89 3.23 -24.41
N PRO F 163 10.66 2.84 -24.12
CA PRO F 163 10.43 1.82 -23.08
C PRO F 163 10.98 0.46 -23.50
N ASP F 164 10.93 -0.47 -22.55
CA ASP F 164 11.53 -1.79 -22.78
C ASP F 164 10.72 -2.61 -23.78
N HIS F 165 9.40 -2.61 -23.64
CA HIS F 165 8.57 -3.46 -24.50
C HIS F 165 8.42 -2.88 -25.90
N MET F 166 8.54 -1.56 -26.05
CA MET F 166 8.30 -0.92 -27.33
C MET F 166 9.56 -0.93 -28.18
N THR F 167 9.39 -1.10 -29.49
CA THR F 167 10.49 -1.21 -30.42
C THR F 167 10.66 0.09 -31.21
N LEU F 168 11.65 0.10 -32.10
CA LEU F 168 12.04 1.33 -32.78
C LEU F 168 11.02 1.74 -33.84
N TRP F 169 10.68 0.82 -34.75
CA TRP F 169 9.79 1.18 -35.85
C TRP F 169 8.37 1.43 -35.38
N ARG F 170 7.92 0.69 -34.36
CA ARG F 170 6.63 1.01 -33.76
C ARG F 170 6.65 2.38 -33.10
N GLY F 171 7.78 2.77 -32.52
CA GLY F 171 7.90 4.14 -32.02
C GLY F 171 7.83 5.17 -33.11
N PHE F 172 8.46 4.89 -34.25
CA PHE F 172 8.36 5.77 -35.41
C PHE F 172 6.91 5.92 -35.85
N LEU F 173 6.18 4.81 -35.91
CA LEU F 173 4.76 4.85 -36.27
C LEU F 173 3.96 5.66 -35.27
N ASN F 174 4.21 5.47 -33.98
CA ASN F 174 3.48 6.20 -32.95
C ASN F 174 3.74 7.70 -33.06
N GLU F 175 5.00 8.10 -33.24
CA GLU F 175 5.32 9.52 -33.35
C GLU F 175 4.64 10.13 -34.56
N ALA F 176 4.74 9.48 -35.72
CA ALA F 176 4.15 10.02 -36.93
C ALA F 176 2.63 10.14 -36.78
N TRP F 177 2.00 9.11 -36.21
CA TRP F 177 0.54 9.13 -36.09
C TRP F 177 0.08 10.22 -35.14
N LEU F 178 0.76 10.38 -33.99
CA LEU F 178 0.39 11.41 -33.04
C LEU F 178 0.57 12.80 -33.64
N THR F 179 1.67 13.02 -34.36
CA THR F 179 1.86 14.33 -34.99
C THR F 179 0.81 14.60 -36.05
N GLY F 180 0.42 13.57 -36.80
CA GLY F 180 -0.64 13.74 -37.79
C GLY F 180 -1.95 14.13 -37.15
N MET F 181 -2.32 13.46 -36.06
CA MET F 181 -3.55 13.81 -35.36
C MET F 181 -3.49 15.23 -34.82
N LEU F 182 -2.35 15.62 -34.25
CA LEU F 182 -2.20 16.98 -33.73
C LEU F 182 -2.36 18.01 -34.83
N GLN F 183 -1.74 17.77 -35.99
CA GLN F 183 -1.83 18.73 -37.09
C GLN F 183 -3.25 18.83 -37.63
N LEU F 184 -3.94 17.69 -37.76
CA LEU F 184 -5.32 17.72 -38.23
C LEU F 184 -6.21 18.51 -37.27
N CYS F 185 -6.05 18.28 -35.97
CA CYS F 185 -6.86 19.00 -35.00
C CYS F 185 -6.53 20.49 -35.01
N LEU F 186 -5.25 20.84 -35.16
CA LEU F 186 -4.87 22.25 -35.22
C LEU F 186 -5.46 22.93 -36.44
N PHE F 187 -5.47 22.24 -37.58
CA PHE F 187 -6.13 22.79 -38.77
C PHE F 187 -7.61 22.98 -38.53
N ALA F 188 -8.26 22.01 -37.87
CA ALA F 188 -9.70 22.09 -37.67
C ALA F 188 -10.06 23.24 -36.74
N ILE F 189 -9.31 23.42 -35.65
CA ILE F 189 -9.67 24.41 -34.65
C ILE F 189 -9.56 25.83 -35.21
N THR F 190 -8.48 26.11 -35.92
CA THR F 190 -8.16 27.48 -36.34
C THR F 190 -8.86 27.90 -37.63
N ASP F 191 -9.28 26.94 -38.45
CA ASP F 191 -9.84 27.26 -39.77
C ASP F 191 -11.07 28.15 -39.64
N GLN F 192 -11.03 29.30 -40.30
CA GLN F 192 -12.12 30.28 -40.20
C GLN F 192 -13.33 29.89 -41.02
N GLU F 193 -13.14 29.14 -42.12
CA GLU F 193 -14.25 28.84 -43.01
C GLU F 193 -15.20 27.81 -42.42
N ASN F 194 -14.65 26.76 -41.80
CA ASN F 194 -15.48 25.62 -41.40
C ASN F 194 -16.19 25.88 -40.08
N ASN F 195 -15.44 25.99 -38.99
CA ASN F 195 -16.02 26.16 -37.67
C ASN F 195 -14.96 26.64 -36.69
N PRO F 196 -14.47 27.87 -36.83
CA PRO F 196 -13.42 28.34 -35.94
C PRO F 196 -13.93 28.52 -34.52
N ALA F 197 -13.02 28.36 -33.56
CA ALA F 197 -13.33 28.70 -32.19
C ALA F 197 -13.48 30.21 -32.06
N LEU F 198 -14.21 30.62 -31.02
CA LEU F 198 -14.43 32.05 -30.81
C LEU F 198 -13.09 32.74 -30.58
N PRO F 199 -12.79 33.82 -31.30
CA PRO F 199 -11.48 34.47 -31.16
C PRO F 199 -11.24 34.93 -29.74
N GLY F 200 -10.00 34.76 -29.28
CA GLY F 200 -9.64 35.02 -27.91
C GLY F 200 -9.76 33.83 -26.98
N THR F 201 -10.35 32.73 -27.46
CA THR F 201 -10.46 31.50 -26.69
C THR F 201 -9.79 30.31 -27.37
N GLU F 202 -9.05 30.55 -28.45
CA GLU F 202 -8.38 29.45 -29.15
C GLU F 202 -7.28 28.81 -28.30
N ALA F 203 -6.64 29.61 -27.45
CA ALA F 203 -5.54 29.08 -26.64
C ALA F 203 -6.02 28.01 -25.68
N LEU F 204 -7.19 28.21 -25.06
CA LEU F 204 -7.74 27.20 -24.16
C LEU F 204 -8.04 25.91 -24.90
N VAL F 205 -8.61 26.00 -26.11
CA VAL F 205 -8.94 24.82 -26.87
C VAL F 205 -7.68 24.07 -27.28
N ILE F 206 -6.64 24.80 -27.69
CA ILE F 206 -5.37 24.16 -28.06
C ILE F 206 -4.74 23.49 -26.85
N GLY F 207 -4.79 24.14 -25.69
CA GLY F 207 -4.27 23.54 -24.49
C GLY F 207 -5.01 22.26 -24.11
N ILE F 208 -6.33 22.28 -24.22
CA ILE F 208 -7.11 21.08 -23.92
C ILE F 208 -6.79 19.98 -24.92
N LEU F 209 -6.57 20.34 -26.18
CA LEU F 209 -6.18 19.35 -27.19
C LEU F 209 -4.86 18.68 -26.80
N VAL F 210 -3.87 19.47 -26.39
CA VAL F 210 -2.59 18.91 -26.00
C VAL F 210 -2.75 18.04 -24.75
N VAL F 211 -3.59 18.48 -23.82
CA VAL F 211 -3.81 17.71 -22.58
C VAL F 211 -4.40 16.36 -22.91
N ILE F 212 -5.43 16.32 -23.77
CA ILE F 212 -6.06 15.05 -24.07
C ILE F 212 -5.16 14.18 -24.93
N ILE F 213 -4.31 14.77 -25.78
CA ILE F 213 -3.33 13.98 -26.50
C ILE F 213 -2.40 13.28 -25.52
N GLY F 214 -1.90 14.03 -24.53
CA GLY F 214 -1.03 13.42 -23.53
C GLY F 214 -1.73 12.35 -22.72
N VAL F 215 -3.00 12.58 -22.38
CA VAL F 215 -3.74 11.61 -21.58
C VAL F 215 -3.99 10.32 -22.36
N SER F 216 -4.35 10.45 -23.64
CA SER F 216 -4.84 9.31 -24.40
C SER F 216 -3.74 8.54 -25.13
N LEU F 217 -2.69 9.21 -25.60
CA LEU F 217 -1.70 8.57 -26.46
C LEU F 217 -0.28 8.91 -25.98
N GLY F 218 -0.03 8.72 -24.69
CA GLY F 218 1.22 9.21 -24.14
C GLY F 218 2.21 8.18 -23.62
N MET F 219 1.74 7.05 -23.13
CA MET F 219 2.61 6.11 -22.44
C MET F 219 3.52 5.33 -23.38
N ASN F 220 3.23 5.30 -24.68
CA ASN F 220 4.02 4.49 -25.60
C ASN F 220 5.43 5.06 -25.79
N THR F 221 5.54 6.36 -26.05
CA THR F 221 6.84 6.95 -26.35
C THR F 221 7.06 8.30 -25.67
N GLY F 222 6.18 8.72 -24.77
CA GLY F 222 6.30 10.03 -24.17
C GLY F 222 5.75 11.17 -24.99
N TYR F 223 5.07 10.87 -26.09
CA TYR F 223 4.45 11.85 -27.00
C TYR F 223 5.35 13.06 -27.23
N ALA F 224 6.53 12.79 -27.77
CA ALA F 224 7.47 13.86 -28.09
C ALA F 224 6.89 14.81 -29.14
N ILE F 225 6.58 14.27 -30.33
CA ILE F 225 5.98 14.97 -31.47
C ILE F 225 6.49 16.39 -31.63
N ASN F 226 7.74 16.63 -31.24
CA ASN F 226 8.36 17.94 -31.38
C ASN F 226 9.87 17.81 -31.40
N PRO F 227 10.53 18.07 -32.52
CA PRO F 227 12.00 18.06 -32.52
C PRO F 227 12.61 19.06 -31.56
N SER F 228 11.98 20.24 -31.43
CA SER F 228 12.50 21.27 -30.53
C SER F 228 12.37 20.85 -29.08
N ARG F 229 11.32 20.12 -28.73
CA ARG F 229 11.16 19.64 -27.36
C ARG F 229 12.13 18.51 -27.03
N ASP F 230 12.63 17.80 -28.04
CA ASP F 230 13.40 16.58 -27.82
C ASP F 230 14.91 16.81 -27.93
N LEU F 231 15.38 17.29 -29.09
CA LEU F 231 16.83 17.26 -29.35
C LEU F 231 17.62 18.20 -28.44
N PRO F 232 17.27 19.48 -28.30
CA PRO F 232 18.13 20.40 -27.51
C PRO F 232 18.27 19.97 -26.06
N PRO F 233 17.22 19.47 -25.39
CA PRO F 233 17.45 18.93 -24.03
C PRO F 233 18.41 17.76 -24.01
N ARG F 234 18.36 16.89 -25.02
CA ARG F 234 19.29 15.77 -25.08
C ARG F 234 20.72 16.27 -25.23
N ILE F 235 20.93 17.27 -26.09
CA ILE F 235 22.27 17.84 -26.26
C ILE F 235 22.73 18.48 -24.95
N PHE F 236 21.81 19.18 -24.26
CA PHE F 236 22.18 19.81 -23.00
C PHE F 236 22.61 18.77 -21.97
N THR F 237 21.88 17.66 -21.87
CA THR F 237 22.28 16.60 -20.95
C THR F 237 23.64 16.02 -21.33
N PHE F 238 23.86 15.81 -22.63
CA PHE F 238 25.13 15.26 -23.09
C PHE F 238 26.30 16.15 -22.70
N ILE F 239 26.16 17.47 -22.87
CA ILE F 239 27.26 18.35 -22.49
C ILE F 239 27.28 18.64 -20.99
N ALA F 240 26.17 18.42 -20.28
CA ALA F 240 26.15 18.64 -18.83
C ALA F 240 26.82 17.50 -18.08
N GLY F 241 26.76 16.28 -18.60
CA GLY F 241 27.50 15.21 -17.95
C GLY F 241 26.84 13.85 -17.87
N TRP F 242 25.65 13.72 -18.45
CA TRP F 242 25.01 12.40 -18.48
C TRP F 242 25.75 11.42 -19.39
N GLY F 243 26.70 11.89 -20.19
CA GLY F 243 27.50 11.02 -21.02
C GLY F 243 26.94 10.86 -22.42
N LYS F 244 27.65 10.05 -23.20
CA LYS F 244 27.25 9.77 -24.58
C LYS F 244 26.22 8.67 -24.68
N GLN F 245 25.81 8.07 -23.55
CA GLN F 245 24.77 7.05 -23.56
C GLN F 245 23.40 7.60 -23.94
N VAL F 246 23.22 8.92 -23.92
CA VAL F 246 21.93 9.50 -24.25
C VAL F 246 21.59 9.26 -25.72
N PHE F 247 22.59 9.28 -26.60
CA PHE F 247 22.33 9.08 -28.03
C PHE F 247 22.24 7.60 -28.40
N SER F 248 23.16 6.78 -27.89
CA SER F 248 23.24 5.39 -28.28
C SER F 248 22.18 4.51 -27.62
N ASN F 249 21.46 5.01 -26.61
CA ASN F 249 20.48 4.20 -25.93
C ASN F 249 19.28 3.92 -26.84
N GLY F 250 18.72 2.72 -26.70
CA GLY F 250 17.54 2.35 -27.46
C GLY F 250 17.75 2.25 -28.95
N GLU F 251 18.90 1.69 -29.37
CA GLU F 251 19.21 1.48 -30.79
C GLU F 251 19.17 2.80 -31.57
N ASN F 252 19.81 3.83 -31.01
CA ASN F 252 19.87 5.16 -31.61
C ASN F 252 18.46 5.71 -31.84
N TRP F 253 17.75 5.92 -30.74
CA TRP F 253 16.38 6.40 -30.79
C TRP F 253 16.26 7.89 -31.08
N TRP F 254 17.37 8.64 -30.97
CA TRP F 254 17.28 10.10 -30.97
C TRP F 254 16.78 10.65 -32.31
N TRP F 255 17.03 9.96 -33.42
CA TRP F 255 16.66 10.52 -34.72
C TRP F 255 15.20 10.32 -35.07
N VAL F 256 14.49 9.42 -34.38
CA VAL F 256 13.08 9.19 -34.69
C VAL F 256 12.22 10.42 -34.41
N PRO F 257 12.31 11.09 -33.26
CA PRO F 257 11.50 12.30 -33.04
C PRO F 257 11.86 13.45 -33.96
N VAL F 258 12.99 13.38 -34.65
CA VAL F 258 13.35 14.43 -35.59
C VAL F 258 12.79 14.18 -36.99
N VAL F 259 12.51 12.92 -37.34
CA VAL F 259 12.07 12.57 -38.69
C VAL F 259 10.57 12.29 -38.75
N ALA F 260 10.05 11.50 -37.82
CA ALA F 260 8.65 11.10 -37.91
C ALA F 260 7.66 12.25 -37.86
N PRO F 261 7.77 13.23 -36.95
CA PRO F 261 6.73 14.27 -36.89
C PRO F 261 6.56 15.07 -38.16
N LEU F 262 7.62 15.28 -38.95
CA LEU F 262 7.48 16.04 -40.19
C LEU F 262 6.52 15.35 -41.14
N LEU F 263 6.75 14.05 -41.39
CA LEU F 263 5.87 13.29 -42.27
C LEU F 263 4.47 13.20 -41.68
N GLY F 264 4.36 13.00 -40.37
CA GLY F 264 3.05 12.91 -39.75
C GLY F 264 2.24 14.18 -39.94
N ALA F 265 2.86 15.34 -39.68
CA ALA F 265 2.16 16.62 -39.82
C ALA F 265 1.79 16.87 -41.28
N TYR F 266 2.70 16.58 -42.21
CA TYR F 266 2.38 16.79 -43.62
C TYR F 266 1.19 15.94 -44.04
N LEU F 267 1.17 14.66 -43.65
CA LEU F 267 0.07 13.79 -44.02
C LEU F 267 -1.24 14.25 -43.39
N GLY F 268 -1.20 14.67 -42.12
CA GLY F 268 -2.41 15.15 -41.48
C GLY F 268 -2.99 16.38 -42.14
N GLY F 269 -2.12 17.36 -42.45
CA GLY F 269 -2.58 18.53 -43.16
C GLY F 269 -3.15 18.22 -44.52
N ILE F 270 -2.49 17.33 -45.27
CA ILE F 270 -3.00 16.94 -46.58
C ILE F 270 -4.37 16.29 -46.46
N ILE F 271 -4.53 15.39 -45.48
CA ILE F 271 -5.81 14.69 -45.32
C ILE F 271 -6.91 15.69 -44.98
N TYR F 272 -6.64 16.60 -44.04
CA TYR F 272 -7.67 17.57 -43.67
C TYR F 272 -8.05 18.44 -44.86
N LEU F 273 -7.06 18.97 -45.57
CA LEU F 273 -7.35 19.87 -46.68
C LEU F 273 -8.11 19.15 -47.79
N VAL F 274 -7.75 17.91 -48.09
CA VAL F 274 -8.39 17.19 -49.18
C VAL F 274 -9.82 16.83 -48.82
N PHE F 275 -10.03 16.30 -47.61
CA PHE F 275 -11.35 15.77 -47.26
C PHE F 275 -12.30 16.83 -46.71
N ILE F 276 -11.90 17.52 -45.64
CA ILE F 276 -12.82 18.37 -44.90
C ILE F 276 -12.69 19.83 -45.30
N GLY F 277 -11.46 20.32 -45.46
CA GLY F 277 -11.26 21.71 -45.82
C GLY F 277 -11.56 22.01 -47.28
N SER F 278 -12.79 21.73 -47.70
CA SER F 278 -13.25 21.96 -49.07
C SER F 278 -12.33 21.28 -50.08
N GLN G 26 -12.77 14.18 -58.79
CA GLN G 26 -13.08 15.00 -57.61
C GLN G 26 -14.53 15.45 -57.63
N GLU G 27 -15.26 15.05 -58.67
CA GLU G 27 -16.66 15.43 -58.80
C GLU G 27 -17.51 14.78 -57.71
N ILE G 28 -17.10 13.62 -57.21
CA ILE G 28 -17.86 12.95 -56.16
C ILE G 28 -17.85 13.77 -54.88
N LEU G 29 -16.71 14.35 -54.54
CA LEU G 29 -16.59 15.14 -53.31
C LEU G 29 -17.42 16.43 -53.34
N GLN G 30 -17.90 16.85 -54.51
CA GLN G 30 -18.70 18.07 -54.58
C GLN G 30 -20.07 17.88 -53.95
N ARG G 31 -20.64 16.68 -54.05
CA ARG G 31 -21.97 16.43 -53.52
C ARG G 31 -21.99 16.59 -52.00
N LYS G 32 -23.10 17.12 -51.49
CA LYS G 32 -23.22 17.35 -50.06
C LYS G 32 -23.32 16.06 -49.27
N MET G 33 -23.91 15.01 -49.87
CA MET G 33 -24.03 13.74 -49.17
C MET G 33 -22.65 13.18 -48.84
N VAL G 34 -21.73 13.22 -49.80
CA VAL G 34 -20.37 12.73 -49.56
C VAL G 34 -19.67 13.59 -48.52
N ARG G 35 -19.91 14.90 -48.55
CA ARG G 35 -19.29 15.79 -47.57
C ARG G 35 -19.74 15.44 -46.16
N GLU G 36 -21.04 15.24 -45.96
CA GLU G 36 -21.55 14.87 -44.65
C GLU G 36 -21.02 13.50 -44.22
N PHE G 37 -20.97 12.55 -45.16
CA PHE G 37 -20.43 11.23 -44.84
C PHE G 37 -18.99 11.32 -44.36
N LEU G 38 -18.16 12.07 -45.08
CA LEU G 38 -16.76 12.21 -44.70
C LEU G 38 -16.61 12.93 -43.37
N ALA G 39 -17.42 13.97 -43.13
CA ALA G 39 -17.33 14.70 -41.87
C ALA G 39 -17.68 13.80 -40.69
N GLU G 40 -18.78 13.05 -40.82
CA GLU G 40 -19.16 12.12 -39.74
C GLU G 40 -18.08 11.07 -39.52
N PHE G 41 -17.54 10.53 -40.62
CA PHE G 41 -16.48 9.52 -40.51
C PHE G 41 -15.28 10.05 -39.74
N MET G 42 -14.79 11.22 -40.13
CA MET G 42 -13.60 11.78 -39.49
C MET G 42 -13.84 12.12 -38.03
N SER G 43 -14.98 12.76 -37.73
CA SER G 43 -15.25 13.16 -36.35
C SER G 43 -15.39 11.94 -35.44
N THR G 44 -16.17 10.94 -35.88
CA THR G 44 -16.31 9.73 -35.09
C THR G 44 -14.97 9.02 -34.92
N TYR G 45 -14.15 9.01 -35.97
CA TYR G 45 -12.84 8.37 -35.89
C TYR G 45 -11.99 9.03 -34.81
N VAL G 46 -11.93 10.36 -34.82
CA VAL G 46 -11.09 11.07 -33.87
C VAL G 46 -11.58 10.84 -32.43
N MET G 47 -12.89 10.96 -32.24
CA MET G 47 -13.44 10.80 -30.88
C MET G 47 -13.20 9.38 -30.36
N MET G 48 -13.43 8.37 -31.20
CA MET G 48 -13.22 7.00 -30.78
C MET G 48 -11.74 6.71 -30.51
N VAL G 49 -10.85 7.29 -31.32
CA VAL G 49 -9.42 7.11 -31.08
C VAL G 49 -9.04 7.63 -29.71
N PHE G 50 -9.47 8.85 -29.39
CA PHE G 50 -9.14 9.42 -28.08
C PHE G 50 -9.73 8.60 -26.94
N GLY G 51 -10.99 8.20 -27.06
CA GLY G 51 -11.62 7.44 -25.99
C GLY G 51 -10.96 6.09 -25.75
N LEU G 52 -10.70 5.36 -26.83
CA LEU G 52 -10.07 4.05 -26.70
C LEU G 52 -8.64 4.16 -26.20
N GLY G 53 -7.91 5.21 -26.59
CA GLY G 53 -6.58 5.41 -26.03
C GLY G 53 -6.62 5.65 -24.53
N SER G 54 -7.57 6.47 -24.06
CA SER G 54 -7.69 6.68 -22.63
C SER G 54 -8.06 5.39 -21.89
N VAL G 55 -8.97 4.60 -22.46
CA VAL G 55 -9.37 3.34 -21.83
C VAL G 55 -8.20 2.38 -21.77
N ALA G 56 -7.41 2.30 -22.84
CA ALA G 56 -6.25 1.41 -22.85
C ALA G 56 -5.22 1.85 -21.81
N HIS G 57 -5.01 3.17 -21.68
CA HIS G 57 -4.11 3.66 -20.64
C HIS G 57 -4.59 3.26 -19.26
N MET G 58 -5.91 3.37 -19.01
CA MET G 58 -6.43 2.99 -17.70
C MET G 58 -6.26 1.50 -17.44
N VAL G 59 -6.50 0.68 -18.45
CA VAL G 59 -6.53 -0.77 -18.25
C VAL G 59 -5.12 -1.34 -18.12
N LEU G 60 -4.23 -0.99 -19.04
CA LEU G 60 -2.94 -1.68 -19.12
C LEU G 60 -2.01 -1.25 -17.99
N ASN G 61 -1.64 0.02 -17.95
CA ASN G 61 -0.65 0.53 -17.01
C ASN G 61 -1.37 1.30 -15.90
N LYS G 62 -1.15 0.87 -14.64
CA LYS G 62 -1.80 1.52 -13.51
C LYS G 62 -1.17 2.86 -13.15
N LYS G 63 0.16 2.99 -13.35
CA LYS G 63 0.82 4.24 -13.01
C LYS G 63 0.35 5.38 -13.92
N TYR G 64 0.13 5.10 -15.19
CA TYR G 64 -0.22 6.12 -16.17
C TYR G 64 -1.72 6.18 -16.46
N GLY G 65 -2.54 5.46 -15.70
CA GLY G 65 -3.96 5.37 -15.98
C GLY G 65 -4.81 5.64 -14.75
N SER G 66 -5.97 6.23 -15.00
CA SER G 66 -6.93 6.49 -13.94
C SER G 66 -8.30 6.67 -14.57
N TYR G 67 -9.34 6.53 -13.74
CA TYR G 67 -10.71 6.70 -14.22
C TYR G 67 -10.95 8.14 -14.68
N LEU G 68 -10.41 9.11 -13.95
CA LEU G 68 -10.56 10.50 -14.35
C LEU G 68 -9.90 10.76 -15.70
N GLY G 69 -8.79 10.07 -15.99
CA GLY G 69 -8.18 10.19 -17.31
C GLY G 69 -9.12 9.73 -18.41
N VAL G 70 -9.80 8.60 -18.19
CA VAL G 70 -10.79 8.11 -19.15
C VAL G 70 -11.90 9.12 -19.34
N ASN G 71 -12.39 9.68 -18.23
CA ASN G 71 -13.49 10.65 -18.33
C ASN G 71 -13.06 11.87 -19.13
N LEU G 72 -11.89 12.44 -18.81
CA LEU G 72 -11.43 13.62 -19.53
C LEU G 72 -11.19 13.33 -21.00
N GLY G 73 -10.56 12.19 -21.31
CA GLY G 73 -10.29 11.88 -22.71
C GLY G 73 -11.57 11.69 -23.51
N PHE G 74 -12.49 10.88 -22.99
CA PHE G 74 -13.72 10.59 -23.70
C PHE G 74 -14.70 11.76 -23.68
N GLY G 75 -14.47 12.76 -22.83
CA GLY G 75 -15.30 13.94 -22.84
C GLY G 75 -14.80 15.01 -23.78
N PHE G 76 -13.49 15.27 -23.76
CA PHE G 76 -12.91 16.30 -24.61
C PHE G 76 -12.48 15.78 -25.97
N GLY G 77 -12.71 14.50 -26.26
CA GLY G 77 -12.60 14.04 -27.63
C GLY G 77 -13.85 14.41 -28.39
N VAL G 78 -15.00 14.35 -27.71
CA VAL G 78 -16.26 14.81 -28.29
C VAL G 78 -16.16 16.27 -28.70
N THR G 79 -15.48 17.08 -27.88
CA THR G 79 -15.29 18.49 -28.21
C THR G 79 -14.52 18.64 -29.52
N MET G 80 -13.44 17.88 -29.68
CA MET G 80 -12.66 17.96 -30.92
C MET G 80 -13.47 17.49 -32.12
N GLY G 81 -14.26 16.43 -31.93
CA GLY G 81 -15.13 15.97 -33.02
C GLY G 81 -16.16 17.01 -33.42
N VAL G 82 -16.76 17.68 -32.43
CA VAL G 82 -17.71 18.75 -32.72
C VAL G 82 -17.03 19.88 -33.48
N HIS G 83 -15.81 20.23 -33.07
CA HIS G 83 -15.06 21.26 -33.78
C HIS G 83 -14.78 20.85 -35.22
N VAL G 84 -14.44 19.57 -35.43
CA VAL G 84 -14.07 19.10 -36.77
C VAL G 84 -15.29 19.10 -37.69
N ALA G 85 -16.41 18.54 -37.23
CA ALA G 85 -17.57 18.31 -38.07
C ALA G 85 -18.79 19.09 -37.60
N GLY G 86 -18.60 20.36 -37.25
CA GLY G 86 -19.67 21.17 -36.74
C GLY G 86 -20.69 21.63 -37.77
N ARG G 87 -20.23 22.40 -38.76
CA ARG G 87 -21.14 23.01 -39.71
C ARG G 87 -21.65 22.02 -40.75
N ILE G 88 -20.82 21.07 -41.17
CA ILE G 88 -21.18 20.22 -42.32
C ILE G 88 -22.40 19.36 -41.99
N SER G 89 -22.39 18.71 -40.82
CA SER G 89 -23.46 17.79 -40.48
C SER G 89 -23.96 17.91 -39.05
N GLY G 90 -23.38 18.78 -38.23
CA GLY G 90 -23.78 18.92 -36.84
C GLY G 90 -23.03 18.02 -35.88
N ALA G 91 -22.21 17.10 -36.38
CA ALA G 91 -21.40 16.20 -35.56
C ALA G 91 -22.27 15.40 -34.59
N HIS G 92 -23.17 14.59 -35.16
CA HIS G 92 -23.99 13.72 -34.34
C HIS G 92 -23.15 12.70 -33.60
N MET G 93 -22.28 11.98 -34.33
CA MET G 93 -21.30 11.06 -33.75
C MET G 93 -21.93 9.99 -32.87
N ASN G 94 -23.24 9.79 -32.99
CA ASN G 94 -23.95 8.83 -32.14
C ASN G 94 -25.27 8.49 -32.82
N ALA G 95 -25.52 7.19 -33.03
CA ALA G 95 -26.73 6.78 -33.72
C ALA G 95 -27.98 7.12 -32.93
N ALA G 96 -27.89 7.12 -31.59
CA ALA G 96 -29.05 7.47 -30.77
C ALA G 96 -29.46 8.93 -31.00
N VAL G 97 -28.49 9.84 -31.07
CA VAL G 97 -28.80 11.24 -31.32
C VAL G 97 -29.43 11.41 -32.69
N THR G 98 -28.88 10.73 -33.70
CA THR G 98 -29.44 10.83 -35.05
C THR G 98 -30.87 10.30 -35.09
N PHE G 99 -31.13 9.17 -34.43
CA PHE G 99 -32.48 8.63 -34.38
C PHE G 99 -33.44 9.58 -33.67
N ALA G 100 -32.99 10.16 -32.55
CA ALA G 100 -33.85 11.09 -31.83
C ALA G 100 -34.16 12.32 -32.67
N ASN G 101 -33.17 12.84 -33.39
CA ASN G 101 -33.42 14.00 -34.23
C ASN G 101 -34.34 13.67 -35.40
N CYS G 102 -34.17 12.49 -36.00
CA CYS G 102 -35.01 12.11 -37.14
C CYS G 102 -36.44 11.85 -36.70
N ALA G 103 -36.63 11.26 -35.51
CA ALA G 103 -37.98 10.98 -35.04
C ALA G 103 -38.75 12.26 -34.74
N LEU G 104 -38.07 13.32 -34.33
CA LEU G 104 -38.70 14.59 -34.03
C LEU G 104 -38.87 15.48 -35.25
N GLY G 105 -38.43 15.03 -36.42
CA GLY G 105 -38.58 15.78 -37.65
C GLY G 105 -37.50 16.81 -37.92
N ARG G 106 -36.52 16.94 -37.05
CA ARG G 106 -35.45 17.90 -37.27
C ARG G 106 -34.57 17.50 -38.45
N VAL G 107 -34.33 16.20 -38.61
CA VAL G 107 -33.49 15.68 -39.69
C VAL G 107 -34.33 14.70 -40.49
N PRO G 108 -34.37 14.81 -41.82
CA PRO G 108 -35.15 13.84 -42.61
C PRO G 108 -34.54 12.45 -42.54
N TRP G 109 -35.41 11.44 -42.75
CA TRP G 109 -34.99 10.05 -42.67
C TRP G 109 -34.05 9.64 -43.81
N ARG G 110 -33.89 10.46 -44.84
CA ARG G 110 -33.03 10.10 -45.95
C ARG G 110 -31.57 10.01 -45.52
N LYS G 111 -31.15 10.87 -44.60
CA LYS G 111 -29.74 10.97 -44.21
C LYS G 111 -29.37 10.03 -43.07
N PHE G 112 -30.32 9.29 -42.52
CA PHE G 112 -30.00 8.37 -41.41
C PHE G 112 -29.04 7.27 -41.81
N PRO G 113 -29.26 6.51 -42.90
CA PRO G 113 -28.30 5.44 -43.24
C PRO G 113 -26.89 5.96 -43.51
N VAL G 114 -26.76 7.12 -44.14
CA VAL G 114 -25.44 7.67 -44.44
C VAL G 114 -24.68 7.97 -43.16
N TYR G 115 -25.36 8.62 -42.21
CA TYR G 115 -24.72 8.92 -40.92
C TYR G 115 -24.35 7.65 -40.19
N VAL G 116 -25.24 6.65 -40.18
CA VAL G 116 -24.96 5.41 -39.48
C VAL G 116 -23.74 4.71 -40.09
N LEU G 117 -23.69 4.63 -41.42
CA LEU G 117 -22.56 3.98 -42.07
C LEU G 117 -21.26 4.72 -41.79
N GLY G 118 -21.29 6.06 -41.85
CA GLY G 118 -20.08 6.82 -41.56
C GLY G 118 -19.58 6.59 -40.15
N GLN G 119 -20.50 6.63 -39.17
CA GLN G 119 -20.11 6.41 -37.79
C GLN G 119 -19.55 5.01 -37.58
N PHE G 120 -20.18 4.00 -38.18
CA PHE G 120 -19.71 2.62 -38.02
C PHE G 120 -18.32 2.45 -38.60
N LEU G 121 -18.09 2.97 -39.82
CA LEU G 121 -16.78 2.84 -40.44
C LEU G 121 -15.71 3.58 -39.63
N GLY G 122 -16.03 4.79 -39.16
CA GLY G 122 -15.07 5.53 -38.37
C GLY G 122 -14.70 4.81 -37.08
N SER G 123 -15.71 4.28 -36.38
CA SER G 123 -15.44 3.56 -35.14
C SER G 123 -14.62 2.30 -35.38
N PHE G 124 -14.93 1.57 -36.45
CA PHE G 124 -14.18 0.35 -36.76
C PHE G 124 -12.71 0.68 -37.05
N LEU G 125 -12.48 1.71 -37.87
CA LEU G 125 -11.10 2.08 -38.16
C LEU G 125 -10.37 2.61 -36.93
N ALA G 126 -11.07 3.33 -36.06
CA ALA G 126 -10.44 3.81 -34.83
C ALA G 126 -10.05 2.65 -33.93
N ALA G 127 -10.91 1.64 -33.81
CA ALA G 127 -10.55 0.45 -33.04
C ALA G 127 -9.35 -0.25 -33.64
N ALA G 128 -9.30 -0.36 -34.97
CA ALA G 128 -8.15 -0.97 -35.62
C ALA G 128 -6.87 -0.19 -35.34
N THR G 129 -6.94 1.15 -35.39
CA THR G 129 -5.76 1.97 -35.11
C THR G 129 -5.30 1.80 -33.68
N ILE G 130 -6.23 1.78 -32.72
CA ILE G 130 -5.86 1.62 -31.32
C ILE G 130 -5.23 0.25 -31.09
N TYR G 131 -5.78 -0.78 -31.74
CA TYR G 131 -5.17 -2.11 -31.65
C TYR G 131 -3.75 -2.11 -32.22
N SER G 132 -3.55 -1.39 -33.34
CA SER G 132 -2.23 -1.36 -33.96
C SER G 132 -1.21 -0.64 -33.08
N LEU G 133 -1.62 0.44 -32.41
CA LEU G 133 -0.65 1.23 -31.66
C LEU G 133 -0.18 0.51 -30.39
N PHE G 134 -1.12 -0.09 -29.65
CA PHE G 134 -0.82 -0.69 -28.36
C PHE G 134 -0.61 -2.20 -28.44
N TYR G 135 -0.09 -2.71 -29.56
CA TYR G 135 0.02 -4.15 -29.75
C TYR G 135 1.01 -4.78 -28.77
N THR G 136 2.22 -4.22 -28.69
CA THR G 136 3.24 -4.81 -27.83
C THR G 136 2.84 -4.73 -26.37
N ALA G 137 2.26 -3.61 -25.94
CA ALA G 137 1.82 -3.48 -24.56
C ALA G 137 0.73 -4.49 -24.22
N ILE G 138 -0.22 -4.70 -25.15
CA ILE G 138 -1.27 -5.69 -24.93
C ILE G 138 -0.68 -7.09 -24.80
N LEU G 139 0.26 -7.44 -25.69
CA LEU G 139 0.88 -8.75 -25.61
C LEU G 139 1.65 -8.93 -24.31
N HIS G 140 2.37 -7.90 -23.88
CA HIS G 140 3.13 -7.99 -22.63
C HIS G 140 2.22 -8.13 -21.43
N PHE G 141 1.12 -7.36 -21.39
CA PHE G 141 0.21 -7.43 -20.25
C PHE G 141 -0.52 -8.76 -20.19
N SER G 142 -1.03 -9.23 -21.33
CA SER G 142 -1.79 -10.48 -21.36
C SER G 142 -0.91 -11.72 -21.32
N GLY G 143 0.41 -11.58 -21.51
CA GLY G 143 1.28 -12.72 -21.58
C GLY G 143 1.24 -13.48 -22.89
N GLY G 144 0.57 -12.94 -23.90
CA GLY G 144 0.46 -13.59 -25.20
C GLY G 144 -0.87 -14.25 -25.46
N GLN G 145 -1.73 -14.38 -24.45
CA GLN G 145 -3.03 -15.02 -24.60
C GLN G 145 -4.12 -13.99 -24.42
N LEU G 146 -5.03 -13.91 -25.39
CA LEU G 146 -6.12 -12.93 -25.37
C LEU G 146 -7.35 -13.56 -24.73
N MET G 147 -7.77 -13.00 -23.60
CA MET G 147 -8.90 -13.52 -22.84
C MET G 147 -9.97 -12.44 -22.70
N VAL G 148 -11.23 -12.82 -22.96
CA VAL G 148 -12.33 -11.88 -22.82
C VAL G 148 -12.57 -11.55 -21.35
N THR G 149 -12.59 -12.57 -20.50
CA THR G 149 -12.82 -12.40 -19.06
C THR G 149 -11.70 -13.09 -18.29
N GLY G 150 -11.21 -12.41 -17.25
CA GLY G 150 -10.18 -12.96 -16.40
C GLY G 150 -9.37 -11.88 -15.71
N PRO G 151 -8.37 -12.29 -14.92
CA PRO G 151 -7.52 -11.30 -14.25
C PRO G 151 -6.69 -10.46 -15.21
N VAL G 152 -6.41 -10.96 -16.41
CA VAL G 152 -5.61 -10.24 -17.38
C VAL G 152 -6.41 -10.02 -18.66
N ALA G 153 -7.73 -9.91 -18.51
CA ALA G 153 -8.59 -9.73 -19.67
C ALA G 153 -8.33 -8.37 -20.34
N THR G 154 -8.32 -8.37 -21.67
CA THR G 154 -8.09 -7.17 -22.44
C THR G 154 -9.19 -6.86 -23.43
N ALA G 155 -10.26 -7.66 -23.47
CA ALA G 155 -11.36 -7.40 -24.39
C ALA G 155 -12.21 -6.21 -23.96
N GLY G 156 -12.09 -5.78 -22.70
CA GLY G 156 -12.86 -4.66 -22.20
C GLY G 156 -12.37 -3.30 -22.66
N ILE G 157 -11.20 -3.24 -23.29
CA ILE G 157 -10.69 -1.98 -23.81
C ILE G 157 -11.60 -1.45 -24.91
N PHE G 158 -12.04 -2.34 -25.81
CA PHE G 158 -12.77 -1.92 -27.00
C PHE G 158 -14.27 -1.79 -26.75
N ALA G 159 -14.87 -2.74 -26.06
CA ALA G 159 -16.31 -2.71 -25.79
C ALA G 159 -16.56 -2.90 -24.31
N THR G 160 -17.71 -2.42 -23.85
CA THR G 160 -18.09 -2.54 -22.45
C THR G 160 -18.70 -3.90 -22.16
N TYR G 161 -18.47 -4.38 -20.94
CA TYR G 161 -18.98 -5.68 -20.51
C TYR G 161 -19.68 -5.53 -19.16
N LEU G 162 -20.68 -6.35 -18.95
CA LEU G 162 -21.52 -6.23 -17.76
C LEU G 162 -20.74 -6.70 -16.52
N PRO G 163 -20.73 -5.92 -15.45
CA PRO G 163 -20.07 -6.35 -14.22
C PRO G 163 -20.77 -7.54 -13.59
N ASP G 164 -20.14 -8.09 -12.55
CA ASP G 164 -20.65 -9.30 -11.93
C ASP G 164 -21.93 -9.04 -11.15
N HIS G 165 -21.97 -7.97 -10.37
CA HIS G 165 -23.14 -7.71 -9.53
C HIS G 165 -24.33 -7.19 -10.32
N MET G 166 -24.09 -6.53 -11.45
CA MET G 166 -25.16 -5.90 -12.21
C MET G 166 -25.80 -6.92 -13.15
N THR G 167 -27.11 -6.80 -13.33
CA THR G 167 -27.90 -7.71 -14.14
C THR G 167 -28.25 -7.08 -15.48
N LEU G 168 -28.96 -7.85 -16.31
CA LEU G 168 -29.21 -7.44 -17.69
C LEU G 168 -30.24 -6.32 -17.76
N TRP G 169 -31.40 -6.50 -17.15
CA TRP G 169 -32.47 -5.51 -17.27
C TRP G 169 -32.13 -4.22 -16.54
N ARG G 170 -31.43 -4.31 -15.40
CA ARG G 170 -30.94 -3.11 -14.76
C ARG G 170 -29.92 -2.38 -15.63
N GLY G 171 -29.11 -3.13 -16.38
CA GLY G 171 -28.23 -2.50 -17.35
C GLY G 171 -29.01 -1.79 -18.45
N PHE G 172 -30.09 -2.41 -18.92
CA PHE G 172 -30.95 -1.76 -19.90
C PHE G 172 -31.51 -0.46 -19.36
N LEU G 173 -31.98 -0.48 -18.11
CA LEU G 173 -32.49 0.72 -17.48
C LEU G 173 -31.42 1.80 -17.37
N ASN G 174 -30.21 1.41 -16.95
CA ASN G 174 -29.12 2.37 -16.82
C ASN G 174 -28.78 3.01 -18.16
N GLU G 175 -28.68 2.20 -19.22
CA GLU G 175 -28.34 2.73 -20.53
C GLU G 175 -29.40 3.70 -21.02
N ALA G 176 -30.67 3.30 -20.92
CA ALA G 176 -31.75 4.18 -21.38
C ALA G 176 -31.78 5.47 -20.59
N TRP G 177 -31.60 5.40 -19.27
CA TRP G 177 -31.67 6.60 -18.45
C TRP G 177 -30.52 7.55 -18.76
N LEU G 178 -29.31 7.01 -18.90
CA LEU G 178 -28.15 7.85 -19.21
C LEU G 178 -28.31 8.52 -20.56
N THR G 179 -28.77 7.77 -21.56
CA THR G 179 -28.98 8.38 -22.87
C THR G 179 -30.06 9.46 -22.82
N GLY G 180 -31.11 9.24 -22.01
CA GLY G 180 -32.13 10.26 -21.86
C GLY G 180 -31.58 11.55 -21.27
N MET G 181 -30.79 11.43 -20.21
CA MET G 181 -30.19 12.62 -19.62
C MET G 181 -29.25 13.32 -20.59
N LEU G 182 -28.46 12.54 -21.34
CA LEU G 182 -27.57 13.13 -22.33
C LEU G 182 -28.35 13.91 -23.38
N GLN G 183 -29.43 13.33 -23.90
CA GLN G 183 -30.24 14.01 -24.91
C GLN G 183 -30.87 15.27 -24.35
N LEU G 184 -31.40 15.21 -23.12
CA LEU G 184 -32.02 16.39 -22.54
C LEU G 184 -31.00 17.52 -22.37
N CYS G 185 -29.81 17.19 -21.86
CA CYS G 185 -28.80 18.23 -21.66
C CYS G 185 -28.30 18.79 -22.99
N LEU G 186 -28.11 17.93 -23.99
CA LEU G 186 -27.66 18.41 -25.30
C LEU G 186 -28.71 19.28 -25.97
N PHE G 187 -29.99 18.98 -25.71
CA PHE G 187 -31.05 19.81 -26.28
C PHE G 187 -31.11 21.16 -25.57
N ALA G 188 -30.88 21.17 -24.26
CA ALA G 188 -30.91 22.42 -23.50
C ALA G 188 -29.74 23.32 -23.87
N ILE G 189 -28.54 22.75 -24.02
CA ILE G 189 -27.36 23.57 -24.26
C ILE G 189 -27.45 24.29 -25.59
N THR G 190 -27.88 23.59 -26.65
CA THR G 190 -27.85 24.12 -28.00
C THR G 190 -29.06 25.01 -28.32
N ASP G 191 -30.17 24.86 -27.60
CA ASP G 191 -31.40 25.56 -27.93
C ASP G 191 -31.19 27.08 -27.90
N GLN G 192 -31.50 27.73 -29.03
CA GLN G 192 -31.28 29.17 -29.15
C GLN G 192 -32.33 29.99 -28.43
N GLU G 193 -33.55 29.47 -28.29
CA GLU G 193 -34.63 30.27 -27.73
C GLU G 193 -34.48 30.43 -26.22
N ASN G 194 -34.13 29.36 -25.52
CA ASN G 194 -34.17 29.39 -24.05
C ASN G 194 -32.93 30.06 -23.46
N ASN G 195 -31.77 29.43 -23.62
CA ASN G 195 -30.54 29.94 -23.03
C ASN G 195 -29.34 29.29 -23.69
N PRO G 196 -29.06 29.58 -24.95
CA PRO G 196 -27.94 28.93 -25.63
C PRO G 196 -26.61 29.38 -25.05
N ALA G 197 -25.62 28.48 -25.14
CA ALA G 197 -24.26 28.86 -24.80
C ALA G 197 -23.73 29.83 -25.86
N LEU G 198 -22.73 30.61 -25.46
CA LEU G 198 -22.15 31.58 -26.39
C LEU G 198 -21.57 30.85 -27.59
N PRO G 199 -21.91 31.25 -28.82
CA PRO G 199 -21.42 30.54 -30.00
C PRO G 199 -19.90 30.52 -30.06
N GLY G 200 -19.35 29.38 -30.47
CA GLY G 200 -17.93 29.15 -30.44
C GLY G 200 -17.41 28.53 -29.17
N THR G 201 -18.25 28.41 -28.14
CA THR G 201 -17.87 27.78 -26.88
C THR G 201 -18.76 26.59 -26.53
N GLU G 202 -19.63 26.17 -27.46
CA GLU G 202 -20.52 25.04 -27.19
C GLU G 202 -19.74 23.74 -27.04
N ALA G 203 -18.63 23.60 -27.75
CA ALA G 203 -17.86 22.36 -27.69
C ALA G 203 -17.32 22.10 -26.30
N LEU G 204 -16.83 23.14 -25.63
CA LEU G 204 -16.33 22.98 -24.26
C LEU G 204 -17.43 22.54 -23.32
N VAL G 205 -18.62 23.13 -23.45
CA VAL G 205 -19.74 22.77 -22.58
C VAL G 205 -20.17 21.33 -22.82
N ILE G 206 -20.21 20.91 -24.09
CA ILE G 206 -20.58 19.53 -24.40
C ILE G 206 -19.54 18.56 -23.85
N GLY G 207 -18.26 18.91 -23.99
CA GLY G 207 -17.21 18.07 -23.44
C GLY G 207 -17.30 17.94 -21.92
N ILE G 208 -17.58 19.06 -21.24
CA ILE G 208 -17.74 19.01 -19.79
C ILE G 208 -18.95 18.17 -19.40
N LEU G 209 -20.03 18.26 -20.19
CA LEU G 209 -21.20 17.43 -19.95
C LEU G 209 -20.86 15.95 -20.03
N VAL G 210 -20.11 15.57 -21.08
CA VAL G 210 -19.73 14.16 -21.22
C VAL G 210 -18.81 13.74 -20.08
N VAL G 211 -17.90 14.63 -19.67
CA VAL G 211 -16.98 14.31 -18.58
C VAL G 211 -17.75 14.06 -17.29
N ILE G 212 -18.71 14.93 -16.96
CA ILE G 212 -19.44 14.75 -15.71
C ILE G 212 -20.38 13.56 -15.79
N ILE G 213 -20.91 13.24 -16.99
CA ILE G 213 -21.69 12.02 -17.13
C ILE G 213 -20.84 10.81 -16.81
N GLY G 214 -19.63 10.77 -17.35
CA GLY G 214 -18.73 9.66 -17.07
C GLY G 214 -18.35 9.58 -15.60
N VAL G 215 -18.13 10.74 -14.97
CA VAL G 215 -17.73 10.77 -13.57
C VAL G 215 -18.87 10.30 -12.66
N SER G 216 -20.11 10.72 -12.96
CA SER G 216 -21.21 10.52 -12.04
C SER G 216 -21.98 9.23 -12.26
N LEU G 217 -22.09 8.76 -13.50
CA LEU G 217 -22.96 7.63 -13.82
C LEU G 217 -22.23 6.63 -14.71
N GLY G 218 -21.02 6.24 -14.32
CA GLY G 218 -20.19 5.46 -15.21
C GLY G 218 -19.87 4.04 -14.81
N MET G 219 -19.78 3.76 -13.50
CA MET G 219 -19.27 2.47 -13.05
C MET G 219 -20.27 1.33 -13.23
N ASN G 220 -21.54 1.64 -13.45
CA ASN G 220 -22.54 0.58 -13.53
C ASN G 220 -22.37 -0.26 -14.80
N THR G 221 -22.25 0.40 -15.96
CA THR G 221 -22.19 -0.33 -17.22
C THR G 221 -21.15 0.21 -18.18
N GLY G 222 -20.28 1.13 -17.75
CA GLY G 222 -19.32 1.73 -18.66
C GLY G 222 -19.86 2.88 -19.49
N TYR G 223 -21.08 3.32 -19.21
CA TYR G 223 -21.75 4.43 -19.91
C TYR G 223 -21.50 4.38 -21.42
N ALA G 224 -21.96 3.28 -22.02
CA ALA G 224 -21.83 3.13 -23.47
C ALA G 224 -22.63 4.20 -24.21
N ILE G 225 -23.95 4.22 -23.99
CA ILE G 225 -24.91 5.17 -24.54
C ILE G 225 -24.61 5.56 -25.99
N ASN G 226 -24.00 4.63 -26.73
CA ASN G 226 -23.68 4.87 -28.13
C ASN G 226 -23.54 3.55 -28.87
N PRO G 227 -24.45 3.21 -29.78
CA PRO G 227 -24.26 1.99 -30.58
C PRO G 227 -22.98 2.02 -31.40
N SER G 228 -22.62 3.18 -31.94
CA SER G 228 -21.40 3.28 -32.74
C SER G 228 -20.14 3.08 -31.91
N ARG G 229 -20.16 3.52 -30.64
CA ARG G 229 -19.02 3.32 -29.77
C ARG G 229 -18.89 1.86 -29.34
N ASP G 230 -19.99 1.10 -29.35
CA ASP G 230 -20.02 -0.23 -28.77
C ASP G 230 -19.87 -1.34 -29.81
N LEU G 231 -20.77 -1.41 -30.79
CA LEU G 231 -20.83 -2.60 -31.64
C LEU G 231 -19.61 -2.77 -32.54
N PRO G 232 -19.16 -1.78 -33.30
CA PRO G 232 -18.04 -2.00 -34.23
C PRO G 232 -16.76 -2.45 -33.54
N PRO G 233 -16.41 -1.89 -32.37
CA PRO G 233 -15.23 -2.45 -31.67
C PRO G 233 -15.41 -3.91 -31.27
N ARG G 234 -16.63 -4.30 -30.88
CA ARG G 234 -16.87 -5.70 -30.54
C ARG G 234 -16.69 -6.59 -31.76
N ILE G 235 -17.21 -6.16 -32.92
CA ILE G 235 -17.03 -6.93 -34.15
C ILE G 235 -15.55 -7.01 -34.50
N PHE G 236 -14.82 -5.91 -34.33
CA PHE G 236 -13.38 -5.92 -34.63
C PHE G 236 -12.65 -6.91 -33.75
N THR G 237 -12.97 -6.95 -32.46
CA THR G 237 -12.32 -7.92 -31.57
C THR G 237 -12.67 -9.34 -31.98
N PHE G 238 -13.94 -9.58 -32.35
CA PHE G 238 -14.36 -10.91 -32.75
C PHE G 238 -13.59 -11.40 -33.96
N ILE G 239 -13.40 -10.53 -34.95
CA ILE G 239 -12.65 -10.94 -36.13
C ILE G 239 -11.13 -10.89 -35.92
N ALA G 240 -10.66 -10.14 -34.91
CA ALA G 240 -9.24 -10.08 -34.63
C ALA G 240 -8.75 -11.31 -33.89
N GLY G 241 -9.60 -11.92 -33.07
CA GLY G 241 -9.19 -13.17 -32.44
C GLY G 241 -9.58 -13.39 -31.00
N TRP G 242 -10.32 -12.45 -30.41
CA TRP G 242 -10.80 -12.67 -29.05
C TRP G 242 -11.85 -13.78 -28.97
N GLY G 243 -12.36 -14.25 -30.11
CA GLY G 243 -13.28 -15.36 -30.12
C GLY G 243 -14.73 -14.93 -30.12
N LYS G 244 -15.62 -15.92 -30.12
CA LYS G 244 -17.05 -15.67 -30.10
C LYS G 244 -17.59 -15.43 -28.70
N GLN G 245 -16.74 -15.49 -27.68
CA GLN G 245 -17.18 -15.22 -26.31
C GLN G 245 -17.56 -13.75 -26.10
N VAL G 246 -17.19 -12.86 -27.03
CA VAL G 246 -17.51 -11.45 -26.87
C VAL G 246 -19.02 -11.23 -26.94
N PHE G 247 -19.72 -11.99 -27.78
CA PHE G 247 -21.17 -11.81 -27.92
C PHE G 247 -21.94 -12.54 -26.83
N SER G 248 -21.57 -13.80 -26.54
CA SER G 248 -22.33 -14.63 -25.61
C SER G 248 -22.08 -14.29 -24.15
N ASN G 249 -21.09 -13.46 -23.85
CA ASN G 249 -20.79 -13.14 -22.46
C ASN G 249 -21.88 -12.27 -21.86
N GLY G 250 -22.16 -12.49 -20.58
CA GLY G 250 -23.15 -11.69 -19.87
C GLY G 250 -24.56 -11.84 -20.37
N GLU G 251 -24.98 -13.07 -20.70
CA GLU G 251 -26.34 -13.37 -21.14
C GLU G 251 -26.71 -12.56 -22.38
N ASN G 252 -25.81 -12.54 -23.35
CA ASN G 252 -25.99 -11.80 -24.61
C ASN G 252 -26.25 -10.31 -24.34
N TRP G 253 -25.23 -9.67 -23.77
CA TRP G 253 -25.33 -8.27 -23.39
C TRP G 253 -25.20 -7.32 -24.59
N TRP G 254 -24.74 -7.81 -25.74
CA TRP G 254 -24.35 -6.91 -26.83
C TRP G 254 -25.52 -6.13 -27.39
N TRP G 255 -26.74 -6.66 -27.32
CA TRP G 255 -27.86 -5.98 -27.96
C TRP G 255 -28.45 -4.86 -27.10
N VAL G 256 -28.13 -4.82 -25.80
CA VAL G 256 -28.68 -3.76 -24.95
C VAL G 256 -28.19 -2.37 -25.34
N PRO G 257 -26.88 -2.14 -25.55
CA PRO G 257 -26.44 -0.79 -25.99
C PRO G 257 -26.94 -0.40 -27.36
N VAL G 258 -27.48 -1.34 -28.14
CA VAL G 258 -28.04 -0.99 -29.45
C VAL G 258 -29.51 -0.60 -29.36
N VAL G 259 -30.23 -1.05 -28.35
CA VAL G 259 -31.67 -0.82 -28.24
C VAL G 259 -32.00 0.26 -27.23
N ALA G 260 -31.40 0.20 -26.04
CA ALA G 260 -31.78 1.13 -24.97
C ALA G 260 -31.55 2.59 -25.32
N PRO G 261 -30.40 3.01 -25.86
CA PRO G 261 -30.17 4.44 -26.08
C PRO G 261 -31.18 5.11 -26.99
N LEU G 262 -31.72 4.40 -27.99
CA LEU G 262 -32.72 5.00 -28.88
C LEU G 262 -33.94 5.46 -28.10
N LEU G 263 -34.51 4.55 -27.31
CA LEU G 263 -35.67 4.89 -26.49
C LEU G 263 -35.32 5.97 -25.47
N GLY G 264 -34.14 5.87 -24.85
CA GLY G 264 -33.76 6.88 -23.87
C GLY G 264 -33.69 8.26 -24.47
N ALA G 265 -33.04 8.39 -25.62
CA ALA G 265 -32.91 9.70 -26.28
C ALA G 265 -34.26 10.23 -26.72
N TYR G 266 -35.11 9.36 -27.27
CA TYR G 266 -36.43 9.82 -27.70
C TYR G 266 -37.23 10.35 -26.52
N LEU G 267 -37.22 9.61 -25.40
CA LEU G 267 -37.96 10.05 -24.22
C LEU G 267 -37.40 11.35 -23.67
N GLY G 268 -36.08 11.49 -23.63
CA GLY G 268 -35.49 12.73 -23.13
C GLY G 268 -35.85 13.93 -23.98
N GLY G 269 -35.77 13.78 -25.30
CA GLY G 269 -36.16 14.86 -26.18
C GLY G 269 -37.62 15.23 -26.03
N ILE G 270 -38.50 14.22 -25.93
CA ILE G 270 -39.92 14.49 -25.76
C ILE G 270 -40.17 15.24 -24.46
N ILE G 271 -39.52 14.80 -23.38
CA ILE G 271 -39.72 15.45 -22.07
C ILE G 271 -39.29 16.91 -22.13
N TYR G 272 -38.10 17.17 -22.69
CA TYR G 272 -37.62 18.53 -22.76
C TYR G 272 -38.53 19.40 -23.60
N LEU G 273 -38.92 18.91 -24.77
CA LEU G 273 -39.78 19.70 -25.66
C LEU G 273 -41.13 20.00 -25.02
N VAL G 274 -41.71 19.01 -24.33
CA VAL G 274 -43.04 19.21 -23.75
C VAL G 274 -42.98 20.15 -22.57
N PHE G 275 -42.00 19.98 -21.69
CA PHE G 275 -41.99 20.75 -20.45
C PHE G 275 -41.29 22.10 -20.58
N ILE G 276 -40.02 22.11 -21.00
CA ILE G 276 -39.20 23.30 -20.94
C ILE G 276 -39.15 24.02 -22.28
N GLY G 277 -39.00 23.28 -23.38
CA GLY G 277 -38.91 23.90 -24.69
C GLY G 277 -40.23 24.39 -25.24
N SER G 278 -40.90 25.26 -24.49
CA SER G 278 -42.19 25.83 -24.88
C SER G 278 -43.21 24.74 -25.18
N GLN H 26 -21.84 57.51 5.94
CA GLN H 26 -21.59 56.80 4.69
C GLN H 26 -20.77 57.67 3.73
N GLU H 27 -20.44 58.89 4.19
CA GLU H 27 -19.66 59.79 3.35
C GLU H 27 -18.25 59.28 3.13
N ILE H 28 -17.72 58.48 4.07
CA ILE H 28 -16.37 57.94 3.91
C ILE H 28 -16.31 56.99 2.73
N LEU H 29 -17.33 56.15 2.57
CA LEU H 29 -17.35 55.17 1.48
C LEU H 29 -17.46 55.81 0.10
N GLN H 30 -17.81 57.10 0.02
CA GLN H 30 -17.92 57.75 -1.28
C GLN H 30 -16.54 57.97 -1.92
N ARG H 31 -15.51 58.20 -1.11
CA ARG H 31 -14.18 58.47 -1.64
C ARG H 31 -13.63 57.26 -2.38
N LYS H 32 -12.90 57.52 -3.47
CA LYS H 32 -12.35 56.43 -4.27
C LYS H 32 -11.25 55.68 -3.53
N MET H 33 -10.52 56.37 -2.64
CA MET H 33 -9.46 55.71 -1.90
C MET H 33 -10.01 54.61 -1.01
N VAL H 34 -11.13 54.89 -0.33
CA VAL H 34 -11.75 53.89 0.53
C VAL H 34 -12.22 52.71 -0.30
N ARG H 35 -12.77 52.97 -1.48
CA ARG H 35 -13.21 51.89 -2.35
C ARG H 35 -12.05 51.03 -2.82
N GLU H 36 -10.93 51.65 -3.21
CA GLU H 36 -9.77 50.89 -3.63
C GLU H 36 -9.13 50.14 -2.47
N PHE H 37 -9.37 50.58 -1.24
CA PHE H 37 -8.91 49.82 -0.08
C PHE H 37 -9.81 48.61 0.18
N LEU H 38 -11.13 48.83 0.16
CA LEU H 38 -12.08 47.77 0.48
C LEU H 38 -12.06 46.66 -0.57
N ALA H 39 -11.96 47.01 -1.85
CA ALA H 39 -11.95 46.00 -2.89
C ALA H 39 -10.74 45.08 -2.75
N GLU H 40 -9.56 45.67 -2.54
CA GLU H 40 -8.36 44.88 -2.33
C GLU H 40 -8.49 44.00 -1.09
N PHE H 41 -9.02 44.56 -0.01
CA PHE H 41 -9.21 43.79 1.22
C PHE H 41 -10.08 42.56 0.96
N MET H 42 -11.24 42.76 0.33
CA MET H 42 -12.16 41.65 0.11
C MET H 42 -11.59 40.60 -0.83
N SER H 43 -10.98 41.04 -1.93
CA SER H 43 -10.44 40.09 -2.91
C SER H 43 -9.31 39.26 -2.31
N THR H 44 -8.38 39.93 -1.62
CA THR H 44 -7.29 39.20 -0.97
C THR H 44 -7.83 38.25 0.08
N TYR H 45 -8.85 38.67 0.84
CA TYR H 45 -9.43 37.82 1.85
C TYR H 45 -9.99 36.55 1.23
N VAL H 46 -10.76 36.69 0.16
CA VAL H 46 -11.38 35.52 -0.46
C VAL H 46 -10.32 34.57 -1.01
N MET H 47 -9.34 35.13 -1.74
CA MET H 47 -8.32 34.27 -2.34
C MET H 47 -7.50 33.54 -1.28
N MET H 48 -7.12 34.24 -0.21
CA MET H 48 -6.35 33.61 0.85
C MET H 48 -7.17 32.55 1.56
N VAL H 49 -8.47 32.80 1.77
CA VAL H 49 -9.32 31.81 2.42
C VAL H 49 -9.34 30.53 1.59
N PHE H 50 -9.56 30.65 0.28
CA PHE H 50 -9.60 29.46 -0.56
C PHE H 50 -8.27 28.72 -0.56
N GLY H 51 -7.16 29.46 -0.68
CA GLY H 51 -5.85 28.82 -0.73
C GLY H 51 -5.52 28.10 0.56
N LEU H 52 -5.74 28.76 1.70
CA LEU H 52 -5.44 28.14 2.98
C LEU H 52 -6.35 26.96 3.27
N GLY H 53 -7.62 27.02 2.84
CA GLY H 53 -8.49 25.86 2.98
C GLY H 53 -7.98 24.66 2.20
N SER H 54 -7.54 24.89 0.96
CA SER H 54 -7.00 23.80 0.16
C SER H 54 -5.74 23.22 0.80
N VAL H 55 -4.86 24.09 1.31
CA VAL H 55 -3.63 23.62 1.95
C VAL H 55 -3.95 22.80 3.20
N ALA H 56 -4.91 23.26 4.00
CA ALA H 56 -5.30 22.52 5.20
C ALA H 56 -5.88 21.16 4.84
N HIS H 57 -6.69 21.11 3.79
CA HIS H 57 -7.22 19.82 3.32
C HIS H 57 -6.08 18.89 2.92
N MET H 58 -5.08 19.41 2.21
CA MET H 58 -3.97 18.55 1.80
C MET H 58 -3.17 18.05 3.01
N VAL H 59 -2.96 18.92 3.99
CA VAL H 59 -2.07 18.58 5.10
C VAL H 59 -2.74 17.64 6.09
N LEU H 60 -3.96 17.97 6.52
CA LEU H 60 -4.56 17.25 7.64
C LEU H 60 -5.04 15.86 7.22
N ASN H 61 -5.99 15.78 6.29
CA ASN H 61 -6.60 14.53 5.90
C ASN H 61 -6.05 14.09 4.56
N LYS H 62 -5.48 12.89 4.51
CA LYS H 62 -4.89 12.38 3.28
C LYS H 62 -5.95 11.90 2.29
N LYS H 63 -7.06 11.36 2.77
CA LYS H 63 -8.10 10.89 1.87
C LYS H 63 -8.72 12.03 1.08
N TYR H 64 -8.93 13.18 1.72
CA TYR H 64 -9.61 14.32 1.11
C TYR H 64 -8.66 15.37 0.57
N GLY H 65 -7.37 15.10 0.54
CA GLY H 65 -6.39 16.10 0.15
C GLY H 65 -5.42 15.60 -0.89
N SER H 66 -4.99 16.52 -1.75
CA SER H 66 -4.00 16.21 -2.78
C SER H 66 -3.36 17.52 -3.23
N TYR H 67 -2.18 17.39 -3.85
CA TYR H 67 -1.47 18.56 -4.34
C TYR H 67 -2.25 19.28 -5.44
N LEU H 68 -2.87 18.50 -6.34
CA LEU H 68 -3.68 19.09 -7.40
C LEU H 68 -4.84 19.88 -6.83
N GLY H 69 -5.39 19.44 -5.70
CA GLY H 69 -6.43 20.23 -5.04
C GLY H 69 -5.93 21.59 -4.60
N VAL H 70 -4.72 21.64 -4.04
CA VAL H 70 -4.12 22.92 -3.63
C VAL H 70 -3.93 23.82 -4.84
N ASN H 71 -3.41 23.25 -5.93
CA ASN H 71 -3.17 24.06 -7.12
C ASN H 71 -4.48 24.64 -7.67
N LEU H 72 -5.51 23.79 -7.79
CA LEU H 72 -6.79 24.25 -8.29
C LEU H 72 -7.40 25.31 -7.38
N GLY H 73 -7.32 25.09 -6.06
CA GLY H 73 -7.88 26.05 -5.13
C GLY H 73 -7.22 27.41 -5.26
N PHE H 74 -5.88 27.44 -5.29
CA PHE H 74 -5.17 28.71 -5.41
C PHE H 74 -5.51 29.41 -6.73
N GLY H 75 -5.42 28.68 -7.84
CA GLY H 75 -5.64 29.31 -9.14
C GLY H 75 -7.06 29.85 -9.28
N PHE H 76 -8.06 29.04 -8.99
CA PHE H 76 -9.42 29.50 -9.20
C PHE H 76 -9.95 30.30 -8.02
N GLY H 77 -9.15 30.51 -6.97
CA GLY H 77 -9.47 31.51 -5.98
C GLY H 77 -8.94 32.85 -6.40
N VAL H 78 -7.75 32.85 -7.03
CA VAL H 78 -7.26 34.06 -7.70
C VAL H 78 -8.28 34.51 -8.74
N THR H 79 -8.85 33.56 -9.47
CA THR H 79 -9.89 33.91 -10.45
C THR H 79 -11.06 34.63 -9.80
N MET H 80 -11.56 34.11 -8.68
CA MET H 80 -12.69 34.73 -8.00
C MET H 80 -12.33 36.11 -7.46
N GLY H 81 -11.11 36.26 -6.95
CA GLY H 81 -10.67 37.56 -6.49
C GLY H 81 -10.62 38.59 -7.62
N VAL H 82 -10.13 38.16 -8.79
CA VAL H 82 -10.12 39.04 -9.95
C VAL H 82 -11.54 39.43 -10.33
N HIS H 83 -12.47 38.48 -10.27
CA HIS H 83 -13.87 38.81 -10.56
C HIS H 83 -14.43 39.80 -9.55
N VAL H 84 -14.09 39.64 -8.27
CA VAL H 84 -14.66 40.50 -7.24
C VAL H 84 -14.12 41.92 -7.36
N ALA H 85 -12.82 42.08 -7.51
CA ALA H 85 -12.18 43.39 -7.45
C ALA H 85 -11.55 43.78 -8.79
N GLY H 86 -12.26 43.53 -9.88
CA GLY H 86 -11.72 43.81 -11.20
C GLY H 86 -11.64 45.28 -11.58
N ARG H 87 -12.78 45.95 -11.64
CA ARG H 87 -12.83 47.31 -12.14
C ARG H 87 -12.31 48.33 -11.13
N ILE H 88 -12.58 48.11 -9.84
CA ILE H 88 -12.31 49.14 -8.84
C ILE H 88 -10.82 49.43 -8.74
N SER H 89 -10.00 48.38 -8.64
CA SER H 89 -8.56 48.58 -8.44
C SER H 89 -7.70 47.66 -9.29
N GLY H 90 -8.27 46.78 -10.10
CA GLY H 90 -7.50 45.86 -10.90
C GLY H 90 -7.17 44.54 -10.23
N ALA H 91 -7.48 44.40 -8.94
CA ALA H 91 -7.25 43.18 -8.18
C ALA H 91 -5.79 42.74 -8.27
N HIS H 92 -4.91 43.61 -7.73
CA HIS H 92 -3.50 43.26 -7.67
C HIS H 92 -3.27 42.06 -6.77
N MET H 93 -3.80 42.11 -5.54
CA MET H 93 -3.82 40.99 -4.60
C MET H 93 -2.42 40.47 -4.26
N ASN H 94 -1.37 41.20 -4.65
CA ASN H 94 0.00 40.76 -4.40
C ASN H 94 0.89 41.99 -4.42
N ALA H 95 1.70 42.14 -3.37
CA ALA H 95 2.54 43.33 -3.25
C ALA H 95 3.59 43.40 -4.34
N ALA H 96 4.06 42.25 -4.84
CA ALA H 96 5.04 42.25 -5.91
C ALA H 96 4.48 42.85 -7.19
N VAL H 97 3.23 42.50 -7.53
CA VAL H 97 2.60 43.05 -8.73
C VAL H 97 2.41 44.56 -8.58
N THR H 98 1.98 45.01 -7.40
CA THR H 98 1.81 46.44 -7.17
C THR H 98 3.13 47.19 -7.30
N PHE H 99 4.20 46.63 -6.71
CA PHE H 99 5.50 47.27 -6.82
C PHE H 99 5.99 47.32 -8.26
N ALA H 100 5.79 46.23 -9.02
CA ALA H 100 6.20 46.21 -10.42
C ALA H 100 5.43 47.23 -11.23
N ASN H 101 4.13 47.36 -10.99
CA ASN H 101 3.33 48.33 -11.72
C ASN H 101 3.73 49.76 -11.35
N CYS H 102 4.00 50.01 -10.07
CA CYS H 102 4.37 51.37 -9.65
C CYS H 102 5.74 51.75 -10.19
N ALA H 103 6.68 50.80 -10.23
CA ALA H 103 8.02 51.10 -10.73
C ALA H 103 8.02 51.44 -12.21
N LEU H 104 7.10 50.86 -12.98
CA LEU H 104 7.01 51.11 -14.41
C LEU H 104 6.15 52.32 -14.74
N GLY H 105 5.60 53.01 -13.74
CA GLY H 105 4.81 54.20 -13.96
C GLY H 105 3.35 53.96 -14.27
N ARG H 106 2.91 52.70 -14.32
CA ARG H 106 1.51 52.42 -14.60
C ARG H 106 0.61 52.86 -13.46
N VAL H 107 1.08 52.73 -12.22
CA VAL H 107 0.32 53.09 -11.03
C VAL H 107 1.13 54.10 -10.24
N PRO H 108 0.56 55.23 -9.82
CA PRO H 108 1.34 56.20 -9.03
C PRO H 108 1.69 55.63 -7.66
N TRP H 109 2.77 56.16 -7.09
CA TRP H 109 3.26 55.70 -5.80
C TRP H 109 2.34 56.08 -4.64
N ARG H 110 1.35 56.94 -4.87
CA ARG H 110 0.47 57.35 -3.79
C ARG H 110 -0.39 56.18 -3.31
N LYS H 111 -0.79 55.29 -4.21
CA LYS H 111 -1.72 54.21 -3.88
C LYS H 111 -1.03 52.95 -3.39
N PHE H 112 0.31 52.91 -3.36
CA PHE H 112 1.00 51.71 -2.89
C PHE H 112 0.73 51.39 -1.44
N PRO H 113 0.87 52.32 -0.47
CA PRO H 113 0.60 51.94 0.93
C PRO H 113 -0.82 51.47 1.18
N VAL H 114 -1.80 52.07 0.50
CA VAL H 114 -3.19 51.67 0.70
C VAL H 114 -3.40 50.23 0.25
N TYR H 115 -2.88 49.89 -0.93
CA TYR H 115 -3.00 48.52 -1.43
C TYR H 115 -2.28 47.55 -0.50
N VAL H 116 -1.09 47.90 -0.03
CA VAL H 116 -0.34 47.01 0.85
C VAL H 116 -1.10 46.76 2.15
N LEU H 117 -1.63 47.83 2.75
CA LEU H 117 -2.38 47.68 3.99
C LEU H 117 -3.62 46.82 3.79
N GLY H 118 -4.35 47.06 2.70
CA GLY H 118 -5.54 46.26 2.43
C GLY H 118 -5.21 44.79 2.27
N GLN H 119 -4.17 44.48 1.50
CA GLN H 119 -3.77 43.10 1.29
C GLN H 119 -3.35 42.44 2.60
N PHE H 120 -2.57 43.17 3.42
CA PHE H 120 -2.11 42.59 4.69
C PHE H 120 -3.27 42.30 5.62
N LEU H 121 -4.21 43.26 5.75
CA LEU H 121 -5.36 43.04 6.63
C LEU H 121 -6.22 41.88 6.13
N GLY H 122 -6.46 41.81 4.82
CA GLY H 122 -7.25 40.73 4.28
C GLY H 122 -6.61 39.37 4.52
N SER H 123 -5.30 39.27 4.29
CA SER H 123 -4.61 38.00 4.51
C SER H 123 -4.63 37.60 5.98
N PHE H 124 -4.42 38.56 6.88
CA PHE H 124 -4.45 38.25 8.31
C PHE H 124 -5.82 37.75 8.73
N LEU H 125 -6.88 38.42 8.29
CA LEU H 125 -8.22 37.97 8.65
C LEU H 125 -8.55 36.62 8.03
N ALA H 126 -8.07 36.36 6.80
CA ALA H 126 -8.29 35.06 6.19
C ALA H 126 -7.61 33.95 6.96
N ALA H 127 -6.38 34.20 7.41
CA ALA H 127 -5.68 33.21 8.24
C ALA H 127 -6.43 32.96 9.53
N ALA H 128 -6.94 34.04 10.15
CA ALA H 128 -7.72 33.87 11.37
C ALA H 128 -8.97 33.03 11.12
N THR H 129 -9.67 33.29 10.01
CA THR H 129 -10.87 32.52 9.69
C THR H 129 -10.55 31.05 9.47
N ILE H 130 -9.47 30.77 8.73
CA ILE H 130 -9.10 29.38 8.47
C ILE H 130 -8.71 28.68 9.77
N TYR H 131 -8.02 29.37 10.66
CA TYR H 131 -7.72 28.81 11.97
C TYR H 131 -8.99 28.52 12.76
N SER H 132 -9.97 29.41 12.68
CA SER H 132 -11.21 29.23 13.41
C SER H 132 -12.00 28.04 12.90
N LEU H 133 -12.03 27.84 11.57
CA LEU H 133 -12.86 26.78 11.02
C LEU H 133 -12.30 25.39 11.30
N PHE H 134 -11.00 25.19 11.15
CA PHE H 134 -10.37 23.89 11.26
C PHE H 134 -9.73 23.66 12.63
N TYR H 135 -10.29 24.23 13.69
CA TYR H 135 -9.66 24.16 15.01
C TYR H 135 -9.66 22.74 15.55
N THR H 136 -10.82 22.07 15.53
CA THR H 136 -10.92 20.72 16.10
C THR H 136 -10.08 19.73 15.30
N ALA H 137 -10.08 19.84 13.97
CA ALA H 137 -9.27 18.95 13.15
C ALA H 137 -7.79 19.14 13.43
N ILE H 138 -7.35 20.40 13.59
CA ILE H 138 -5.95 20.66 13.90
C ILE H 138 -5.57 20.07 15.25
N LEU H 139 -6.43 20.25 16.26
CA LEU H 139 -6.14 19.68 17.57
C LEU H 139 -6.09 18.16 17.52
N HIS H 140 -7.01 17.53 16.78
CA HIS H 140 -7.02 16.08 16.68
C HIS H 140 -5.78 15.56 15.97
N PHE H 141 -5.38 16.22 14.87
CA PHE H 141 -4.22 15.75 14.12
C PHE H 141 -2.93 15.94 14.91
N SER H 142 -2.76 17.11 15.54
CA SER H 142 -1.54 17.38 16.28
C SER H 142 -1.49 16.71 17.65
N GLY H 143 -2.61 16.18 18.13
CA GLY H 143 -2.65 15.61 19.46
C GLY H 143 -2.74 16.61 20.58
N GLY H 144 -2.95 17.89 20.26
CA GLY H 144 -3.04 18.94 21.25
C GLY H 144 -1.80 19.81 21.37
N GLN H 145 -0.69 19.42 20.75
CA GLN H 145 0.55 20.17 20.82
C GLN H 145 0.87 20.75 19.44
N LEU H 146 1.11 22.06 19.40
CA LEU H 146 1.39 22.75 18.14
C LEU H 146 2.90 22.81 17.91
N MET H 147 3.35 22.18 16.85
CA MET H 147 4.77 22.09 16.53
C MET H 147 5.03 22.70 15.15
N VAL H 148 6.06 23.54 15.06
CA VAL H 148 6.42 24.14 13.78
C VAL H 148 7.01 23.10 12.85
N THR H 149 7.91 22.27 13.36
CA THR H 149 8.57 21.23 12.58
C THR H 149 8.43 19.89 13.28
N GLY H 150 8.12 18.85 12.52
CA GLY H 150 7.99 17.52 13.06
C GLY H 150 7.08 16.64 12.21
N PRO H 151 6.89 15.39 12.65
CA PRO H 151 5.99 14.50 11.90
C PRO H 151 4.54 14.96 11.90
N VAL H 152 4.12 15.72 12.91
CA VAL H 152 2.73 16.18 13.01
C VAL H 152 2.71 17.71 13.01
N ALA H 153 3.68 18.32 12.32
CA ALA H 153 3.75 19.77 12.27
C ALA H 153 2.57 20.34 11.51
N THR H 154 2.02 21.45 12.03
CA THR H 154 0.88 22.11 11.42
C THR H 154 1.14 23.58 11.11
N ALA H 155 2.35 24.09 11.36
CA ALA H 155 2.64 25.48 11.06
C ALA H 155 2.80 25.73 9.57
N GLY H 156 2.98 24.68 8.77
CA GLY H 156 3.13 24.83 7.34
C GLY H 156 1.86 25.11 6.58
N ILE H 157 0.70 25.00 7.25
CA ILE H 157 -0.56 25.32 6.60
C ILE H 157 -0.62 26.79 6.24
N PHE H 158 -0.18 27.67 7.14
CA PHE H 158 -0.34 29.10 6.97
C PHE H 158 0.78 29.73 6.16
N ALA H 159 2.03 29.37 6.44
CA ALA H 159 3.19 29.93 5.74
C ALA H 159 4.07 28.80 5.22
N THR H 160 4.84 29.11 4.18
CA THR H 160 5.73 28.14 3.58
C THR H 160 7.05 28.06 4.36
N TYR H 161 7.63 26.87 4.38
CA TYR H 161 8.89 26.62 5.07
C TYR H 161 9.85 25.90 4.15
N LEU H 162 11.13 26.17 4.35
CA LEU H 162 12.16 25.65 3.46
C LEU H 162 12.33 24.14 3.67
N PRO H 163 12.33 23.34 2.60
CA PRO H 163 12.57 21.90 2.76
C PRO H 163 13.99 21.62 3.23
N ASP H 164 14.24 20.35 3.53
CA ASP H 164 15.52 19.95 4.09
C ASP H 164 16.65 20.03 3.06
N HIS H 165 16.40 19.55 1.85
CA HIS H 165 17.47 19.52 0.84
C HIS H 165 17.74 20.89 0.24
N MET H 166 16.75 21.78 0.23
CA MET H 166 16.89 23.06 -0.43
C MET H 166 17.55 24.07 0.51
N THR H 167 18.37 24.95 -0.06
CA THR H 167 19.12 25.92 0.72
C THR H 167 18.49 27.31 0.58
N LEU H 168 19.11 28.29 1.25
CA LEU H 168 18.52 29.62 1.35
C LEU H 168 18.62 30.38 0.03
N TRP H 169 19.84 30.49 -0.52
CA TRP H 169 20.04 31.29 -1.72
C TRP H 169 19.38 30.66 -2.95
N ARG H 170 19.36 29.32 -3.02
CA ARG H 170 18.61 28.68 -4.08
C ARG H 170 17.12 28.94 -3.93
N GLY H 171 16.62 29.03 -2.70
CA GLY H 171 15.24 29.43 -2.50
C GLY H 171 14.98 30.85 -2.97
N PHE H 172 15.93 31.76 -2.71
CA PHE H 172 15.82 33.12 -3.21
C PHE H 172 15.74 33.14 -4.73
N LEU H 173 16.60 32.35 -5.38
CA LEU H 173 16.58 32.26 -6.82
C LEU H 173 15.25 31.72 -7.33
N ASN H 174 14.74 30.67 -6.69
CA ASN H 174 13.46 30.09 -7.10
C ASN H 174 12.32 31.09 -6.98
N GLU H 175 12.26 31.80 -5.85
CA GLU H 175 11.20 32.78 -5.65
C GLU H 175 11.26 33.89 -6.69
N ALA H 176 12.46 34.45 -6.91
CA ALA H 176 12.60 35.51 -7.89
C ALA H 176 12.22 35.05 -9.28
N TRP H 177 12.66 33.85 -9.67
CA TRP H 177 12.39 33.35 -11.00
C TRP H 177 10.90 33.10 -11.21
N LEU H 178 10.24 32.49 -10.22
CA LEU H 178 8.82 32.23 -10.34
C LEU H 178 8.02 33.53 -10.43
N THR H 179 8.37 34.52 -9.61
CA THR H 179 7.66 35.79 -9.68
C THR H 179 7.89 36.47 -11.03
N GLY H 180 9.11 36.38 -11.57
CA GLY H 180 9.36 36.94 -12.89
C GLY H 180 8.52 36.30 -13.97
N MET H 181 8.43 34.97 -13.94
CA MET H 181 7.59 34.28 -14.93
C MET H 181 6.13 34.68 -14.77
N LEU H 182 5.65 34.78 -13.52
CA LEU H 182 4.27 35.19 -13.30
C LEU H 182 4.01 36.58 -13.85
N GLN H 183 4.93 37.53 -13.60
CA GLN H 183 4.72 38.89 -14.10
C GLN H 183 4.75 38.94 -15.62
N LEU H 184 5.66 38.19 -16.24
CA LEU H 184 5.72 38.18 -17.71
C LEU H 184 4.42 37.61 -18.29
N CYS H 185 3.91 36.52 -17.73
CA CYS H 185 2.68 35.94 -18.24
C CYS H 185 1.49 36.87 -18.01
N LEU H 186 1.45 37.56 -16.86
CA LEU H 186 0.36 38.50 -16.61
C LEU H 186 0.40 39.66 -17.59
N PHE H 187 1.60 40.16 -17.90
CA PHE H 187 1.71 41.19 -18.94
C PHE H 187 1.22 40.68 -20.28
N ALA H 188 1.60 39.45 -20.65
CA ALA H 188 1.22 38.91 -21.94
C ALA H 188 -0.28 38.74 -22.06
N ILE H 189 -0.93 38.24 -21.01
CA ILE H 189 -2.35 37.90 -21.09
C ILE H 189 -3.20 39.17 -21.23
N THR H 190 -2.88 40.20 -20.45
CA THR H 190 -3.74 41.38 -20.35
C THR H 190 -3.47 42.43 -21.42
N ASP H 191 -2.28 42.42 -22.03
CA ASP H 191 -1.89 43.46 -22.97
C ASP H 191 -2.86 43.52 -24.15
N GLN H 192 -3.45 44.70 -24.38
CA GLN H 192 -4.45 44.86 -25.42
C GLN H 192 -3.83 44.93 -26.81
N GLU H 193 -2.59 45.42 -26.92
CA GLU H 193 -2.01 45.64 -28.24
C GLU H 193 -1.60 44.33 -28.89
N ASN H 194 -1.00 43.41 -28.14
CA ASN H 194 -0.39 42.23 -28.75
C ASN H 194 -1.43 41.14 -29.03
N ASN H 195 -2.01 40.56 -27.98
CA ASN H 195 -2.96 39.47 -28.14
C ASN H 195 -3.76 39.29 -26.85
N PRO H 196 -4.63 40.22 -26.50
CA PRO H 196 -5.37 40.09 -25.24
C PRO H 196 -6.36 38.94 -25.31
N ALA H 197 -6.64 38.36 -24.15
CA ALA H 197 -7.72 37.40 -24.04
C ALA H 197 -9.06 38.11 -24.22
N LEU H 198 -10.06 37.33 -24.62
CA LEU H 198 -11.38 37.91 -24.83
C LEU H 198 -11.90 38.50 -23.53
N PRO H 199 -12.36 39.75 -23.53
CA PRO H 199 -12.80 40.37 -22.26
C PRO H 199 -13.93 39.59 -21.63
N GLY H 200 -13.89 39.49 -20.30
CA GLY H 200 -14.80 38.67 -19.55
C GLY H 200 -14.34 37.25 -19.32
N THR H 201 -13.24 36.83 -19.96
CA THR H 201 -12.68 35.50 -19.76
C THR H 201 -11.24 35.55 -19.26
N GLU H 202 -10.75 36.74 -18.88
CA GLU H 202 -9.37 36.84 -18.41
C GLU H 202 -9.16 36.14 -17.08
N ALA H 203 -10.20 36.10 -16.24
CA ALA H 203 -10.07 35.48 -14.92
C ALA H 203 -9.76 34.00 -15.04
N LEU H 204 -10.43 33.30 -15.98
CA LEU H 204 -10.15 31.88 -16.17
C LEU H 204 -8.71 31.65 -16.61
N VAL H 205 -8.22 32.47 -17.53
CA VAL H 205 -6.85 32.31 -18.02
C VAL H 205 -5.85 32.57 -16.90
N ILE H 206 -6.10 33.60 -16.08
CA ILE H 206 -5.19 33.88 -14.96
C ILE H 206 -5.21 32.74 -13.95
N GLY H 207 -6.40 32.20 -13.67
CA GLY H 207 -6.49 31.06 -12.77
C GLY H 207 -5.75 29.85 -13.29
N ILE H 208 -5.88 29.57 -14.59
CA ILE H 208 -5.15 28.45 -15.18
C ILE H 208 -3.65 28.69 -15.13
N LEU H 209 -3.23 29.93 -15.32
CA LEU H 209 -1.80 30.27 -15.20
C LEU H 209 -1.29 29.96 -13.79
N VAL H 210 -2.05 30.38 -12.78
CA VAL H 210 -1.63 30.11 -11.41
C VAL H 210 -1.62 28.61 -11.13
N VAL H 211 -2.60 27.89 -11.67
CA VAL H 211 -2.68 26.45 -11.45
C VAL H 211 -1.46 25.76 -12.05
N ILE H 212 -1.09 26.12 -13.28
CA ILE H 212 0.04 25.46 -13.92
C ILE H 212 1.35 25.89 -13.28
N ILE H 213 1.43 27.12 -12.76
CA ILE H 213 2.62 27.52 -12.00
C ILE H 213 2.77 26.63 -10.78
N GLY H 214 1.69 26.42 -10.05
CA GLY H 214 1.75 25.55 -8.89
C GLY H 214 2.10 24.12 -9.25
N VAL H 215 1.56 23.62 -10.36
CA VAL H 215 1.81 22.24 -10.77
C VAL H 215 3.27 22.06 -11.18
N SER H 216 3.82 23.02 -11.91
CA SER H 216 5.13 22.83 -12.55
C SER H 216 6.30 23.28 -11.69
N LEU H 217 6.15 24.31 -10.87
CA LEU H 217 7.27 24.91 -10.16
C LEU H 217 6.92 25.12 -8.69
N GLY H 218 6.40 24.09 -8.04
CA GLY H 218 5.85 24.28 -6.70
C GLY H 218 6.54 23.59 -5.55
N MET H 219 7.15 22.43 -5.80
CA MET H 219 7.66 21.62 -4.70
C MET H 219 8.94 22.16 -4.08
N ASN H 220 9.63 23.08 -4.75
CA ASN H 220 10.91 23.55 -4.24
C ASN H 220 10.73 24.41 -3.00
N THR H 221 9.82 25.38 -3.04
CA THR H 221 9.66 26.31 -1.92
C THR H 221 8.21 26.61 -1.58
N GLY H 222 7.24 25.90 -2.17
CA GLY H 222 5.86 26.21 -1.93
C GLY H 222 5.29 27.32 -2.77
N TYR H 223 6.06 27.82 -3.73
CA TYR H 223 5.67 28.90 -4.66
C TYR H 223 4.91 30.02 -3.93
N ALA H 224 5.59 30.62 -2.96
CA ALA H 224 5.01 31.74 -2.23
C ALA H 224 4.72 32.92 -3.15
N ILE H 225 5.78 33.45 -3.78
CA ILE H 225 5.74 34.56 -4.73
C ILE H 225 4.73 35.64 -4.37
N ASN H 226 4.48 35.82 -3.08
CA ASN H 226 3.56 36.83 -2.60
C ASN H 226 3.88 37.20 -1.16
N PRO H 227 4.38 38.40 -0.90
CA PRO H 227 4.57 38.81 0.50
C PRO H 227 3.29 38.81 1.32
N SER H 228 2.17 39.20 0.70
CA SER H 228 0.90 39.22 1.41
C SER H 228 0.42 37.82 1.76
N ARG H 229 0.70 36.84 0.90
CA ARG H 229 0.33 35.46 1.19
C ARG H 229 1.19 34.85 2.28
N ASP H 230 2.40 35.36 2.48
CA ASP H 230 3.39 34.73 3.35
C ASP H 230 3.46 35.36 4.73
N LEU H 231 3.77 36.66 4.80
CA LEU H 231 4.12 37.26 6.09
C LEU H 231 2.95 37.32 7.08
N PRO H 232 1.77 37.82 6.73
CA PRO H 232 0.69 37.96 7.73
C PRO H 232 0.26 36.63 8.34
N PRO H 233 0.17 35.54 7.57
CA PRO H 233 -0.11 34.25 8.23
C PRO H 233 0.97 33.84 9.22
N ARG H 234 2.24 34.12 8.90
CA ARG H 234 3.32 33.80 9.84
C ARG H 234 3.19 34.60 11.12
N ILE H 235 2.86 35.90 11.00
CA ILE H 235 2.65 36.73 12.18
C ILE H 235 1.47 36.20 12.99
N PHE H 236 0.39 35.80 12.30
CA PHE H 236 -0.77 35.28 13.00
C PHE H 236 -0.43 34.01 13.77
N THR H 237 0.34 33.11 13.18
CA THR H 237 0.75 31.90 13.90
C THR H 237 1.63 32.25 15.10
N PHE H 238 2.54 33.21 14.93
CA PHE H 238 3.42 33.61 16.02
C PHE H 238 2.62 34.14 17.21
N ILE H 239 1.61 34.97 16.94
CA ILE H 239 0.80 35.48 18.06
C ILE H 239 -0.25 34.49 18.53
N ALA H 240 -0.60 33.50 17.71
CA ALA H 240 -1.58 32.49 18.12
C ALA H 240 -0.97 31.46 19.05
N GLY H 241 0.32 31.16 18.89
CA GLY H 241 0.94 30.26 19.85
C GLY H 241 1.94 29.25 19.32
N TRP H 242 2.21 29.28 18.01
CA TRP H 242 3.23 28.39 17.47
C TRP H 242 4.64 28.75 17.95
N GLY H 243 4.81 29.91 18.58
CA GLY H 243 6.09 30.29 19.13
C GLY H 243 6.92 31.12 18.18
N LYS H 244 8.11 31.48 18.66
CA LYS H 244 9.04 32.28 17.87
C LYS H 244 9.88 31.44 16.90
N GLN H 245 9.69 30.12 16.91
CA GLN H 245 10.41 29.26 15.97
C GLN H 245 9.98 29.47 14.52
N VAL H 246 8.85 30.16 14.29
CA VAL H 246 8.39 30.38 12.92
C VAL H 246 9.35 31.29 12.16
N PHE H 247 9.95 32.27 12.84
CA PHE H 247 10.86 33.18 12.17
C PHE H 247 12.27 32.62 12.05
N SER H 248 12.79 32.02 13.12
CA SER H 248 14.17 31.56 13.15
C SER H 248 14.39 30.26 12.39
N ASN H 249 13.33 29.56 12.00
CA ASN H 249 13.49 28.28 11.30
C ASN H 249 14.06 28.50 9.91
N GLY H 250 14.90 27.56 9.48
CA GLY H 250 15.48 27.60 8.15
C GLY H 250 16.41 28.78 7.91
N GLU H 251 17.25 29.10 8.89
CA GLU H 251 18.24 30.18 8.76
C GLU H 251 17.57 31.51 8.42
N ASN H 252 16.50 31.83 9.14
CA ASN H 252 15.74 33.07 8.94
C ASN H 252 15.23 33.17 7.50
N TRP H 253 14.36 32.23 7.15
CA TRP H 253 13.81 32.14 5.80
C TRP H 253 12.73 33.18 5.53
N TRP H 254 12.20 33.83 6.57
CA TRP H 254 10.99 34.62 6.41
C TRP H 254 11.19 35.83 5.50
N TRP H 255 12.41 36.38 5.43
CA TRP H 255 12.61 37.60 4.66
C TRP H 255 12.77 37.34 3.16
N VAL H 256 13.05 36.11 2.75
CA VAL H 256 13.22 35.82 1.32
C VAL H 256 11.94 36.05 0.52
N PRO H 257 10.76 35.55 0.94
CA PRO H 257 9.54 35.84 0.16
C PRO H 257 9.14 37.31 0.17
N VAL H 258 9.73 38.12 1.03
CA VAL H 258 9.44 39.55 1.03
C VAL H 258 10.34 40.33 0.08
N VAL H 259 11.52 39.83 -0.23
CA VAL H 259 12.50 40.54 -1.03
C VAL H 259 12.56 40.02 -2.46
N ALA H 260 12.63 38.70 -2.63
CA ALA H 260 12.83 38.14 -3.97
C ALA H 260 11.73 38.48 -4.96
N PRO H 261 10.44 38.35 -4.63
CA PRO H 261 9.40 38.60 -5.64
C PRO H 261 9.42 39.99 -6.24
N LEU H 262 9.82 41.02 -5.48
CA LEU H 262 9.86 42.37 -6.04
C LEU H 262 10.82 42.45 -7.21
N LEU H 263 12.06 41.99 -6.99
CA LEU H 263 13.06 41.99 -8.06
C LEU H 263 12.63 41.09 -9.20
N GLY H 264 12.06 39.92 -8.89
CA GLY H 264 11.62 39.02 -9.96
C GLY H 264 10.57 39.66 -10.85
N ALA H 265 9.56 40.28 -10.25
CA ALA H 265 8.49 40.90 -11.02
C ALA H 265 9.02 42.08 -11.83
N TYR H 266 9.90 42.89 -11.24
CA TYR H 266 10.46 44.01 -11.99
C TYR H 266 11.23 43.53 -13.20
N LEU H 267 12.07 42.51 -13.02
CA LEU H 267 12.85 41.99 -14.14
C LEU H 267 11.95 41.39 -15.22
N GLY H 268 10.92 40.65 -14.81
CA GLY H 268 10.01 40.07 -15.79
C GLY H 268 9.28 41.12 -16.60
N GLY H 269 8.76 42.15 -15.93
CA GLY H 269 8.10 43.23 -16.64
C GLY H 269 9.04 43.96 -17.59
N ILE H 270 10.27 44.22 -17.15
CA ILE H 270 11.24 44.88 -18.02
C ILE H 270 11.53 44.04 -19.24
N ILE H 271 11.73 42.73 -19.05
CA ILE H 271 12.04 41.84 -20.18
C ILE H 271 10.89 41.83 -21.17
N TYR H 272 9.66 41.68 -20.69
CA TYR H 272 8.51 41.65 -21.59
C TYR H 272 8.39 42.95 -22.36
N LEU H 273 8.46 44.09 -21.66
CA LEU H 273 8.28 45.37 -22.31
C LEU H 273 9.37 45.63 -23.35
N VAL H 274 10.62 45.27 -23.03
CA VAL H 274 11.72 45.54 -23.94
C VAL H 274 11.63 44.64 -25.18
N PHE H 275 11.35 43.34 -24.98
CA PHE H 275 11.43 42.40 -26.10
C PHE H 275 10.12 42.31 -26.88
N ILE H 276 9.03 41.92 -26.22
CA ILE H 276 7.81 41.58 -26.96
C ILE H 276 6.86 42.76 -27.01
N GLY H 277 6.92 43.62 -26.00
CA GLY H 277 5.99 44.74 -25.93
C GLY H 277 6.46 45.96 -26.67
N SER H 278 6.70 45.82 -27.97
CA SER H 278 7.14 46.92 -28.83
C SER H 278 8.40 47.61 -28.29
C15 T60 I . 8.83 -20.88 36.73
C17 T60 I . 7.75 -22.93 37.35
C20 T60 I . 6.43 -24.19 39.59
C21 T60 I . 5.35 -24.48 40.40
C22 T60 I . 4.55 -23.34 40.46
C24 T60 I . 7.31 -20.93 38.59
C26 T60 I . 8.10 -14.36 34.16
C01 T60 I . 4.51 -10.36 30.22
C02 T60 I . 5.59 -11.42 30.06
C04 T60 I . 5.51 -13.13 31.67
C06 T60 I . 6.29 -14.03 32.62
C07 T60 I . 5.90 -15.35 32.80
C08 T60 I . 6.60 -16.17 33.66
C09 T60 I . 7.71 -15.68 34.34
C11 T60 I . 8.73 -17.94 35.04
C14 T60 I . 9.77 -20.09 35.83
C16 T60 I . 8.61 -22.24 36.53
C18 T60 I . 7.10 -22.28 38.39
C25 T60 I . 8.17 -20.23 37.77
C27 T60 I . 7.39 -13.54 33.30
N10 T60 I . 8.47 -16.53 35.25
N13 T60 I . 9.49 -18.67 36.02
N19 T60 I . 6.27 -22.93 39.19
N23 T60 I . 5.13 -22.41 39.71
O03 T60 I . 6.00 -11.86 31.33
O05 T60 I . 4.48 -13.49 31.21
O12 T60 I . 8.33 -18.50 34.07
C15 T60 J . 19.54 -37.93 6.61
C17 T60 J . 21.69 -38.10 7.65
C20 T60 J . 24.25 -39.41 7.29
C21 T60 J . 25.53 -39.53 6.78
C22 T60 J . 25.52 -39.00 5.50
C24 T60 J . 21.43 -38.66 5.34
C26 T60 J . 15.52 -34.55 1.91
C01 T60 J . 14.48 -28.86 -1.35
C02 T60 J . 14.21 -29.39 0.06
C04 T60 J . 15.80 -30.93 0.82
C06 T60 J . 16.08 -32.27 1.51
C07 T60 J . 17.15 -32.38 2.38
C08 T60 J . 17.41 -33.58 3.01
C09 T60 J . 16.59 -34.67 2.78
C11 T60 J . 17.34 -36.10 4.79
C14 T60 J . 18.05 -37.60 6.68
C16 T60 J . 20.34 -37.79 7.73
C18 T60 J . 22.23 -38.54 6.44
C25 T60 J . 20.08 -38.35 5.41
C27 T60 J . 15.27 -33.35 1.28
N10 T60 J . 16.84 -35.95 3.42
N13 T60 J . 17.55 -37.43 5.32
N19 T60 J . 23.51 -38.83 6.35
N23 T60 J . 24.29 -38.58 5.25
O03 T60 J . 14.60 -30.73 0.11
O05 T60 J . 16.60 -30.05 0.88
O12 T60 J . 17.58 -35.16 5.47
C15 T60 K . 30.18 -20.99 22.56
C17 T60 K . 30.05 -21.32 24.92
C20 T60 K . 31.47 -21.00 27.37
C21 T60 K . 32.08 -20.35 28.44
C22 T60 K . 32.54 -19.14 27.95
C24 T60 K . 31.72 -19.86 24.01
C26 T60 K . 29.47 -16.55 17.13
C01 T60 K . 26.32 -11.14 14.79
C02 T60 K . 26.11 -12.65 14.92
C04 T60 K . 27.11 -13.59 16.82
C06 T60 K . 27.87 -14.79 17.39
C07 T60 K . 27.62 -15.21 18.68
C08 T60 K . 28.30 -16.31 19.20
C09 T60 K . 29.23 -16.98 18.42
C11 T60 K . 29.39 -19.13 19.81
C14 T60 K . 29.69 -21.25 21.14
C16 T60 K . 29.57 -21.58 23.65
C18 T60 K . 31.12 -20.46 25.11
C25 T60 K . 31.26 -20.13 22.74
C27 T60 K . 28.80 -15.46 16.61
N10 T60 K . 29.96 -18.12 18.94
N13 T60 K . 30.22 -20.23 20.27
N19 T60 K . 31.57 -20.21 26.32
N23 T60 K . 32.24 -19.07 26.67
O03 T60 K . 27.26 -13.24 15.47
O05 T60 K . 26.41 -12.95 17.52
O12 T60 K . 28.26 -19.08 20.16
C15 T60 L . -1.82 -37.82 20.74
C17 T60 L . -0.60 -39.73 20.01
C20 T60 L . -0.91 -42.54 19.46
C21 T60 L . -1.27 -43.65 18.71
C22 T60 L . -2.39 -43.30 17.98
C24 T60 L . -2.99 -39.73 19.89
C26 T60 L . -5.90 -32.36 18.92
C01 T60 L . -7.40 -27.99 14.08
C02 T60 L . -6.44 -28.18 15.25
C04 T60 L . -5.88 -30.43 15.65
C06 T60 L . -5.55 -31.47 16.72
C07 T60 L . -4.61 -32.45 16.47
C08 T60 L . -4.31 -33.39 17.44
C09 T60 L . -4.96 -33.34 18.67
C11 T60 L . -3.34 -34.86 19.98
C14 T60 L . -1.88 -36.40 21.32
C16 T60 L . -0.62 -38.45 20.54
C18 T60 L . -1.79 -40.37 19.69
C25 T60 L . -3.01 -38.44 20.42
C27 T60 L . -6.20 -31.42 17.94
N10 T60 L . -4.67 -34.33 19.70
N13 T60 L . -3.18 -35.84 21.03
N19 T60 L . -1.79 -41.58 19.17
N23 T60 L . -2.69 -42.05 18.26
O03 T60 L . -6.76 -29.37 15.93
O05 T60 L . -5.39 -30.52 14.58
O12 T60 L . -2.40 -34.53 19.35
C15 T60 M . -27.48 31.86 -9.63
C17 T60 M . -26.85 34.17 -9.61
C20 T60 M . -27.70 36.72 -8.62
C21 T60 M . -27.85 37.73 -7.68
C22 T60 M . -28.01 37.11 -6.46
C24 T60 M . -28.40 33.33 -7.99
C26 T60 M . -27.24 25.63 -6.36
C01 T60 M . -23.74 21.70 -2.24
C02 T60 M . -23.76 22.09 -3.72
C04 T60 M . -24.48 24.28 -4.12
C06 T60 M . -25.30 25.21 -5.01
C07 T60 M . -24.83 26.48 -5.29
C08 T60 M . -25.57 27.33 -6.10
C09 T60 M . -26.77 26.90 -6.64
C11 T60 M . -27.03 28.70 -8.47
C14 T60 M . -27.40 30.46 -10.23
C16 T60 M . -26.75 32.91 -10.17
C18 T60 M . -27.67 34.38 -8.52
C25 T60 M . -28.31 32.07 -8.54
C27 T60 M . -26.50 24.78 -5.55
N10 T60 M . -27.58 27.77 -7.50
N13 T60 M . -27.93 29.52 -9.25
N19 T60 M . -27.77 35.58 -7.97
N23 T60 M . -27.96 35.81 -6.65
O03 T60 M . -24.85 22.94 -3.96
O05 T60 M . -23.52 24.70 -3.57
O12 T60 M . -25.85 28.80 -8.62
C15 T60 N . -0.89 26.94 -33.70
C17 T60 N . -2.60 26.87 -35.38
C20 T60 N . -2.98 26.84 -38.23
C21 T60 N . -3.04 26.27 -39.49
C22 T60 N . -2.09 25.26 -39.52
C24 T60 N . -0.36 26.26 -35.94
C26 T60 N . 3.62 23.31 -29.71
C01 T60 N . 4.81 17.50 -26.63
C02 T60 N . 4.07 18.81 -26.39
C04 T60 N . 3.22 19.78 -28.36
C06 T60 N . 2.96 21.09 -29.10
C07 T60 N . 1.81 21.23 -29.86
C08 T60 N . 1.57 22.40 -30.55
C09 T60 N . 2.48 23.45 -30.47
C11 T60 N . 0.95 25.32 -31.36
C14 T60 N . -0.43 27.22 -32.28
C16 T60 N . -2.22 27.13 -34.07
C18 T60 N . -1.68 26.45 -36.31
C25 T60 N . 0.03 26.51 -34.64
C27 T60 N . 3.87 22.13 -29.03
N10 T60 N . 2.25 24.71 -31.18
N13 T60 N . 0.86 26.57 -32.09
N19 T60 N . -2.04 26.19 -37.55
N23 T60 N . -1.49 25.22 -38.34
O03 T60 N . 4.31 19.68 -27.47
O05 T60 N . 2.50 18.85 -28.51
O12 T60 N . -0.03 24.83 -30.91
C15 T60 O . -24.54 17.67 -30.75
C17 T60 O . -26.37 19.15 -30.28
C20 T60 O . -29.12 19.62 -30.80
C21 T60 O . -30.50 19.42 -30.75
C22 T60 O . -30.70 18.05 -30.63
C24 T60 O . -26.80 16.96 -31.17
C26 T60 O . -21.20 11.67 -29.17
C01 T60 O . -19.75 7.27 -24.37
C02 T60 O . -19.25 8.61 -24.90
C04 T60 O . -20.95 9.95 -25.79
C06 T60 O . -21.33 10.94 -26.89
C07 T60 O . -22.16 12.01 -26.60
C08 T60 O . -22.52 12.91 -27.60
C09 T60 O . -22.03 12.75 -28.88
C11 T60 O . -22.54 15.10 -29.78
C14 T60 O . -23.06 17.35 -30.78
C16 T60 O . -25.01 18.88 -30.30
C18 T60 O . -27.26 18.19 -30.72
C25 T60 O . -25.44 16.70 -31.18
C27 T60 O . -20.85 10.77 -28.18
N10 T60 O . -22.39 13.66 -29.95
N13 T60 O . -22.90 15.92 -30.92
N19 T60 O . -28.56 18.42 -30.71
N23 T60 O . -29.53 17.46 -30.60
O03 T60 O . -19.99 8.96 -26.03
O05 T60 O . -21.46 10.03 -24.73
O12 T60 O . -22.37 15.62 -28.72
C15 T60 P . -3.78 41.12 -12.58
C17 T60 P . -3.03 41.89 -14.72
C20 T60 P . -1.49 44.03 -15.91
C21 T60 P . -0.33 44.65 -16.34
C22 T60 P . 0.67 44.31 -15.44
C24 T60 P . -1.92 42.63 -12.72
C26 T60 P . -2.39 37.25 -6.86
C01 T60 P . 0.75 31.81 -4.52
C02 T60 P . -0.58 32.30 -5.10
C04 T60 P . -0.32 34.06 -6.62
C06 T60 P . -1.01 35.31 -7.19
C07 T60 P . -0.86 35.64 -8.52
C08 T60 P . -1.48 36.77 -9.02
C09 T60 P . -2.25 37.57 -8.19
C11 T60 P . -3.50 38.89 -10.02
C14 T60 P . -4.72 40.29 -11.72
C16 T60 P . -3.90 41.13 -13.97
C18 T60 P . -2.04 42.64 -14.10
C25 T60 P . -2.78 41.87 -11.96
C27 T60 P . -1.77 36.11 -6.35
N10 T60 P . -2.91 38.77 -8.70
N13 T60 P . -4.13 40.14 -10.41
N19 T60 P . -1.20 43.36 -14.81
N23 T60 P . 0.13 43.53 -14.52
O03 T60 P . -0.53 33.69 -5.29
O05 T60 P . 0.37 33.42 -7.33
O12 T60 P . -3.48 37.99 -10.80
#